data_1YVL
#
_entry.id   1YVL
#
_cell.length_a   102.553
_cell.length_b   102.553
_cell.length_c   646.481
_cell.angle_alpha   90.00
_cell.angle_beta   90.00
_cell.angle_gamma   120.00
#
_symmetry.space_group_name_H-M   'P 61 2 2'
#
loop_
_entity.id
_entity.type
_entity.pdbx_description
1 polymer 'Signal transducer and activator of transcription 1-alpha/beta'
2 polymer '5-residue peptide'
3 non-polymer 'GOLD ION'
#
loop_
_entity_poly.entity_id
_entity_poly.type
_entity_poly.pdbx_seq_one_letter_code
_entity_poly.pdbx_strand_id
1 'polypeptide(L)'
;MSQWYELQQLDSKFLEQVHQLYDDSFPMEIRQYLAQWLEKQDWEHAANDVSFATIRFHDLLSQLDDQYSRFSLENNFLLQ
HNIRKSKRNLQDNFQEDPIQMSMIIYSCLKEERKILENAQRFNQAQSGNIQSTVMLDKQKELDSKVRNVKDKVMCIEHEI
KSLEDLQDEYDFKCKTLQNREHETNGVAKSDQKQEQLLLKKMYLMLDNKRKEVVHKIIELLNVTELTQNALINDELVEWK
RRQQSACIGGPPNACLDQLQNWFTIVAESLQQVRQQLKKLEELEQKYTYEHDPITKNKQVLWDRTFSLFQQLIQSSFVVE
RQPCMPTHPQRPLVLKTGVQFTVKLRLLVKLQELNYNLKVKVLFDKDVNERNTVKGFRKFNILGTHTKVMNMEESTNGSL
AAEFRHLQLKEQKNAGTRTNEGPLIVTEELHSLSFETQLCQPGLVIDLETTSLPVVVISNVSQLPSGWASILWYNMLVAE
PRNLSFFLTPPCARWAQLSEVLSWQFSSVTKRGLNVDQLNMLGEKLLGPNASPDGLIPWTRFCKENINDKNFPFWLWIES
ILELIKKHLLPLWNDGCIMGFISKERERALLKDQQPGTFLLRFSESSREGAITFTWVERSQNGGEPDFHAVEPYTKKELS
AVTFPDIIRNYKVMAAENIPENPLKYLYPNIDKDHAFGKYYSR
;
A,B
2 'polypeptide(L)' (PTR)DKPH C,D
#
loop_
_chem_comp.id
_chem_comp.type
_chem_comp.name
_chem_comp.formula
AU non-polymer 'GOLD ION' 'Au 1'
#
# COMPACT_ATOMS: atom_id res chain seq x y z
N SER A 2 -21.32 -3.25 -32.49
CA SER A 2 -22.25 -4.30 -32.97
C SER A 2 -23.46 -4.39 -32.04
N GLN A 3 -24.50 -5.07 -32.48
CA GLN A 3 -25.65 -5.22 -31.61
C GLN A 3 -25.19 -6.00 -30.37
N TRP A 4 -24.19 -6.89 -30.52
CA TRP A 4 -23.68 -7.67 -29.39
C TRP A 4 -23.15 -6.74 -28.32
N TYR A 5 -22.24 -5.84 -28.72
CA TYR A 5 -21.66 -4.87 -27.81
C TYR A 5 -22.80 -4.16 -27.07
N GLU A 6 -23.58 -3.41 -27.83
CA GLU A 6 -24.72 -2.67 -27.31
C GLU A 6 -25.48 -3.40 -26.22
N LEU A 7 -25.54 -4.73 -26.30
CA LEU A 7 -26.24 -5.51 -25.30
C LEU A 7 -25.45 -5.63 -24.01
N GLN A 8 -24.15 -5.88 -24.14
CA GLN A 8 -23.30 -6.02 -22.97
C GLN A 8 -23.19 -4.70 -22.21
N GLN A 9 -23.94 -3.69 -22.65
CA GLN A 9 -23.92 -2.38 -22.01
C GLN A 9 -25.26 -2.09 -21.32
N LEU A 10 -25.94 -3.12 -20.86
CA LEU A 10 -27.23 -2.93 -20.20
C LEU A 10 -27.19 -3.29 -18.73
N ASP A 11 -28.26 -2.95 -18.01
CA ASP A 11 -28.36 -3.26 -16.59
C ASP A 11 -28.46 -4.77 -16.48
N SER A 12 -27.77 -5.33 -15.49
CA SER A 12 -27.75 -6.77 -15.25
C SER A 12 -29.11 -7.49 -15.35
N LYS A 13 -30.19 -6.73 -15.53
CA LYS A 13 -31.52 -7.33 -15.64
C LYS A 13 -31.86 -7.79 -17.06
N PHE A 14 -31.22 -7.17 -18.05
CA PHE A 14 -31.45 -7.52 -19.45
C PHE A 14 -30.44 -8.54 -19.92
N LEU A 15 -29.17 -8.28 -19.63
CA LEU A 15 -28.09 -9.18 -20.03
C LEU A 15 -28.33 -10.55 -19.38
N GLU A 16 -29.25 -10.57 -18.44
CA GLU A 16 -29.61 -11.82 -17.75
C GLU A 16 -30.59 -12.57 -18.65
N GLN A 17 -31.40 -11.82 -19.38
CA GLN A 17 -32.37 -12.42 -20.28
C GLN A 17 -31.59 -12.83 -21.52
N VAL A 18 -30.52 -12.09 -21.80
CA VAL A 18 -29.65 -12.37 -22.94
C VAL A 18 -29.12 -13.77 -22.68
N HIS A 19 -28.69 -14.00 -21.45
CA HIS A 19 -28.18 -15.29 -21.04
C HIS A 19 -29.16 -16.39 -21.45
N GLN A 20 -30.40 -16.26 -20.99
CA GLN A 20 -31.42 -17.25 -21.27
C GLN A 20 -31.91 -17.34 -22.70
N LEU A 21 -31.02 -17.05 -23.64
CA LEU A 21 -31.33 -17.15 -25.06
C LEU A 21 -30.29 -18.03 -25.74
N TYR A 22 -29.26 -18.39 -24.97
CA TYR A 22 -28.17 -19.21 -25.49
C TYR A 22 -27.86 -20.52 -24.77
N ASP A 23 -28.18 -21.62 -25.44
CA ASP A 23 -27.94 -22.97 -24.92
C ASP A 23 -27.10 -23.68 -25.97
N ASP A 24 -26.69 -24.91 -25.67
CA ASP A 24 -25.85 -25.70 -26.57
C ASP A 24 -26.31 -25.81 -28.03
N SER A 25 -27.58 -25.51 -28.31
CA SER A 25 -28.08 -25.59 -29.69
C SER A 25 -27.24 -24.65 -30.56
N PHE A 26 -27.28 -23.36 -30.25
CA PHE A 26 -26.48 -22.39 -30.98
C PHE A 26 -25.61 -21.70 -29.95
N PRO A 27 -24.43 -22.26 -29.70
CA PRO A 27 -23.46 -21.73 -28.74
C PRO A 27 -23.17 -20.24 -28.82
N MET A 28 -23.33 -19.58 -27.68
CA MET A 28 -23.10 -18.14 -27.57
C MET A 28 -21.66 -17.80 -27.95
N GLU A 29 -20.79 -18.78 -27.89
CA GLU A 29 -19.40 -18.55 -28.24
C GLU A 29 -19.34 -18.06 -29.68
N ILE A 30 -20.20 -18.64 -30.51
CA ILE A 30 -20.27 -18.29 -31.93
C ILE A 30 -20.94 -16.93 -32.12
N ARG A 31 -22.11 -16.79 -31.53
CA ARG A 31 -22.87 -15.54 -31.60
C ARG A 31 -21.95 -14.35 -31.32
N GLN A 32 -20.90 -14.57 -30.54
CA GLN A 32 -19.98 -13.50 -30.20
C GLN A 32 -18.76 -13.40 -31.11
N TYR A 33 -18.13 -14.53 -31.41
CA TYR A 33 -16.94 -14.51 -32.24
C TYR A 33 -17.19 -14.28 -33.71
N LEU A 34 -18.44 -14.19 -34.10
CA LEU A 34 -18.81 -13.94 -35.49
C LEU A 34 -20.02 -13.04 -35.48
N ALA A 35 -20.09 -12.15 -34.50
CA ALA A 35 -21.23 -11.24 -34.36
C ALA A 35 -21.43 -10.28 -35.53
N GLN A 36 -20.33 -9.73 -36.04
CA GLN A 36 -20.43 -8.80 -37.15
C GLN A 36 -20.88 -9.51 -38.42
N TRP A 37 -20.41 -10.75 -38.58
CA TRP A 37 -20.79 -11.52 -39.76
C TRP A 37 -22.26 -11.93 -39.65
N LEU A 38 -22.65 -12.42 -38.47
CA LEU A 38 -24.01 -12.87 -38.22
C LEU A 38 -25.03 -11.76 -38.37
N GLU A 39 -24.87 -10.71 -37.58
CA GLU A 39 -25.78 -9.59 -37.60
C GLU A 39 -26.01 -9.10 -39.02
N LYS A 40 -25.04 -9.36 -39.89
CA LYS A 40 -25.10 -8.96 -41.31
C LYS A 40 -26.04 -9.80 -42.16
N GLN A 41 -25.82 -11.10 -42.20
CA GLN A 41 -26.62 -12.03 -43.01
C GLN A 41 -28.14 -11.89 -42.90
N ASP A 42 -28.82 -12.14 -44.02
CA ASP A 42 -30.29 -12.05 -44.10
C ASP A 42 -30.89 -13.38 -43.62
N TRP A 43 -30.91 -13.59 -42.31
CA TRP A 43 -31.44 -14.84 -41.79
C TRP A 43 -32.91 -15.05 -42.07
N GLU A 44 -33.69 -13.98 -42.09
CA GLU A 44 -35.12 -14.15 -42.36
C GLU A 44 -35.28 -14.88 -43.68
N HIS A 45 -34.55 -14.43 -44.69
CA HIS A 45 -34.59 -15.04 -46.02
C HIS A 45 -34.15 -16.51 -45.96
N ALA A 46 -32.97 -16.76 -45.40
CA ALA A 46 -32.45 -18.11 -45.29
C ALA A 46 -33.40 -19.02 -44.51
N ALA A 47 -34.20 -18.42 -43.66
CA ALA A 47 -35.16 -19.19 -42.85
C ALA A 47 -36.28 -19.72 -43.73
N ASN A 48 -36.36 -19.21 -44.97
CA ASN A 48 -37.41 -19.60 -45.90
C ASN A 48 -36.94 -20.27 -47.17
N ASP A 49 -35.65 -20.22 -47.45
CA ASP A 49 -35.11 -20.81 -48.68
C ASP A 49 -33.91 -21.74 -48.43
N VAL A 50 -34.13 -23.04 -48.57
CA VAL A 50 -33.08 -24.03 -48.32
C VAL A 50 -31.71 -23.76 -48.90
N SER A 51 -31.67 -23.37 -50.18
CA SER A 51 -30.39 -23.11 -50.82
C SER A 51 -29.66 -21.93 -50.16
N PHE A 52 -30.36 -20.83 -49.93
CA PHE A 52 -29.73 -19.68 -49.31
C PHE A 52 -29.23 -20.20 -47.96
N ALA A 53 -30.14 -20.85 -47.25
CA ALA A 53 -29.84 -21.42 -45.94
C ALA A 53 -28.60 -22.32 -46.01
N THR A 54 -28.61 -23.28 -46.91
CA THR A 54 -27.45 -24.17 -47.05
C THR A 54 -26.17 -23.42 -47.36
N ILE A 55 -26.26 -22.43 -48.27
CA ILE A 55 -25.10 -21.64 -48.63
C ILE A 55 -24.53 -20.98 -47.39
N ARG A 56 -25.37 -20.24 -46.68
CA ARG A 56 -24.97 -19.54 -45.47
C ARG A 56 -24.44 -20.47 -44.37
N PHE A 57 -24.96 -21.70 -44.31
CA PHE A 57 -24.53 -22.65 -43.29
C PHE A 57 -23.05 -22.96 -43.43
N HIS A 58 -22.63 -23.22 -44.67
CA HIS A 58 -21.23 -23.52 -44.91
C HIS A 58 -20.38 -22.25 -44.74
N ASP A 59 -20.94 -21.09 -45.03
CA ASP A 59 -20.21 -19.83 -44.87
C ASP A 59 -19.91 -19.68 -43.41
N LEU A 60 -20.92 -19.98 -42.60
CA LEU A 60 -20.81 -19.90 -41.16
C LEU A 60 -19.72 -20.84 -40.68
N LEU A 61 -19.64 -22.03 -41.28
CA LEU A 61 -18.61 -22.97 -40.88
C LEU A 61 -17.23 -22.43 -41.24
N SER A 62 -17.11 -21.87 -42.44
CA SER A 62 -15.84 -21.31 -42.90
C SER A 62 -15.40 -20.13 -42.04
N GLN A 63 -16.38 -19.39 -41.53
CA GLN A 63 -16.10 -18.24 -40.68
C GLN A 63 -15.53 -18.75 -39.38
N LEU A 64 -15.91 -19.97 -39.02
CA LEU A 64 -15.44 -20.59 -37.80
C LEU A 64 -14.00 -21.03 -37.99
N ASP A 65 -13.70 -21.54 -39.18
CA ASP A 65 -12.35 -21.97 -39.47
C ASP A 65 -11.39 -20.76 -39.38
N ASP A 66 -11.81 -19.62 -39.92
CA ASP A 66 -10.96 -18.45 -39.88
C ASP A 66 -10.70 -18.06 -38.43
N GLN A 67 -11.72 -18.21 -37.59
CA GLN A 67 -11.65 -17.87 -36.17
C GLN A 67 -10.72 -18.82 -35.42
N TYR A 68 -10.71 -20.09 -35.87
CA TYR A 68 -9.87 -21.12 -35.26
C TYR A 68 -8.41 -20.82 -35.47
N SER A 69 -8.10 -20.31 -36.66
CA SER A 69 -6.75 -19.97 -37.03
C SER A 69 -6.29 -18.69 -36.34
N ARG A 70 -7.23 -17.80 -36.06
CA ARG A 70 -6.90 -16.55 -35.38
C ARG A 70 -6.44 -16.92 -33.98
N PHE A 71 -7.09 -17.92 -33.39
CA PHE A 71 -6.78 -18.39 -32.06
C PHE A 71 -5.47 -19.15 -32.06
N SER A 72 -5.25 -19.96 -33.10
CA SER A 72 -4.01 -20.72 -33.20
C SER A 72 -2.81 -19.79 -33.07
N LEU A 73 -2.92 -18.60 -33.68
CA LEU A 73 -1.86 -17.59 -33.66
C LEU A 73 -1.58 -17.11 -32.24
N GLU A 74 -2.65 -16.81 -31.52
CA GLU A 74 -2.55 -16.34 -30.13
C GLU A 74 -2.25 -17.50 -29.19
N ASN A 75 -2.33 -18.71 -29.73
CA ASN A 75 -2.08 -19.93 -28.97
C ASN A 75 -3.12 -20.16 -27.88
N ASN A 76 -4.24 -19.44 -27.97
CA ASN A 76 -5.33 -19.55 -26.99
C ASN A 76 -5.92 -20.95 -27.06
N PHE A 77 -5.21 -21.89 -26.45
CA PHE A 77 -5.59 -23.30 -26.43
C PHE A 77 -7.04 -23.56 -26.07
N LEU A 78 -7.56 -22.76 -25.15
CA LEU A 78 -8.95 -22.91 -24.71
C LEU A 78 -9.94 -22.66 -25.87
N LEU A 79 -10.03 -21.40 -26.30
CA LEU A 79 -10.93 -21.03 -27.38
C LEU A 79 -10.77 -21.90 -28.62
N GLN A 80 -9.54 -22.32 -28.90
CA GLN A 80 -9.29 -23.19 -30.05
C GLN A 80 -10.12 -24.45 -29.88
N HIS A 81 -10.07 -24.98 -28.65
CA HIS A 81 -10.80 -26.17 -28.26
C HIS A 81 -12.30 -25.90 -28.29
N ASN A 82 -12.70 -24.80 -27.67
CA ASN A 82 -14.11 -24.43 -27.64
C ASN A 82 -14.66 -24.22 -29.04
N ILE A 83 -13.98 -23.37 -29.83
CA ILE A 83 -14.43 -23.12 -31.20
C ILE A 83 -14.60 -24.44 -31.92
N ARG A 84 -13.61 -25.30 -31.74
CA ARG A 84 -13.58 -26.61 -32.35
C ARG A 84 -14.84 -27.41 -32.00
N LYS A 85 -15.20 -27.41 -30.72
CA LYS A 85 -16.38 -28.12 -30.26
C LYS A 85 -17.64 -27.47 -30.81
N SER A 86 -17.71 -26.15 -30.73
CA SER A 86 -18.87 -25.41 -31.21
C SER A 86 -19.14 -25.73 -32.67
N LYS A 87 -18.08 -25.79 -33.47
CA LYS A 87 -18.23 -26.12 -34.87
C LYS A 87 -18.77 -27.53 -35.02
N ARG A 88 -18.11 -28.49 -34.38
CA ARG A 88 -18.52 -29.89 -34.47
C ARG A 88 -19.97 -30.08 -34.07
N ASN A 89 -20.41 -29.29 -33.10
CA ASN A 89 -21.79 -29.35 -32.63
C ASN A 89 -22.68 -28.83 -33.74
N LEU A 90 -22.57 -27.52 -33.95
CA LEU A 90 -23.30 -26.77 -34.97
C LEU A 90 -23.45 -27.66 -36.19
N GLN A 91 -22.33 -28.25 -36.57
CA GLN A 91 -22.22 -29.13 -37.73
C GLN A 91 -23.20 -30.30 -37.73
N ASP A 92 -23.06 -31.22 -36.79
CA ASP A 92 -23.96 -32.37 -36.77
C ASP A 92 -25.32 -32.11 -36.15
N ASN A 93 -25.74 -30.86 -36.18
CA ASN A 93 -27.03 -30.49 -35.64
C ASN A 93 -27.85 -29.77 -36.69
N PHE A 94 -27.15 -29.26 -37.71
CA PHE A 94 -27.82 -28.52 -38.77
C PHE A 94 -27.36 -28.81 -40.18
N GLN A 95 -26.36 -29.68 -40.32
CA GLN A 95 -25.84 -30.01 -41.65
C GLN A 95 -26.86 -30.84 -42.44
N GLU A 96 -28.06 -30.97 -41.91
CA GLU A 96 -29.10 -31.73 -42.57
C GLU A 96 -30.39 -30.94 -42.45
N ASP A 97 -30.30 -29.80 -41.79
CA ASP A 97 -31.46 -28.96 -41.60
C ASP A 97 -30.99 -27.54 -41.31
N PRO A 98 -30.41 -26.88 -42.32
CA PRO A 98 -29.93 -25.51 -42.15
C PRO A 98 -31.08 -24.52 -42.04
N ILE A 99 -32.25 -24.92 -42.52
CA ILE A 99 -33.38 -24.01 -42.44
C ILE A 99 -33.67 -23.71 -40.99
N GLN A 100 -33.61 -24.72 -40.15
CA GLN A 100 -33.88 -24.50 -38.73
C GLN A 100 -32.77 -23.70 -38.04
N MET A 101 -31.51 -23.92 -38.43
CA MET A 101 -30.44 -23.15 -37.82
C MET A 101 -30.63 -21.67 -38.16
N SER A 102 -31.14 -21.40 -39.36
CA SER A 102 -31.38 -20.02 -39.80
C SER A 102 -32.51 -19.46 -38.94
N MET A 103 -33.58 -20.22 -38.80
CA MET A 103 -34.71 -19.81 -37.96
C MET A 103 -34.22 -19.51 -36.54
N ILE A 104 -33.28 -20.33 -36.07
CA ILE A 104 -32.72 -20.12 -34.74
C ILE A 104 -32.00 -18.77 -34.70
N ILE A 105 -31.00 -18.57 -35.57
CA ILE A 105 -30.25 -17.32 -35.58
C ILE A 105 -31.14 -16.11 -35.76
N TYR A 106 -32.14 -16.25 -36.64
CA TYR A 106 -33.04 -15.15 -36.90
C TYR A 106 -33.78 -14.71 -35.66
N SER A 107 -34.53 -15.63 -35.08
CA SER A 107 -35.28 -15.31 -33.87
C SER A 107 -34.34 -14.93 -32.73
N CYS A 108 -33.15 -15.52 -32.66
CA CYS A 108 -32.22 -15.18 -31.58
C CYS A 108 -31.81 -13.70 -31.69
N LEU A 109 -31.42 -13.27 -32.88
CA LEU A 109 -31.04 -11.87 -33.06
C LEU A 109 -32.24 -10.98 -32.86
N LYS A 110 -33.37 -11.45 -33.37
CA LYS A 110 -34.64 -10.74 -33.30
C LYS A 110 -35.10 -10.52 -31.85
N GLU A 111 -34.85 -11.52 -31.00
CA GLU A 111 -35.23 -11.46 -29.60
C GLU A 111 -34.27 -10.57 -28.82
N GLU A 112 -33.09 -10.35 -29.38
CA GLU A 112 -32.10 -9.50 -28.73
C GLU A 112 -32.58 -8.06 -28.85
N ARG A 113 -33.08 -7.69 -30.02
CA ARG A 113 -33.57 -6.34 -30.26
C ARG A 113 -34.65 -6.01 -29.27
N LYS A 114 -35.66 -6.87 -29.16
CA LYS A 114 -36.74 -6.65 -28.21
C LYS A 114 -36.17 -6.15 -26.88
N ILE A 115 -35.14 -6.86 -26.40
CA ILE A 115 -34.48 -6.53 -25.16
C ILE A 115 -33.84 -5.15 -25.15
N LEU A 116 -33.35 -4.70 -26.30
CA LEU A 116 -32.73 -3.38 -26.37
C LEU A 116 -33.82 -2.32 -26.50
N GLU A 117 -34.96 -2.73 -27.04
CA GLU A 117 -36.11 -1.85 -27.22
C GLU A 117 -36.81 -1.75 -25.87
N ASN A 118 -36.89 -2.89 -25.20
CA ASN A 118 -37.53 -2.97 -23.90
C ASN A 118 -36.57 -2.46 -22.80
N ALA A 119 -35.33 -2.16 -23.19
CA ALA A 119 -34.33 -1.67 -22.25
C ALA A 119 -34.26 -0.14 -22.30
N GLN A 120 -35.16 0.45 -23.06
CA GLN A 120 -35.22 1.90 -23.19
C GLN A 120 -36.24 2.44 -22.21
N ARG A 121 -36.45 1.73 -21.11
CA ARG A 121 -37.39 2.21 -20.13
C ARG A 121 -36.72 3.34 -19.38
N PHE A 122 -35.63 3.85 -19.95
CA PHE A 122 -34.89 4.95 -19.36
C PHE A 122 -35.74 6.20 -19.34
N ASN A 123 -37.00 6.04 -19.75
CA ASN A 123 -37.98 7.13 -19.74
C ASN A 123 -38.38 7.18 -18.27
N GLN A 124 -38.66 6.00 -17.72
CA GLN A 124 -39.05 5.84 -16.33
C GLN A 124 -37.82 5.99 -15.42
N ALA A 125 -36.93 6.92 -15.80
CA ALA A 125 -35.71 7.22 -15.06
C ALA A 125 -35.40 8.70 -15.27
N GLN A 126 -36.39 9.42 -15.78
CA GLN A 126 -36.29 10.85 -16.05
C GLN A 126 -35.14 11.12 -17.02
N THR A 133 -30.20 7.88 -2.08
CA THR A 133 -30.42 8.97 -1.14
C THR A 133 -30.83 8.44 0.22
N VAL A 134 -31.46 7.26 0.25
CA VAL A 134 -31.85 6.68 1.52
C VAL A 134 -30.55 6.41 2.27
N MET A 135 -29.89 5.29 1.94
CA MET A 135 -28.63 4.93 2.56
C MET A 135 -27.49 5.72 1.91
N LEU A 136 -27.70 6.11 0.65
CA LEU A 136 -26.69 6.86 -0.10
C LEU A 136 -26.11 8.03 0.69
N ASP A 137 -26.98 8.78 1.36
CA ASP A 137 -26.56 9.93 2.17
C ASP A 137 -25.94 9.45 3.46
N LYS A 138 -26.61 8.48 4.10
CA LYS A 138 -26.12 7.90 5.35
C LYS A 138 -24.66 7.50 5.20
N GLN A 139 -24.38 6.66 4.19
CA GLN A 139 -23.03 6.16 3.93
C GLN A 139 -22.03 7.29 3.73
N LYS A 140 -22.48 8.38 3.13
CA LYS A 140 -21.66 9.55 2.85
C LYS A 140 -21.24 10.30 4.11
N GLU A 141 -22.16 10.43 5.06
CA GLU A 141 -21.88 11.12 6.30
C GLU A 141 -20.82 10.40 7.11
N LEU A 142 -21.05 9.12 7.36
CA LEU A 142 -20.12 8.32 8.13
C LEU A 142 -18.70 8.49 7.63
N ASP A 143 -18.54 8.44 6.32
CA ASP A 143 -17.21 8.60 5.72
C ASP A 143 -16.60 9.90 6.17
N SER A 144 -17.47 10.90 6.37
CA SER A 144 -17.03 12.22 6.79
C SER A 144 -16.58 12.22 8.26
N LYS A 145 -17.46 11.80 9.16
CA LYS A 145 -17.11 11.76 10.57
C LYS A 145 -15.82 10.95 10.73
N VAL A 146 -15.84 9.73 10.19
CA VAL A 146 -14.68 8.87 10.25
C VAL A 146 -13.48 9.65 9.75
N ARG A 147 -13.55 10.17 8.53
CA ARG A 147 -12.42 10.93 8.01
C ARG A 147 -12.01 12.01 8.99
N ASN A 148 -13.00 12.64 9.62
CA ASN A 148 -12.72 13.67 10.60
C ASN A 148 -11.85 13.07 11.70
N VAL A 149 -12.40 12.09 12.42
CA VAL A 149 -11.67 11.43 13.50
C VAL A 149 -10.22 11.26 13.08
N LYS A 150 -10.03 10.66 11.92
CA LYS A 150 -8.69 10.43 11.37
C LYS A 150 -7.88 11.72 11.40
N ASP A 151 -8.29 12.68 10.58
CA ASP A 151 -7.58 13.94 10.49
C ASP A 151 -7.23 14.53 11.85
N LYS A 152 -8.22 14.59 12.74
CA LYS A 152 -8.01 15.17 14.06
C LYS A 152 -6.91 14.47 14.83
N VAL A 153 -6.87 13.15 14.75
CA VAL A 153 -5.83 12.43 15.46
C VAL A 153 -4.48 12.90 14.94
N MET A 154 -4.33 12.92 13.62
CA MET A 154 -3.08 13.37 13.05
C MET A 154 -2.75 14.79 13.53
N CYS A 155 -3.77 15.64 13.61
CA CYS A 155 -3.54 17.02 14.05
C CYS A 155 -2.94 17.07 15.45
N ILE A 156 -3.49 16.24 16.34
CA ILE A 156 -3.02 16.17 17.71
C ILE A 156 -1.59 15.68 17.69
N GLU A 157 -1.39 14.51 17.11
CA GLU A 157 -0.06 13.91 17.04
C GLU A 157 0.96 14.93 16.58
N HIS A 158 0.49 15.93 15.83
CA HIS A 158 1.38 16.96 15.29
C HIS A 158 1.72 18.05 16.29
N GLU A 159 0.79 18.34 17.19
CA GLU A 159 1.04 19.35 18.20
C GLU A 159 1.81 18.74 19.35
N ILE A 160 1.59 17.45 19.61
CA ILE A 160 2.31 16.76 20.67
C ILE A 160 3.79 16.89 20.34
N LYS A 161 4.13 16.71 19.06
CA LYS A 161 5.52 16.82 18.60
C LYS A 161 6.03 18.25 18.80
N SER A 162 5.16 19.23 18.58
CA SER A 162 5.55 20.63 18.76
C SER A 162 5.67 20.89 20.26
N LEU A 163 4.82 20.22 21.01
CA LEU A 163 4.80 20.36 22.45
C LEU A 163 6.06 19.79 23.02
N GLU A 164 6.38 18.57 22.59
CA GLU A 164 7.58 17.89 23.06
C GLU A 164 8.85 18.68 22.75
N ASP A 165 8.93 19.27 21.56
CA ASP A 165 10.12 20.03 21.20
C ASP A 165 10.32 21.26 22.05
N LEU A 166 9.27 22.05 22.21
CA LEU A 166 9.41 23.24 23.03
C LEU A 166 10.01 22.88 24.36
N GLN A 167 9.36 21.95 25.05
CA GLN A 167 9.83 21.51 26.35
C GLN A 167 11.31 21.18 26.34
N ASP A 168 11.77 20.46 25.32
CA ASP A 168 13.19 20.10 25.23
C ASP A 168 14.10 21.32 25.14
N GLU A 169 13.77 22.26 24.24
CA GLU A 169 14.57 23.47 24.09
C GLU A 169 14.54 24.14 25.43
N TYR A 170 13.32 24.49 25.78
CA TYR A 170 12.98 25.11 27.03
C TYR A 170 13.85 24.54 28.15
N ASP A 171 13.79 23.23 28.34
CA ASP A 171 14.60 22.57 29.37
C ASP A 171 16.05 22.98 29.16
N PHE A 172 16.55 22.65 27.96
CA PHE A 172 17.91 22.97 27.56
C PHE A 172 18.26 24.41 27.92
N LYS A 173 17.34 25.33 27.67
CA LYS A 173 17.61 26.73 27.97
C LYS A 173 17.71 26.96 29.47
N CYS A 174 16.84 26.36 30.25
CA CYS A 174 16.90 26.53 31.70
C CYS A 174 18.22 25.95 32.18
N LYS A 175 18.46 24.67 31.90
CA LYS A 175 19.69 24.04 32.32
C LYS A 175 20.91 24.92 32.02
N THR A 176 20.94 25.51 30.82
CA THR A 176 22.06 26.36 30.42
C THR A 176 22.30 27.53 31.37
N LEU A 177 21.24 28.23 31.74
CA LEU A 177 21.33 29.36 32.67
C LEU A 177 21.89 28.91 34.00
N GLN A 178 21.14 28.02 34.64
CA GLN A 178 21.50 27.49 35.94
C GLN A 178 22.64 26.49 35.87
N ASN A 179 23.65 26.80 35.06
CA ASN A 179 24.81 25.94 34.91
C ASN A 179 26.02 26.70 34.43
N ARG A 180 25.92 28.02 34.47
CA ARG A 180 27.02 28.89 34.06
C ARG A 180 27.80 29.41 35.27
N GLU A 181 28.98 29.95 35.01
CA GLU A 181 29.85 30.50 36.06
C GLU A 181 29.39 31.90 36.48
N ALA A 188 25.89 43.49 41.00
CA ALA A 188 24.48 43.47 41.43
C ALA A 188 23.70 42.31 40.81
N LYS A 189 24.40 41.20 40.53
CA LYS A 189 23.81 40.02 39.93
C LYS A 189 22.39 39.68 40.42
N SER A 190 22.08 40.01 41.67
CA SER A 190 20.76 39.72 42.21
C SER A 190 19.66 40.22 41.27
N ASP A 191 19.69 41.51 40.94
CA ASP A 191 18.70 42.10 40.05
C ASP A 191 18.70 41.49 38.64
N GLN A 192 19.84 40.96 38.21
CA GLN A 192 19.97 40.35 36.89
C GLN A 192 19.43 38.93 36.89
N LYS A 193 19.33 38.34 38.08
CA LYS A 193 18.81 36.99 38.24
C LYS A 193 17.30 37.02 38.05
N GLN A 194 16.77 38.22 37.88
CA GLN A 194 15.34 38.41 37.65
C GLN A 194 15.03 37.83 36.27
N GLU A 195 16.06 37.35 35.60
CA GLU A 195 15.91 36.72 34.29
C GLU A 195 15.00 35.51 34.47
N GLN A 196 14.76 35.14 35.73
CA GLN A 196 13.92 34.01 36.09
C GLN A 196 12.61 34.10 35.34
N LEU A 197 12.25 35.32 34.95
CA LEU A 197 11.02 35.58 34.22
C LEU A 197 11.11 35.07 32.79
N LEU A 198 12.33 35.06 32.25
CA LEU A 198 12.54 34.56 30.90
C LEU A 198 12.11 33.11 30.96
N LEU A 199 12.07 32.58 32.16
CA LEU A 199 11.66 31.20 32.33
C LEU A 199 10.16 31.20 32.56
N LYS A 200 9.74 32.07 33.47
CA LYS A 200 8.34 32.21 33.85
C LYS A 200 7.51 32.26 32.59
N LYS A 201 8.08 32.91 31.57
CA LYS A 201 7.41 33.03 30.29
C LYS A 201 7.39 31.66 29.63
N MET A 202 8.55 31.03 29.55
CA MET A 202 8.65 29.72 28.95
C MET A 202 7.61 28.77 29.58
N TYR A 203 7.42 28.86 30.90
CA TYR A 203 6.44 28.01 31.57
C TYR A 203 5.03 28.27 31.09
N LEU A 204 4.61 29.53 31.14
CA LEU A 204 3.27 29.88 30.69
C LEU A 204 2.99 29.32 29.30
N MET A 205 4.05 29.07 28.54
CA MET A 205 3.90 28.51 27.21
C MET A 205 3.53 27.04 27.31
N LEU A 206 4.38 26.25 27.97
CA LEU A 206 4.13 24.83 28.14
C LEU A 206 2.74 24.57 28.65
N ASP A 207 2.39 25.24 29.75
CA ASP A 207 1.07 25.09 30.36
C ASP A 207 -0.02 25.28 29.31
N ASN A 208 0.05 26.38 28.59
CA ASN A 208 -0.93 26.67 27.57
C ASN A 208 -0.94 25.62 26.45
N LYS A 209 0.24 25.27 25.97
CA LYS A 209 0.29 24.27 24.92
C LYS A 209 -0.26 22.94 25.43
N ARG A 210 0.03 22.60 26.68
CA ARG A 210 -0.46 21.33 27.23
C ARG A 210 -1.97 21.35 27.30
N LYS A 211 -2.51 22.37 27.94
CA LYS A 211 -3.96 22.51 28.07
C LYS A 211 -4.64 22.31 26.70
N GLU A 212 -4.00 22.87 25.68
CA GLU A 212 -4.48 22.79 24.31
C GLU A 212 -4.58 21.34 23.86
N VAL A 213 -3.46 20.64 23.89
CA VAL A 213 -3.44 19.25 23.49
C VAL A 213 -4.55 18.48 24.21
N VAL A 214 -4.60 18.63 25.53
CA VAL A 214 -5.61 17.93 26.31
C VAL A 214 -6.99 18.21 25.74
N HIS A 215 -7.27 19.49 25.45
CA HIS A 215 -8.56 19.84 24.91
C HIS A 215 -8.88 19.03 23.67
N LYS A 216 -8.02 19.13 22.66
CA LYS A 216 -8.22 18.38 21.41
C LYS A 216 -8.39 16.88 21.63
N ILE A 217 -7.53 16.29 22.44
CA ILE A 217 -7.62 14.86 22.72
C ILE A 217 -8.99 14.51 23.27
N ILE A 218 -9.57 15.42 24.06
CA ILE A 218 -10.89 15.18 24.63
C ILE A 218 -11.92 15.31 23.54
N GLU A 219 -11.97 16.50 22.97
CA GLU A 219 -12.87 16.79 21.89
C GLU A 219 -12.86 15.57 20.95
N LEU A 220 -11.65 15.16 20.55
CA LEU A 220 -11.50 14.01 19.67
C LEU A 220 -12.24 12.82 20.25
N LEU A 221 -11.94 12.47 21.49
CA LEU A 221 -12.63 11.34 22.07
C LEU A 221 -14.13 11.52 21.88
N ASN A 222 -14.66 12.62 22.40
CA ASN A 222 -16.09 12.92 22.29
C ASN A 222 -16.62 12.57 20.90
N VAL A 223 -16.05 13.21 19.89
CA VAL A 223 -16.43 12.94 18.52
C VAL A 223 -16.39 11.42 18.32
N THR A 224 -15.19 10.86 18.26
CA THR A 224 -14.98 9.43 18.07
C THR A 224 -16.07 8.57 18.67
N GLU A 225 -16.27 8.69 19.98
CA GLU A 225 -17.29 7.90 20.66
C GLU A 225 -18.61 8.10 19.91
N LEU A 226 -19.00 9.35 19.75
CA LEU A 226 -20.24 9.69 19.05
C LEU A 226 -20.31 9.03 17.67
N THR A 227 -19.23 9.10 16.90
CA THR A 227 -19.20 8.47 15.57
C THR A 227 -19.18 6.96 15.71
N GLN A 228 -18.56 6.47 16.78
CA GLN A 228 -18.48 5.05 17.02
C GLN A 228 -19.89 4.48 17.29
N ASN A 229 -20.74 5.28 17.94
CA ASN A 229 -22.11 4.86 18.25
C ASN A 229 -22.89 4.54 17.00
N ALA A 230 -22.78 5.44 16.01
CA ALA A 230 -23.46 5.26 14.73
C ALA A 230 -22.95 3.97 14.10
N LEU A 231 -21.64 3.90 13.86
CA LEU A 231 -21.05 2.72 13.26
C LEU A 231 -21.51 1.42 13.91
N ILE A 232 -21.44 1.33 15.23
CA ILE A 232 -21.83 0.09 15.90
C ILE A 232 -23.33 -0.12 16.11
N ASN A 233 -24.05 0.97 16.36
CA ASN A 233 -25.49 0.85 16.60
C ASN A 233 -26.42 0.95 15.41
N ASP A 234 -25.89 1.39 14.27
CA ASP A 234 -26.66 1.50 13.03
C ASP A 234 -26.05 0.55 12.00
N GLU A 235 -25.04 1.05 11.31
CA GLU A 235 -24.37 0.28 10.29
C GLU A 235 -24.22 -1.19 10.63
N LEU A 236 -23.59 -1.48 11.76
CA LEU A 236 -23.39 -2.86 12.16
C LEU A 236 -24.70 -3.62 12.33
N VAL A 237 -25.66 -3.01 13.02
CA VAL A 237 -26.94 -3.67 13.24
C VAL A 237 -27.67 -3.93 11.93
N GLU A 238 -27.70 -2.92 11.05
CA GLU A 238 -28.37 -3.06 9.77
C GLU A 238 -27.74 -4.19 8.98
N TRP A 239 -26.43 -4.10 8.75
CA TRP A 239 -25.74 -5.15 8.02
C TRP A 239 -26.08 -6.53 8.58
N LYS A 240 -26.13 -6.64 9.90
CA LYS A 240 -26.44 -7.92 10.51
C LYS A 240 -27.83 -8.39 10.08
N ARG A 241 -28.80 -7.48 10.09
CA ARG A 241 -30.18 -7.80 9.70
C ARG A 241 -30.26 -8.25 8.24
N ARG A 242 -29.60 -7.52 7.35
CA ARG A 242 -29.60 -7.91 5.94
C ARG A 242 -29.03 -9.32 5.84
N GLN A 243 -27.87 -9.54 6.46
CA GLN A 243 -27.24 -10.85 6.43
C GLN A 243 -28.27 -11.95 6.72
N GLN A 244 -29.24 -11.61 7.55
CA GLN A 244 -30.31 -12.53 7.93
C GLN A 244 -31.23 -12.83 6.76
N SER A 245 -31.87 -11.79 6.24
CA SER A 245 -32.78 -11.94 5.12
C SER A 245 -32.02 -12.62 3.99
N ALA A 246 -30.82 -12.12 3.74
CA ALA A 246 -29.99 -12.66 2.69
C ALA A 246 -29.82 -14.16 2.88
N CYS A 247 -29.60 -14.60 4.11
CA CYS A 247 -29.43 -16.03 4.38
C CYS A 247 -30.79 -16.72 4.22
N ILE A 248 -31.85 -15.94 4.29
CA ILE A 248 -33.19 -16.47 4.15
C ILE A 248 -33.68 -16.43 2.70
N GLY A 249 -32.86 -15.89 1.79
CA GLY A 249 -33.26 -15.82 0.40
C GLY A 249 -33.49 -14.39 -0.04
N GLY A 250 -33.16 -13.45 0.83
CA GLY A 250 -33.34 -12.05 0.50
C GLY A 250 -32.25 -11.55 -0.44
N PRO A 251 -32.26 -10.24 -0.77
CA PRO A 251 -31.27 -9.63 -1.66
C PRO A 251 -29.83 -9.83 -1.19
N PRO A 252 -28.88 -9.86 -2.14
CA PRO A 252 -27.47 -10.04 -1.79
C PRO A 252 -27.03 -9.05 -0.72
N ASN A 253 -26.39 -9.57 0.32
CA ASN A 253 -25.94 -8.73 1.39
C ASN A 253 -24.66 -8.01 1.05
N ALA A 254 -24.59 -6.76 1.48
CA ALA A 254 -23.42 -5.96 1.23
C ALA A 254 -22.23 -6.64 1.91
N CYS A 255 -21.09 -6.67 1.23
CA CYS A 255 -19.90 -7.25 1.83
C CYS A 255 -19.57 -6.34 3.01
N LEU A 256 -18.53 -6.71 3.75
CA LEU A 256 -18.13 -5.96 4.93
C LEU A 256 -17.20 -4.80 4.62
N ASP A 257 -16.40 -4.93 3.57
CA ASP A 257 -15.44 -3.92 3.16
C ASP A 257 -15.73 -2.50 3.63
N GLN A 258 -16.97 -2.01 3.45
CA GLN A 258 -17.29 -0.65 3.88
C GLN A 258 -17.17 -0.50 5.40
N LEU A 259 -17.75 -1.47 6.13
CA LEU A 259 -17.69 -1.49 7.58
C LEU A 259 -16.23 -1.72 7.95
N GLN A 260 -15.70 -2.83 7.45
CA GLN A 260 -14.33 -3.19 7.74
C GLN A 260 -13.40 -2.00 7.62
N ASN A 261 -13.78 -1.03 6.79
CA ASN A 261 -12.96 0.16 6.61
C ASN A 261 -13.23 1.16 7.71
N TRP A 262 -14.51 1.40 7.98
CA TRP A 262 -14.87 2.35 9.00
C TRP A 262 -14.30 1.88 10.34
N PHE A 263 -14.55 0.62 10.67
CA PHE A 263 -14.04 0.07 11.91
C PHE A 263 -12.54 0.24 11.93
N THR A 264 -11.89 -0.43 11.01
CA THR A 264 -10.44 -0.36 10.95
C THR A 264 -9.83 1.06 11.07
N ILE A 265 -10.52 2.10 10.58
CA ILE A 265 -9.99 3.47 10.65
C ILE A 265 -10.11 4.08 12.03
N VAL A 266 -11.32 4.05 12.60
CA VAL A 266 -11.51 4.59 13.93
C VAL A 266 -10.54 3.84 14.86
N ALA A 267 -10.43 2.53 14.67
CA ALA A 267 -9.53 1.68 15.45
C ALA A 267 -8.09 2.20 15.45
N GLU A 268 -7.55 2.48 14.28
CA GLU A 268 -6.18 3.00 14.20
C GLU A 268 -6.09 4.30 14.99
N SER A 269 -7.09 5.15 14.83
CA SER A 269 -7.14 6.44 15.53
C SER A 269 -7.02 6.24 17.04
N LEU A 270 -7.90 5.42 17.59
CA LEU A 270 -7.87 5.12 19.02
C LEU A 270 -6.46 4.64 19.38
N GLN A 271 -6.03 3.58 18.72
CA GLN A 271 -4.72 3.04 18.97
C GLN A 271 -3.64 4.13 19.02
N GLN A 272 -3.83 5.18 18.22
CA GLN A 272 -2.85 6.25 18.18
C GLN A 272 -3.01 7.16 19.37
N VAL A 273 -4.25 7.47 19.70
CA VAL A 273 -4.51 8.31 20.84
C VAL A 273 -3.83 7.66 22.04
N ARG A 274 -3.86 6.33 22.09
CA ARG A 274 -3.22 5.60 23.17
C ARG A 274 -1.71 5.98 23.20
N GLN A 275 -1.06 5.90 22.04
CA GLN A 275 0.34 6.25 21.89
C GLN A 275 0.56 7.69 22.33
N GLN A 276 -0.39 8.56 22.00
CA GLN A 276 -0.31 9.97 22.33
C GLN A 276 -0.32 10.12 23.85
N LEU A 277 -1.22 9.37 24.48
CA LEU A 277 -1.33 9.43 25.92
C LEU A 277 -0.02 8.99 26.55
N LYS A 278 0.62 7.99 25.97
CA LYS A 278 1.93 7.55 26.49
C LYS A 278 2.93 8.68 26.33
N LYS A 279 3.03 9.22 25.12
CA LYS A 279 3.95 10.30 24.85
C LYS A 279 3.76 11.42 25.86
N LEU A 280 2.51 11.68 26.24
CA LEU A 280 2.21 12.76 27.18
C LEU A 280 2.74 12.54 28.58
N GLU A 281 2.82 11.29 28.99
CA GLU A 281 3.32 10.99 30.33
C GLU A 281 4.83 11.09 30.34
N GLU A 282 5.43 10.75 29.20
CA GLU A 282 6.86 10.80 29.07
C GLU A 282 7.28 12.25 29.19
N LEU A 283 6.35 13.16 28.90
CA LEU A 283 6.64 14.58 28.99
C LEU A 283 6.40 15.05 30.40
N GLU A 284 5.59 14.27 31.11
CA GLU A 284 5.25 14.59 32.49
C GLU A 284 6.41 14.17 33.35
N GLN A 285 7.00 13.03 33.03
CA GLN A 285 8.14 12.58 33.81
C GLN A 285 9.14 13.71 33.72
N LYS A 286 9.54 14.03 32.49
CA LYS A 286 10.49 15.08 32.25
C LYS A 286 10.11 16.37 32.99
N TYR A 287 8.83 16.65 33.14
CA TYR A 287 8.44 17.86 33.84
C TYR A 287 6.97 17.92 34.23
N THR A 288 6.70 18.29 35.49
CA THR A 288 5.33 18.40 35.97
C THR A 288 5.24 19.60 36.89
N TYR A 289 4.06 19.82 37.46
CA TYR A 289 3.85 20.96 38.35
C TYR A 289 2.46 20.93 38.92
N GLU A 290 2.25 21.72 39.97
CA GLU A 290 0.94 21.81 40.60
C GLU A 290 -0.04 22.26 39.53
N HIS A 291 -1.11 21.49 39.35
CA HIS A 291 -2.12 21.83 38.36
C HIS A 291 -1.66 21.58 36.92
N ASP A 292 -0.85 20.56 36.70
CA ASP A 292 -0.41 20.26 35.35
C ASP A 292 -1.54 19.44 34.71
N PRO A 293 -2.07 19.92 33.57
CA PRO A 293 -3.16 19.23 32.87
C PRO A 293 -2.89 17.77 32.52
N ILE A 294 -1.68 17.49 32.05
CA ILE A 294 -1.34 16.12 31.70
C ILE A 294 -1.64 15.22 32.89
N THR A 295 -1.29 15.70 34.08
CA THR A 295 -1.51 14.92 35.30
C THR A 295 -2.99 14.76 35.64
N LYS A 296 -3.75 15.86 35.52
CA LYS A 296 -5.18 15.83 35.83
C LYS A 296 -6.04 14.94 34.94
N ASN A 297 -5.81 15.01 33.64
CA ASN A 297 -6.58 14.25 32.67
C ASN A 297 -6.02 12.85 32.41
N LYS A 298 -4.71 12.73 32.66
CA LYS A 298 -3.95 11.49 32.54
C LYS A 298 -4.82 10.21 32.53
N GLN A 299 -5.51 9.99 33.65
CA GLN A 299 -6.37 8.84 33.88
C GLN A 299 -7.69 8.80 33.11
N VAL A 300 -8.54 9.78 33.37
CA VAL A 300 -9.82 9.86 32.68
C VAL A 300 -9.64 9.52 31.22
N LEU A 301 -8.74 10.26 30.56
CA LEU A 301 -8.46 10.05 29.16
C LEU A 301 -7.99 8.63 28.87
N TRP A 302 -6.90 8.19 29.50
CA TRP A 302 -6.41 6.86 29.23
C TRP A 302 -7.54 5.84 29.36
N ASP A 303 -8.45 6.05 30.29
CA ASP A 303 -9.57 5.13 30.47
C ASP A 303 -10.66 5.28 29.41
N ARG A 304 -11.05 6.51 29.09
CA ARG A 304 -12.06 6.71 28.06
C ARG A 304 -11.61 6.02 26.77
N THR A 305 -10.34 6.24 26.45
CA THR A 305 -9.78 5.65 25.25
C THR A 305 -9.92 4.14 25.24
N PHE A 306 -9.28 3.44 26.17
CA PHE A 306 -9.39 1.97 26.18
C PHE A 306 -10.83 1.53 26.14
N SER A 307 -11.69 2.27 26.82
CA SER A 307 -13.10 1.94 26.87
C SER A 307 -13.65 1.86 25.44
N LEU A 308 -13.48 2.95 24.70
CA LEU A 308 -13.94 3.00 23.33
C LEU A 308 -13.29 1.90 22.52
N PHE A 309 -11.97 1.86 22.54
CA PHE A 309 -11.24 0.83 21.80
C PHE A 309 -11.67 -0.59 22.11
N GLN A 310 -12.01 -0.89 23.37
CA GLN A 310 -12.41 -2.26 23.70
C GLN A 310 -13.75 -2.57 23.10
N GLN A 311 -14.69 -1.65 23.26
CA GLN A 311 -16.03 -1.84 22.71
C GLN A 311 -15.89 -2.04 21.21
N LEU A 312 -15.23 -1.08 20.58
CA LEU A 312 -15.04 -1.12 19.13
C LEU A 312 -14.61 -2.48 18.62
N ILE A 313 -13.49 -2.97 19.14
CA ILE A 313 -12.94 -4.25 18.70
C ILE A 313 -13.74 -5.50 19.11
N GLN A 314 -14.70 -5.36 20.00
CA GLN A 314 -15.50 -6.52 20.39
C GLN A 314 -16.70 -6.57 19.44
N SER A 315 -17.12 -5.39 19.01
CA SER A 315 -18.24 -5.24 18.06
C SER A 315 -17.81 -5.72 16.68
N SER A 316 -16.52 -5.61 16.41
CA SER A 316 -15.96 -6.00 15.13
C SER A 316 -15.88 -7.51 14.90
N PHE A 317 -15.96 -8.29 15.97
CA PHE A 317 -15.85 -9.73 15.86
C PHE A 317 -17.20 -10.32 15.47
N VAL A 318 -17.38 -10.59 14.18
CA VAL A 318 -18.66 -11.11 13.73
C VAL A 318 -18.61 -12.37 12.86
N VAL A 319 -19.76 -13.03 12.74
CA VAL A 319 -19.90 -14.23 11.92
C VAL A 319 -20.22 -13.77 10.50
N GLU A 320 -19.23 -13.96 9.63
CA GLU A 320 -19.32 -13.56 8.24
C GLU A 320 -20.12 -14.54 7.39
N ARG A 321 -20.01 -15.82 7.71
CA ARG A 321 -20.73 -16.84 6.99
C ARG A 321 -21.36 -17.75 8.03
N GLN A 322 -22.67 -17.63 8.21
CA GLN A 322 -23.41 -18.45 9.17
C GLN A 322 -23.15 -19.94 8.99
N PRO A 323 -23.54 -20.76 9.99
CA PRO A 323 -23.31 -22.21 9.88
C PRO A 323 -24.09 -22.79 8.70
N CYS A 324 -23.40 -23.54 7.84
CA CYS A 324 -24.02 -24.12 6.65
C CYS A 324 -23.36 -25.46 6.32
N MET A 325 -24.15 -26.40 5.79
CA MET A 325 -23.63 -27.70 5.38
C MET A 325 -23.37 -27.57 3.87
N PRO A 326 -22.12 -27.79 3.44
CA PRO A 326 -21.81 -27.67 2.02
C PRO A 326 -22.74 -28.48 1.13
N THR A 327 -23.25 -29.59 1.67
CA THR A 327 -24.13 -30.49 0.92
C THR A 327 -25.53 -29.97 0.70
N HIS A 328 -25.98 -29.11 1.59
CA HIS A 328 -27.33 -28.55 1.48
C HIS A 328 -27.22 -27.02 1.56
N PRO A 329 -26.35 -26.44 0.70
CA PRO A 329 -26.10 -25.00 0.65
C PRO A 329 -27.38 -24.19 0.51
N GLN A 330 -28.45 -24.88 0.15
CA GLN A 330 -29.75 -24.24 -0.04
C GLN A 330 -30.39 -23.79 1.29
N ARG A 331 -30.08 -24.51 2.36
CA ARG A 331 -30.63 -24.23 3.68
C ARG A 331 -29.51 -23.90 4.66
N PRO A 332 -29.18 -22.61 4.83
CA PRO A 332 -28.10 -22.31 5.77
C PRO A 332 -28.21 -22.75 7.22
N LEU A 333 -28.98 -22.04 8.03
CA LEU A 333 -29.04 -22.37 9.45
C LEU A 333 -29.51 -23.76 9.93
N VAL A 334 -29.73 -24.71 9.03
CA VAL A 334 -30.17 -26.05 9.45
C VAL A 334 -29.01 -27.04 9.40
N LEU A 335 -28.70 -27.64 10.54
CA LEU A 335 -27.60 -28.59 10.60
C LEU A 335 -28.03 -30.02 10.87
N LYS A 336 -27.58 -30.94 10.04
CA LYS A 336 -27.92 -32.33 10.23
C LYS A 336 -26.80 -33.02 10.97
N THR A 337 -27.22 -33.74 12.01
CA THR A 337 -26.33 -34.49 12.87
C THR A 337 -25.44 -35.41 12.02
N GLY A 338 -24.20 -35.60 12.46
CA GLY A 338 -23.30 -36.50 11.74
C GLY A 338 -22.79 -36.00 10.41
N VAL A 339 -23.32 -34.88 9.93
CA VAL A 339 -22.87 -34.33 8.67
C VAL A 339 -21.96 -33.15 8.96
N GLN A 340 -20.96 -32.94 8.12
CA GLN A 340 -20.02 -31.84 8.32
C GLN A 340 -20.53 -30.48 7.85
N PHE A 341 -20.18 -29.44 8.62
CA PHE A 341 -20.62 -28.09 8.28
C PHE A 341 -19.49 -27.06 8.46
N THR A 342 -19.77 -25.81 8.10
CA THR A 342 -18.77 -24.76 8.19
C THR A 342 -19.35 -23.43 8.56
N VAL A 343 -18.51 -22.62 9.20
CA VAL A 343 -18.86 -21.27 9.62
C VAL A 343 -17.60 -20.47 9.36
N LYS A 344 -17.73 -19.15 9.32
CA LYS A 344 -16.58 -18.31 9.10
C LYS A 344 -16.68 -17.04 9.93
N LEU A 345 -15.67 -16.82 10.78
CA LEU A 345 -15.63 -15.65 11.65
C LEU A 345 -14.73 -14.60 11.02
N ARG A 346 -14.87 -13.37 11.47
CA ARG A 346 -14.08 -12.29 10.92
C ARG A 346 -14.10 -11.05 11.81
N LEU A 347 -12.94 -10.42 11.96
CA LEU A 347 -12.82 -9.23 12.78
C LEU A 347 -12.78 -7.97 11.89
N LEU A 348 -13.84 -7.18 11.94
CA LEU A 348 -13.91 -5.99 11.12
C LEU A 348 -12.82 -4.98 11.37
N VAL A 349 -11.96 -5.20 12.36
CA VAL A 349 -10.93 -4.22 12.61
C VAL A 349 -9.77 -4.39 11.64
N LYS A 350 -8.89 -5.35 11.89
CA LYS A 350 -7.77 -5.57 10.98
C LYS A 350 -6.59 -4.61 11.15
N LEU A 351 -5.61 -5.09 11.90
CA LEU A 351 -4.41 -4.36 12.18
C LEU A 351 -3.34 -5.44 12.16
N GLN A 352 -2.26 -5.23 11.42
CA GLN A 352 -1.18 -6.21 11.32
C GLN A 352 -0.82 -6.72 12.71
N GLU A 353 -0.84 -5.79 13.67
CA GLU A 353 -0.52 -6.11 15.05
C GLU A 353 -1.55 -7.06 15.67
N LEU A 354 -2.31 -7.74 14.84
CA LEU A 354 -3.36 -8.68 15.28
C LEU A 354 -3.27 -10.01 14.55
N ASN A 355 -2.38 -10.09 13.58
CA ASN A 355 -2.23 -11.30 12.79
C ASN A 355 -1.70 -12.49 13.54
N TYR A 356 -2.51 -13.54 13.59
CA TYR A 356 -2.17 -14.79 14.26
C TYR A 356 -2.13 -14.68 15.77
N ASN A 357 -2.69 -13.60 16.31
CA ASN A 357 -2.70 -13.38 17.76
C ASN A 357 -4.09 -13.58 18.35
N LEU A 358 -5.01 -14.10 17.55
CA LEU A 358 -6.36 -14.33 18.05
C LEU A 358 -6.79 -15.76 17.77
N LYS A 359 -6.69 -16.60 18.79
CA LYS A 359 -7.09 -17.99 18.66
C LYS A 359 -8.59 -18.04 18.96
N VAL A 360 -9.37 -18.52 18.00
CA VAL A 360 -10.83 -18.61 18.15
C VAL A 360 -11.29 -20.05 18.42
N LYS A 361 -12.21 -20.18 19.38
CA LYS A 361 -12.74 -21.49 19.75
C LYS A 361 -14.26 -21.56 19.57
N VAL A 362 -14.73 -22.71 19.11
CA VAL A 362 -16.15 -22.92 18.89
C VAL A 362 -16.81 -23.65 20.04
N LEU A 363 -17.93 -23.12 20.49
CA LEU A 363 -18.66 -23.74 21.59
C LEU A 363 -20.13 -23.88 21.21
N PHE A 364 -20.68 -25.08 21.41
CA PHE A 364 -22.06 -25.34 21.07
C PHE A 364 -23.02 -25.24 22.26
N ASP A 365 -23.97 -24.31 22.17
CA ASP A 365 -24.95 -24.09 23.22
C ASP A 365 -24.37 -23.59 24.53
N LYS A 366 -23.18 -23.02 24.47
CA LYS A 366 -22.57 -22.48 25.68
C LYS A 366 -23.58 -21.50 26.27
N ASP A 367 -23.47 -21.26 27.58
CA ASP A 367 -24.37 -20.33 28.26
C ASP A 367 -25.82 -20.42 27.77
N VAL A 368 -26.42 -21.60 27.88
CA VAL A 368 -27.81 -21.77 27.46
C VAL A 368 -28.65 -22.22 28.65
N ASN A 369 -29.78 -21.56 28.85
CA ASN A 369 -30.68 -21.88 29.97
C ASN A 369 -31.36 -23.22 29.75
N GLU A 370 -32.03 -23.34 28.60
CA GLU A 370 -32.75 -24.56 28.22
C GLU A 370 -31.97 -25.83 28.50
N ARG A 371 -30.65 -25.72 28.59
CA ARG A 371 -29.81 -26.88 28.86
C ARG A 371 -30.29 -27.47 30.17
N ASN A 372 -30.96 -26.62 30.95
CA ASN A 372 -31.52 -26.97 32.25
C ASN A 372 -32.98 -26.49 32.25
N THR A 373 -33.20 -25.24 31.85
CA THR A 373 -34.54 -24.66 31.79
C THR A 373 -35.51 -25.60 31.09
N VAL A 374 -35.45 -25.63 29.76
CA VAL A 374 -36.33 -26.49 28.99
C VAL A 374 -36.12 -27.97 29.28
N LYS A 375 -37.23 -28.70 29.39
CA LYS A 375 -37.20 -30.13 29.66
C LYS A 375 -36.83 -30.89 28.39
N GLY A 376 -36.10 -31.99 28.58
CA GLY A 376 -35.69 -32.81 27.44
C GLY A 376 -34.72 -32.15 26.47
N PHE A 377 -34.76 -30.81 26.38
CA PHE A 377 -33.89 -30.05 25.49
C PHE A 377 -32.66 -30.87 25.11
N ARG A 378 -32.64 -31.37 23.88
CA ARG A 378 -31.53 -32.18 23.40
C ARG A 378 -30.21 -31.43 23.55
N LYS A 379 -29.11 -32.19 23.62
CA LYS A 379 -27.80 -31.59 23.74
C LYS A 379 -26.84 -32.33 22.81
N PHE A 380 -26.04 -31.57 22.05
CA PHE A 380 -25.09 -32.15 21.11
C PHE A 380 -23.67 -31.67 21.38
N ASN A 381 -22.70 -32.30 20.72
CA ASN A 381 -21.30 -31.94 20.89
C ASN A 381 -20.55 -31.85 19.56
N ILE A 382 -19.75 -30.78 19.40
CA ILE A 382 -18.95 -30.56 18.20
C ILE A 382 -17.86 -31.62 18.09
N LEU A 383 -17.46 -31.98 16.88
CA LEU A 383 -16.45 -33.02 16.77
C LEU A 383 -15.17 -32.68 16.05
N GLY A 384 -15.25 -31.86 15.02
CA GLY A 384 -14.04 -31.53 14.28
C GLY A 384 -13.02 -30.66 15.03
N THR A 385 -12.38 -29.76 14.30
CA THR A 385 -11.40 -28.84 14.84
C THR A 385 -12.12 -27.72 15.60
N HIS A 386 -11.88 -27.64 16.90
CA HIS A 386 -12.56 -26.64 17.72
C HIS A 386 -11.95 -25.26 17.72
N THR A 387 -10.68 -25.18 17.34
CA THR A 387 -10.02 -23.88 17.33
C THR A 387 -9.30 -23.57 16.03
N LYS A 388 -9.32 -22.29 15.69
CA LYS A 388 -8.70 -21.81 14.46
C LYS A 388 -8.14 -20.41 14.74
N VAL A 389 -7.01 -20.07 14.12
CA VAL A 389 -6.40 -18.75 14.32
C VAL A 389 -6.70 -17.82 13.17
N MET A 390 -7.14 -16.62 13.49
CA MET A 390 -7.49 -15.62 12.47
C MET A 390 -6.28 -15.17 11.67
N ASN A 391 -6.33 -15.39 10.35
CA ASN A 391 -5.26 -14.99 9.44
C ASN A 391 -5.77 -13.92 8.50
N MET A 392 -4.85 -13.41 7.70
CA MET A 392 -5.17 -12.42 6.68
C MET A 392 -5.36 -13.26 5.43
N GLU A 393 -6.26 -12.81 4.57
CA GLU A 393 -6.50 -13.52 3.32
C GLU A 393 -6.86 -12.50 2.26
N GLU A 394 -5.96 -12.42 1.28
CA GLU A 394 -6.08 -11.49 0.17
C GLU A 394 -7.38 -11.40 -0.59
N SER A 395 -8.14 -10.35 -0.26
CA SER A 395 -9.39 -10.03 -0.93
C SER A 395 -8.81 -8.89 -1.76
N THR A 396 -9.58 -7.83 -1.95
CA THR A 396 -9.04 -6.68 -2.69
C THR A 396 -8.54 -5.76 -1.57
N ASN A 397 -8.82 -6.18 -0.34
CA ASN A 397 -8.46 -5.45 0.86
C ASN A 397 -8.05 -6.44 1.94
N GLY A 398 -8.01 -7.72 1.57
CA GLY A 398 -7.67 -8.75 2.53
C GLY A 398 -8.77 -8.76 3.58
N SER A 399 -8.49 -9.34 4.74
CA SER A 399 -9.45 -9.40 5.83
C SER A 399 -8.87 -10.30 6.91
N LEU A 400 -9.23 -10.03 8.16
CA LEU A 400 -8.73 -10.82 9.26
C LEU A 400 -9.83 -11.79 9.68
N ALA A 401 -9.68 -13.05 9.29
CA ALA A 401 -10.73 -13.99 9.63
C ALA A 401 -10.36 -15.43 9.73
N ALA A 402 -11.09 -16.12 10.59
CA ALA A 402 -10.90 -17.54 10.80
C ALA A 402 -12.13 -18.22 10.21
N GLU A 403 -11.94 -19.37 9.59
CA GLU A 403 -13.06 -20.08 8.99
C GLU A 403 -13.01 -21.52 9.48
N PHE A 404 -14.18 -22.09 9.75
CA PHE A 404 -14.21 -23.45 10.22
C PHE A 404 -14.81 -24.46 9.27
N ARG A 405 -13.95 -25.22 8.60
CA ARG A 405 -14.41 -26.31 7.75
C ARG A 405 -14.19 -27.37 8.79
N HIS A 406 -14.75 -28.55 8.61
CA HIS A 406 -14.52 -29.62 9.60
C HIS A 406 -15.17 -29.41 10.97
N LEU A 407 -16.49 -29.48 10.99
CA LEU A 407 -17.27 -29.38 12.20
C LEU A 407 -18.34 -30.42 11.93
N GLN A 408 -18.65 -31.19 12.97
CA GLN A 408 -19.63 -32.25 12.87
C GLN A 408 -20.47 -32.14 14.15
N LEU A 409 -21.77 -32.36 14.06
CA LEU A 409 -22.57 -32.33 15.27
C LEU A 409 -22.84 -33.77 15.65
N LYS A 410 -22.94 -34.03 16.94
CA LYS A 410 -23.21 -35.38 17.44
C LYS A 410 -24.15 -35.41 18.61
N GLU A 411 -25.10 -36.33 18.55
CA GLU A 411 -26.12 -36.51 19.57
C GLU A 411 -25.58 -37.29 20.77
N GLN A 412 -25.64 -36.62 21.91
CA GLN A 412 -25.18 -37.16 23.18
C GLN A 412 -26.40 -37.67 23.94
N LYS A 413 -26.88 -38.86 23.59
CA LYS A 413 -28.05 -39.41 24.25
C LYS A 413 -27.99 -40.94 24.32
N ASN A 414 -29.17 -41.56 24.39
CA ASN A 414 -29.32 -43.02 24.45
C ASN A 414 -30.77 -43.41 24.77
N ILE A 425 -42.12 -28.68 23.05
CA ILE A 425 -42.02 -28.50 21.60
C ILE A 425 -41.29 -29.67 20.94
N VAL A 426 -41.39 -29.76 19.61
CA VAL A 426 -40.72 -30.82 18.88
C VAL A 426 -39.41 -30.26 18.35
N THR A 427 -38.79 -30.98 17.41
CA THR A 427 -37.50 -30.61 16.81
C THR A 427 -37.28 -29.14 16.40
N GLU A 428 -38.13 -28.25 16.89
CA GLU A 428 -37.98 -26.83 16.60
C GLU A 428 -37.17 -26.15 17.72
N GLU A 429 -36.40 -26.93 18.47
CA GLU A 429 -35.60 -26.34 19.53
C GLU A 429 -34.36 -25.65 18.96
N LEU A 430 -34.12 -24.40 19.34
CA LEU A 430 -32.97 -23.68 18.83
C LEU A 430 -31.75 -23.82 19.72
N HIS A 431 -30.59 -23.91 19.07
CA HIS A 431 -29.29 -24.00 19.72
C HIS A 431 -28.44 -22.93 19.08
N SER A 432 -27.25 -22.67 19.62
CA SER A 432 -26.38 -21.64 19.03
C SER A 432 -24.90 -21.99 19.12
N LEU A 433 -24.15 -21.47 18.15
CA LEU A 433 -22.71 -21.68 18.09
C LEU A 433 -22.03 -20.44 18.65
N SER A 434 -21.06 -20.69 19.54
CA SER A 434 -20.30 -19.63 20.19
C SER A 434 -18.84 -19.61 19.73
N PHE A 435 -18.34 -18.39 19.58
CA PHE A 435 -16.98 -18.14 19.15
C PHE A 435 -16.26 -17.21 20.13
N GLU A 436 -15.22 -17.75 20.76
CA GLU A 436 -14.43 -17.01 21.72
C GLU A 436 -13.00 -16.86 21.25
N THR A 437 -12.42 -15.72 21.59
CA THR A 437 -11.04 -15.44 21.25
C THR A 437 -10.63 -14.35 22.20
N GLN A 438 -9.34 -13.98 22.17
CA GLN A 438 -8.85 -12.95 23.07
C GLN A 438 -7.60 -12.28 22.52
N LEU A 439 -7.46 -10.97 22.77
CA LEU A 439 -6.31 -10.22 22.31
C LEU A 439 -5.29 -10.07 23.45
N CYS A 440 -4.09 -10.61 23.25
CA CYS A 440 -3.04 -10.54 24.25
C CYS A 440 -1.89 -9.68 23.77
N GLN A 441 -1.61 -8.59 24.50
CA GLN A 441 -0.53 -7.68 24.14
C GLN A 441 0.06 -7.09 25.43
N PRO A 442 0.95 -6.08 25.32
CA PRO A 442 1.53 -5.53 26.55
C PRO A 442 0.48 -4.97 27.51
N GLY A 443 0.40 -5.59 28.70
CA GLY A 443 -0.55 -5.16 29.70
C GLY A 443 -1.90 -4.83 29.10
N LEU A 444 -2.19 -5.49 27.98
CA LEU A 444 -3.45 -5.29 27.28
C LEU A 444 -4.07 -6.67 26.99
N VAL A 445 -5.30 -6.86 27.46
CA VAL A 445 -5.99 -8.12 27.23
C VAL A 445 -7.49 -7.90 27.06
N ILE A 446 -8.00 -8.29 25.89
CA ILE A 446 -9.41 -8.15 25.61
C ILE A 446 -9.97 -9.48 25.16
N ASP A 447 -11.13 -9.81 25.72
CA ASP A 447 -11.79 -11.05 25.38
C ASP A 447 -12.86 -10.75 24.35
N LEU A 448 -12.85 -11.53 23.27
CA LEU A 448 -13.82 -11.40 22.19
C LEU A 448 -14.69 -12.63 22.14
N GLU A 449 -15.96 -12.40 21.89
CA GLU A 449 -16.93 -13.48 21.81
C GLU A 449 -18.14 -13.02 21.02
N THR A 450 -18.74 -13.96 20.30
CA THR A 450 -19.92 -13.66 19.48
C THR A 450 -20.57 -14.99 19.11
N THR A 451 -21.84 -14.96 18.74
CA THR A 451 -22.50 -16.20 18.38
C THR A 451 -23.27 -16.08 17.09
N SER A 452 -23.47 -17.23 16.44
CA SER A 452 -24.20 -17.30 15.19
C SER A 452 -25.67 -17.15 15.48
N LEU A 453 -26.46 -17.10 14.41
CA LEU A 453 -27.90 -17.02 14.57
C LEU A 453 -28.33 -18.38 15.11
N PRO A 454 -29.51 -18.46 15.73
CA PRO A 454 -29.95 -19.75 16.26
C PRO A 454 -29.92 -20.83 15.19
N VAL A 455 -29.64 -22.04 15.61
CA VAL A 455 -29.52 -23.17 14.73
C VAL A 455 -30.55 -24.22 15.04
N VAL A 456 -30.81 -25.11 14.08
CA VAL A 456 -31.74 -26.20 14.27
C VAL A 456 -30.99 -27.49 13.90
N VAL A 457 -30.99 -28.44 14.82
CA VAL A 457 -30.29 -29.70 14.58
C VAL A 457 -31.29 -30.79 14.25
N ILE A 458 -30.99 -31.60 13.26
CA ILE A 458 -31.91 -32.65 12.87
C ILE A 458 -31.18 -33.95 12.67
N SER A 459 -31.92 -35.05 12.68
CA SER A 459 -31.33 -36.37 12.50
C SER A 459 -31.46 -36.91 11.09
N ASN A 460 -32.58 -36.61 10.44
CA ASN A 460 -32.82 -37.08 9.09
C ASN A 460 -33.25 -35.99 8.11
N VAL A 461 -32.83 -36.18 6.86
CA VAL A 461 -33.13 -35.25 5.76
C VAL A 461 -34.58 -34.80 5.75
N SER A 462 -35.49 -35.74 5.98
CA SER A 462 -36.92 -35.48 6.00
C SER A 462 -37.32 -34.26 6.85
N GLN A 463 -36.43 -33.82 7.73
CA GLN A 463 -36.75 -32.70 8.61
C GLN A 463 -36.37 -31.34 8.07
N LEU A 464 -35.50 -31.33 7.08
CA LEU A 464 -35.05 -30.07 6.49
C LEU A 464 -36.18 -29.10 6.22
N PRO A 465 -37.20 -29.53 5.48
CA PRO A 465 -38.32 -28.62 5.16
C PRO A 465 -38.89 -27.96 6.41
N SER A 466 -39.22 -28.81 7.38
CA SER A 466 -39.78 -28.37 8.65
C SER A 466 -38.76 -27.46 9.34
N GLY A 467 -37.53 -27.95 9.49
CA GLY A 467 -36.52 -27.14 10.13
C GLY A 467 -36.41 -25.78 9.49
N TRP A 468 -36.31 -25.79 8.16
CA TRP A 468 -36.18 -24.54 7.42
C TRP A 468 -37.33 -23.60 7.78
N ALA A 469 -38.49 -24.20 8.03
CA ALA A 469 -39.69 -23.42 8.37
C ALA A 469 -39.41 -22.57 9.61
N SER A 470 -38.83 -23.21 10.63
CA SER A 470 -38.49 -22.54 11.87
C SER A 470 -37.56 -21.37 11.55
N ILE A 471 -36.40 -21.67 10.95
CA ILE A 471 -35.43 -20.65 10.59
C ILE A 471 -36.11 -19.49 9.88
N LEU A 472 -37.01 -19.84 8.97
CA LEU A 472 -37.78 -18.86 8.23
C LEU A 472 -38.56 -17.96 9.19
N TRP A 473 -39.31 -18.60 10.09
CA TRP A 473 -40.09 -17.83 11.04
C TRP A 473 -39.18 -16.97 11.91
N TYR A 474 -38.28 -17.64 12.62
CA TYR A 474 -37.36 -16.94 13.52
C TYR A 474 -36.75 -15.70 12.87
N ASN A 475 -36.03 -15.89 11.78
CA ASN A 475 -35.38 -14.76 11.14
C ASN A 475 -36.25 -13.71 10.50
N MET A 476 -37.48 -14.08 10.18
CA MET A 476 -38.36 -13.11 9.56
C MET A 476 -38.87 -12.15 10.64
N LEU A 477 -38.97 -12.65 11.86
CA LEU A 477 -39.51 -11.84 12.95
C LEU A 477 -38.53 -11.28 14.00
N VAL A 478 -37.61 -12.10 14.50
CA VAL A 478 -36.63 -11.66 15.50
C VAL A 478 -35.48 -10.87 14.86
N ALA A 479 -34.71 -10.17 15.69
CA ALA A 479 -33.56 -9.40 15.24
C ALA A 479 -32.33 -9.81 16.05
N GLU A 480 -32.55 -10.34 17.25
CA GLU A 480 -31.48 -10.78 18.14
C GLU A 480 -30.88 -12.08 17.65
N PRO A 481 -29.68 -12.40 18.14
CA PRO A 481 -28.92 -13.61 17.80
C PRO A 481 -29.15 -14.72 18.82
N ARG A 482 -29.80 -14.37 19.93
CA ARG A 482 -30.06 -15.35 20.98
C ARG A 482 -31.40 -15.22 21.68
N ASN A 483 -32.02 -16.37 21.95
CA ASN A 483 -33.28 -16.56 22.72
C ASN A 483 -33.42 -18.04 22.82
N LEU A 484 -33.22 -18.71 21.70
CA LEU A 484 -33.29 -20.17 21.61
C LEU A 484 -34.61 -20.75 22.15
N SER A 485 -35.46 -19.89 22.71
CA SER A 485 -36.74 -20.31 23.27
C SER A 485 -37.86 -19.62 22.52
N PHE A 486 -37.50 -19.05 21.36
CA PHE A 486 -38.42 -18.33 20.48
C PHE A 486 -39.76 -19.06 20.26
N PHE A 487 -39.68 -20.36 20.06
CA PHE A 487 -40.88 -21.16 19.80
C PHE A 487 -41.62 -21.63 21.04
N LEU A 488 -42.07 -20.68 21.85
CA LEU A 488 -42.83 -20.98 23.05
C LEU A 488 -43.98 -20.00 23.01
N THR A 489 -43.74 -18.90 22.32
CA THR A 489 -44.72 -17.86 22.15
C THR A 489 -44.52 -17.28 20.76
N PRO A 490 -44.35 -18.14 19.74
CA PRO A 490 -44.14 -17.72 18.36
C PRO A 490 -44.97 -16.51 17.94
N PRO A 491 -44.30 -15.39 17.62
CA PRO A 491 -45.04 -14.20 17.21
C PRO A 491 -45.90 -14.54 16.00
N CYS A 492 -46.52 -13.53 15.42
CA CYS A 492 -47.35 -13.75 14.25
C CYS A 492 -46.62 -13.02 13.16
N ALA A 493 -47.09 -13.17 11.93
CA ALA A 493 -46.44 -12.50 10.81
C ALA A 493 -47.39 -11.62 10.03
N ARG A 494 -46.94 -10.42 9.71
CA ARG A 494 -47.77 -9.52 8.92
C ARG A 494 -47.67 -10.06 7.50
N TRP A 495 -48.81 -10.45 6.94
CA TRP A 495 -48.84 -11.00 5.58
C TRP A 495 -47.95 -10.22 4.62
N ALA A 496 -47.96 -8.89 4.75
CA ALA A 496 -47.16 -8.04 3.88
C ALA A 496 -45.73 -8.53 3.96
N GLN A 497 -45.40 -9.15 5.09
CA GLN A 497 -44.06 -9.67 5.32
C GLN A 497 -43.89 -11.15 4.95
N LEU A 498 -44.84 -12.00 5.36
CA LEU A 498 -44.75 -13.42 5.06
C LEU A 498 -44.75 -13.61 3.54
N SER A 499 -45.56 -12.82 2.87
CA SER A 499 -45.69 -12.92 1.42
C SER A 499 -44.36 -12.72 0.72
N GLU A 500 -43.64 -11.68 1.13
CA GLU A 500 -42.34 -11.40 0.53
C GLU A 500 -41.39 -12.59 0.72
N VAL A 501 -41.22 -13.00 1.96
CA VAL A 501 -40.38 -14.14 2.30
C VAL A 501 -40.71 -15.37 1.44
N LEU A 502 -42.00 -15.58 1.17
CA LEU A 502 -42.44 -16.70 0.33
C LEU A 502 -41.96 -16.55 -1.10
N SER A 503 -42.23 -15.38 -1.69
CA SER A 503 -41.80 -15.12 -3.05
C SER A 503 -40.34 -15.52 -3.09
N TRP A 504 -39.58 -15.01 -2.12
CA TRP A 504 -38.15 -15.28 -1.99
C TRP A 504 -37.80 -16.76 -2.07
N GLN A 505 -38.58 -17.58 -1.38
CA GLN A 505 -38.34 -19.02 -1.39
C GLN A 505 -38.32 -19.54 -2.80
N PHE A 506 -39.10 -18.91 -3.68
CA PHE A 506 -39.16 -19.32 -5.07
C PHE A 506 -38.03 -18.67 -5.85
N SER A 507 -37.91 -17.36 -5.69
CA SER A 507 -36.91 -16.58 -6.38
C SER A 507 -35.50 -16.90 -5.93
N SER A 508 -35.26 -18.14 -5.51
CA SER A 508 -33.94 -18.54 -5.06
C SER A 508 -33.66 -19.99 -5.39
N VAL A 509 -34.68 -20.71 -5.82
CA VAL A 509 -34.54 -22.11 -6.20
C VAL A 509 -34.80 -22.11 -7.70
N THR A 510 -35.45 -21.04 -8.16
CA THR A 510 -35.77 -20.85 -9.58
C THR A 510 -35.36 -19.44 -9.99
N LYS A 511 -35.60 -19.11 -11.26
CA LYS A 511 -35.25 -17.80 -11.76
C LYS A 511 -36.36 -16.80 -11.60
N ARG A 512 -37.47 -17.21 -11.01
CA ARG A 512 -38.56 -16.27 -10.81
C ARG A 512 -39.33 -16.51 -9.51
N GLY A 513 -39.77 -15.42 -8.89
CA GLY A 513 -40.52 -15.50 -7.65
C GLY A 513 -42.02 -15.56 -7.84
N LEU A 514 -42.75 -15.11 -6.81
CA LEU A 514 -44.21 -15.12 -6.86
C LEU A 514 -44.69 -13.72 -7.19
N ASN A 515 -45.84 -13.64 -7.84
CA ASN A 515 -46.36 -12.33 -8.18
C ASN A 515 -47.63 -12.01 -7.41
N VAL A 516 -48.13 -10.80 -7.65
CA VAL A 516 -49.32 -10.32 -6.99
C VAL A 516 -50.44 -11.35 -6.97
N ASP A 517 -50.89 -11.76 -8.16
CA ASP A 517 -51.97 -12.75 -8.26
C ASP A 517 -51.67 -14.03 -7.47
N GLN A 518 -50.48 -14.59 -7.69
CA GLN A 518 -50.10 -15.81 -7.00
C GLN A 518 -50.12 -15.59 -5.49
N LEU A 519 -49.54 -14.47 -5.06
CA LEU A 519 -49.49 -14.11 -3.65
C LEU A 519 -50.87 -13.98 -3.03
N ASN A 520 -51.76 -13.26 -3.71
CA ASN A 520 -53.13 -13.08 -3.22
C ASN A 520 -53.80 -14.40 -2.90
N MET A 521 -53.79 -15.34 -3.83
CA MET A 521 -54.42 -16.63 -3.57
C MET A 521 -53.87 -17.16 -2.24
N LEU A 522 -52.55 -17.06 -2.08
CA LEU A 522 -51.88 -17.51 -0.86
C LEU A 522 -52.28 -16.63 0.33
N GLY A 523 -52.52 -15.35 0.08
CA GLY A 523 -52.92 -14.46 1.16
C GLY A 523 -54.16 -15.02 1.81
N GLU A 524 -55.23 -15.08 1.02
CA GLU A 524 -56.49 -15.60 1.47
C GLU A 524 -56.40 -16.98 2.13
N LYS A 525 -55.69 -17.93 1.50
CA LYS A 525 -55.60 -19.26 2.08
C LYS A 525 -54.98 -19.22 3.46
N LEU A 526 -54.75 -18.01 3.95
CA LEU A 526 -54.18 -17.84 5.27
C LEU A 526 -55.03 -16.85 6.08
N LEU A 527 -55.43 -15.75 5.46
CA LEU A 527 -56.22 -14.73 6.15
C LEU A 527 -57.69 -14.73 5.76
N GLY A 528 -58.14 -15.78 5.06
CA GLY A 528 -59.52 -15.84 4.64
C GLY A 528 -59.78 -14.90 3.47
N PRO A 529 -60.98 -14.30 3.36
CA PRO A 529 -61.27 -13.40 2.25
C PRO A 529 -60.80 -11.98 2.50
N ASN A 530 -60.92 -11.53 3.75
CA ASN A 530 -60.49 -10.17 4.10
C ASN A 530 -58.97 -10.07 4.19
N ALA A 531 -58.29 -10.48 3.13
CA ALA A 531 -56.83 -10.44 3.09
C ALA A 531 -56.33 -9.02 3.17
N SER A 532 -55.45 -8.76 4.12
CA SER A 532 -54.88 -7.43 4.30
C SER A 532 -53.37 -7.47 4.40
N PRO A 533 -52.71 -6.42 3.91
CA PRO A 533 -51.25 -6.31 3.95
C PRO A 533 -50.81 -6.35 5.41
N ASP A 534 -51.76 -6.01 6.28
CA ASP A 534 -51.49 -5.99 7.71
C ASP A 534 -52.15 -7.16 8.43
N GLY A 535 -52.44 -8.22 7.68
CA GLY A 535 -53.03 -9.39 8.28
C GLY A 535 -52.02 -9.91 9.29
N LEU A 536 -52.31 -11.02 9.95
CA LEU A 536 -51.37 -11.56 10.91
C LEU A 536 -51.46 -13.06 11.00
N ILE A 537 -50.40 -13.72 10.58
CA ILE A 537 -50.40 -15.17 10.60
C ILE A 537 -49.63 -15.79 11.75
N PRO A 538 -50.32 -16.59 12.57
CA PRO A 538 -49.73 -17.28 13.72
C PRO A 538 -48.73 -18.29 13.18
N TRP A 539 -47.71 -18.66 13.95
CA TRP A 539 -46.76 -19.64 13.45
C TRP A 539 -47.39 -21.02 13.30
N THR A 540 -48.52 -21.24 13.99
CA THR A 540 -49.25 -22.52 13.96
C THR A 540 -50.00 -22.69 12.64
N ARG A 541 -50.36 -21.55 12.05
CA ARG A 541 -51.07 -21.52 10.79
C ARG A 541 -50.05 -21.51 9.66
N PHE A 542 -48.81 -21.91 9.96
CA PHE A 542 -47.73 -21.94 8.96
C PHE A 542 -47.06 -23.30 8.86
N CYS A 543 -46.55 -23.81 9.98
CA CYS A 543 -45.92 -25.12 9.96
C CYS A 543 -46.65 -26.04 10.93
N LYS A 544 -47.86 -25.64 11.32
CA LYS A 544 -48.67 -26.43 12.24
C LYS A 544 -50.10 -26.61 11.75
N LYS A 550 -57.22 -31.95 8.28
CA LYS A 550 -56.72 -33.22 8.80
C LYS A 550 -55.42 -33.67 8.14
N ASN A 551 -55.04 -33.01 7.04
CA ASN A 551 -53.81 -33.33 6.32
C ASN A 551 -52.74 -32.26 6.48
N PHE A 552 -51.50 -32.59 6.09
CA PHE A 552 -50.38 -31.68 6.28
C PHE A 552 -50.60 -30.19 5.99
N PRO A 553 -49.86 -29.33 6.72
CA PRO A 553 -49.85 -27.86 6.70
C PRO A 553 -49.44 -27.13 5.46
N PHE A 554 -49.38 -25.83 5.65
CA PHE A 554 -49.03 -24.89 4.63
C PHE A 554 -47.60 -25.03 4.17
N TRP A 555 -46.65 -24.53 4.96
CA TRP A 555 -45.27 -24.63 4.52
C TRP A 555 -44.91 -25.99 3.93
N LEU A 556 -45.22 -27.08 4.64
CA LEU A 556 -44.88 -28.38 4.11
C LEU A 556 -45.45 -28.58 2.71
N TRP A 557 -46.59 -27.92 2.48
CA TRP A 557 -47.31 -27.95 1.21
C TRP A 557 -46.55 -27.12 0.15
N ILE A 558 -46.37 -25.83 0.47
CA ILE A 558 -45.65 -24.91 -0.40
C ILE A 558 -44.28 -25.51 -0.72
N GLU A 559 -43.68 -26.08 0.31
CA GLU A 559 -42.38 -26.71 0.15
C GLU A 559 -42.45 -27.73 -0.99
N SER A 560 -43.23 -28.80 -0.79
CA SER A 560 -43.32 -29.85 -1.80
C SER A 560 -43.68 -29.38 -3.23
N ILE A 561 -44.15 -28.15 -3.37
CA ILE A 561 -44.45 -27.67 -4.72
C ILE A 561 -43.10 -27.29 -5.33
N LEU A 562 -42.32 -26.54 -4.56
CA LEU A 562 -40.99 -26.12 -4.97
C LEU A 562 -40.19 -27.38 -5.31
N GLU A 563 -40.47 -28.46 -4.59
CA GLU A 563 -39.79 -29.72 -4.86
C GLU A 563 -40.19 -30.15 -6.27
N LEU A 564 -41.49 -30.21 -6.51
CA LEU A 564 -42.02 -30.61 -7.80
C LEU A 564 -41.50 -29.69 -8.87
N ILE A 565 -41.68 -28.39 -8.68
CA ILE A 565 -41.21 -27.42 -9.67
C ILE A 565 -39.75 -27.72 -10.02
N LYS A 566 -38.94 -27.81 -8.98
CA LYS A 566 -37.52 -28.07 -9.15
C LYS A 566 -37.22 -29.30 -10.00
N LYS A 567 -37.64 -30.47 -9.56
CA LYS A 567 -37.35 -31.69 -10.29
C LYS A 567 -38.24 -32.07 -11.45
N HIS A 568 -39.17 -31.20 -11.86
CA HIS A 568 -40.07 -31.58 -12.95
C HIS A 568 -40.73 -30.47 -13.74
N LEU A 569 -40.55 -29.20 -13.36
CA LEU A 569 -41.23 -28.14 -14.10
C LEU A 569 -40.44 -26.84 -14.23
N LEU A 570 -39.12 -26.90 -13.99
CA LEU A 570 -38.33 -25.68 -14.04
C LEU A 570 -38.51 -24.78 -15.25
N PRO A 571 -38.23 -25.29 -16.46
CA PRO A 571 -38.42 -24.46 -17.65
C PRO A 571 -39.84 -23.90 -17.75
N LEU A 572 -40.84 -24.78 -17.63
CA LEU A 572 -42.24 -24.36 -17.68
C LEU A 572 -42.50 -23.25 -16.66
N TRP A 573 -42.01 -23.45 -15.45
CA TRP A 573 -42.20 -22.48 -14.38
C TRP A 573 -41.45 -21.17 -14.65
N ASN A 574 -40.18 -21.30 -15.04
CA ASN A 574 -39.34 -20.14 -15.30
C ASN A 574 -39.89 -19.27 -16.39
N ASP A 575 -40.32 -19.90 -17.47
CA ASP A 575 -40.85 -19.17 -18.59
C ASP A 575 -42.24 -18.62 -18.33
N GLY A 576 -42.67 -18.70 -17.08
CA GLY A 576 -43.98 -18.19 -16.70
C GLY A 576 -45.16 -18.86 -17.37
N CYS A 577 -44.95 -20.08 -17.88
CA CYS A 577 -46.05 -20.76 -18.54
C CYS A 577 -46.91 -21.53 -17.53
N ILE A 578 -46.78 -21.16 -16.25
CA ILE A 578 -47.57 -21.74 -15.13
C ILE A 578 -48.19 -20.67 -14.21
N MET A 579 -49.50 -20.72 -14.04
CA MET A 579 -50.19 -19.78 -13.17
C MET A 579 -49.92 -20.23 -11.74
N GLY A 580 -49.87 -21.54 -11.53
CA GLY A 580 -49.58 -22.10 -10.22
C GLY A 580 -50.56 -21.91 -9.08
N PHE A 581 -50.84 -20.65 -8.74
CA PHE A 581 -51.76 -20.32 -7.65
C PHE A 581 -52.98 -19.50 -7.98
N ILE A 582 -54.10 -20.17 -8.19
CA ILE A 582 -55.38 -19.50 -8.45
C ILE A 582 -56.30 -20.31 -7.58
N SER A 583 -57.35 -19.65 -7.11
CA SER A 583 -58.37 -20.31 -6.30
C SER A 583 -59.32 -20.93 -7.33
N LYS A 584 -59.96 -22.04 -6.99
CA LYS A 584 -60.88 -22.63 -7.92
C LYS A 584 -61.92 -21.56 -8.24
N GLU A 585 -62.07 -20.63 -7.31
CA GLU A 585 -63.02 -19.52 -7.43
C GLU A 585 -62.63 -18.56 -8.55
N ARG A 586 -61.41 -18.03 -8.44
CA ARG A 586 -60.88 -17.10 -9.42
C ARG A 586 -60.56 -17.87 -10.69
N GLU A 587 -60.47 -19.19 -10.54
CA GLU A 587 -60.18 -20.12 -11.63
C GLU A 587 -61.20 -19.90 -12.76
N ARG A 588 -62.48 -20.17 -12.48
CA ARG A 588 -63.52 -19.99 -13.49
C ARG A 588 -63.63 -18.51 -13.80
N ALA A 589 -63.41 -17.68 -12.79
CA ALA A 589 -63.46 -16.24 -12.96
C ALA A 589 -62.91 -15.88 -14.33
N LEU A 590 -61.64 -16.26 -14.56
CA LEU A 590 -60.98 -15.98 -15.82
C LEU A 590 -61.41 -16.94 -16.91
N LEU A 591 -61.69 -18.18 -16.54
CA LEU A 591 -62.07 -19.17 -17.54
C LEU A 591 -63.48 -19.04 -18.07
N LYS A 592 -64.34 -18.32 -17.36
CA LYS A 592 -65.70 -18.12 -17.85
C LYS A 592 -65.54 -17.21 -19.07
N ASP A 593 -66.46 -17.27 -20.02
CA ASP A 593 -66.36 -16.43 -21.23
C ASP A 593 -64.91 -16.38 -21.71
N GLN A 594 -64.52 -17.37 -22.50
CA GLN A 594 -63.17 -17.42 -22.98
C GLN A 594 -63.10 -18.45 -24.08
N GLN A 595 -62.05 -18.39 -24.89
CA GLN A 595 -61.86 -19.32 -25.99
C GLN A 595 -62.08 -20.76 -25.54
N PRO A 596 -63.05 -21.46 -26.15
CA PRO A 596 -63.33 -22.85 -25.78
C PRO A 596 -62.11 -23.72 -25.41
N GLY A 597 -61.12 -23.78 -26.28
CA GLY A 597 -59.95 -24.59 -25.97
C GLY A 597 -59.21 -24.24 -24.68
N THR A 598 -58.90 -22.96 -24.50
CA THR A 598 -58.19 -22.41 -23.35
C THR A 598 -58.14 -23.20 -22.01
N PHE A 599 -56.92 -23.49 -21.54
CA PHE A 599 -56.72 -24.22 -20.30
C PHE A 599 -55.77 -23.50 -19.35
N LEU A 600 -55.72 -23.98 -18.11
CA LEU A 600 -54.92 -23.35 -17.08
C LEU A 600 -54.06 -24.31 -16.28
N LEU A 601 -52.85 -23.87 -15.96
CA LEU A 601 -51.93 -24.69 -15.18
C LEU A 601 -51.84 -24.21 -13.73
N ARG A 602 -52.20 -25.09 -12.80
CA ARG A 602 -52.11 -24.74 -11.39
C ARG A 602 -51.61 -25.89 -10.54
N PHE A 603 -51.18 -25.56 -9.33
CA PHE A 603 -50.68 -26.54 -8.38
C PHE A 603 -51.87 -26.98 -7.55
N SER A 604 -51.92 -28.26 -7.23
CA SER A 604 -53.01 -28.79 -6.42
C SER A 604 -52.91 -28.31 -4.96
N GLU A 605 -54.05 -28.10 -4.31
CA GLU A 605 -54.04 -27.69 -2.92
C GLU A 605 -54.25 -28.93 -2.04
N SER A 606 -54.81 -29.96 -2.66
CA SER A 606 -55.12 -31.24 -2.04
C SER A 606 -53.95 -32.14 -1.73
N SER A 607 -53.19 -32.48 -2.76
CA SER A 607 -52.06 -33.39 -2.61
C SER A 607 -51.07 -33.06 -1.53
N ARG A 608 -50.65 -34.10 -0.81
CA ARG A 608 -49.68 -33.95 0.25
C ARG A 608 -48.38 -34.54 -0.28
N GLU A 609 -48.13 -34.29 -1.56
CA GLU A 609 -46.92 -34.77 -2.23
C GLU A 609 -46.44 -33.69 -3.16
N GLY A 610 -47.37 -32.83 -3.58
CA GLY A 610 -47.05 -31.78 -4.52
C GLY A 610 -47.33 -32.29 -5.93
N ALA A 611 -48.30 -31.66 -6.59
CA ALA A 611 -48.71 -32.05 -7.94
C ALA A 611 -49.35 -30.87 -8.64
N ILE A 612 -49.35 -30.91 -9.98
CA ILE A 612 -49.98 -29.85 -10.79
C ILE A 612 -51.17 -30.48 -11.48
N THR A 613 -52.05 -29.63 -11.99
CA THR A 613 -53.21 -30.08 -12.72
C THR A 613 -53.56 -28.99 -13.68
N PHE A 614 -54.45 -29.30 -14.60
CA PHE A 614 -54.90 -28.27 -15.52
C PHE A 614 -56.43 -28.21 -15.47
N THR A 615 -56.96 -27.10 -15.94
CA THR A 615 -58.39 -26.90 -15.94
C THR A 615 -58.64 -26.19 -17.26
N TRP A 616 -59.81 -26.40 -17.85
CA TRP A 616 -60.11 -25.78 -19.13
C TRP A 616 -61.62 -25.60 -19.28
N VAL A 617 -62.03 -24.91 -20.32
CA VAL A 617 -63.45 -24.70 -20.54
C VAL A 617 -63.85 -25.39 -21.84
N GLU A 618 -65.14 -25.68 -21.96
CA GLU A 618 -65.68 -26.31 -23.16
C GLU A 618 -67.09 -25.77 -23.37
N ARG A 619 -67.60 -25.95 -24.58
CA ARG A 619 -68.95 -25.51 -24.90
C ARG A 619 -69.73 -26.80 -25.12
N SER A 620 -70.95 -26.87 -24.59
CA SER A 620 -71.76 -28.09 -24.73
C SER A 620 -73.23 -27.85 -25.07
N GLN A 621 -73.45 -27.27 -26.26
CA GLN A 621 -74.79 -26.98 -26.76
C GLN A 621 -75.80 -26.69 -25.65
N GLU A 625 -74.17 -22.12 -19.01
CA GLU A 625 -72.99 -21.42 -19.47
C GLU A 625 -71.78 -22.36 -19.61
N PRO A 626 -70.56 -21.83 -19.83
CA PRO A 626 -69.39 -22.69 -19.96
C PRO A 626 -69.34 -23.89 -19.02
N ASP A 627 -68.70 -24.95 -19.48
CA ASP A 627 -68.54 -26.17 -18.68
C ASP A 627 -67.09 -26.16 -18.20
N PHE A 628 -66.87 -26.53 -16.95
CA PHE A 628 -65.52 -26.52 -16.38
C PHE A 628 -64.98 -27.88 -15.98
N HIS A 629 -63.79 -28.18 -16.49
CA HIS A 629 -63.11 -29.45 -16.22
C HIS A 629 -61.70 -29.32 -15.65
N ALA A 630 -61.29 -30.33 -14.87
CA ALA A 630 -59.96 -30.37 -14.30
C ALA A 630 -59.53 -31.81 -14.04
N VAL A 631 -58.28 -32.11 -14.38
CA VAL A 631 -57.70 -33.44 -14.22
C VAL A 631 -57.23 -33.75 -12.82
N GLU A 632 -57.28 -35.03 -12.48
CA GLU A 632 -56.78 -35.49 -11.20
C GLU A 632 -55.29 -35.11 -11.26
N PRO A 633 -54.84 -34.23 -10.37
CA PRO A 633 -53.46 -33.77 -10.29
C PRO A 633 -52.40 -34.81 -10.59
N TYR A 634 -51.37 -34.36 -11.30
CA TYR A 634 -50.25 -35.21 -11.69
C TYR A 634 -49.13 -34.98 -10.70
N THR A 635 -48.60 -36.07 -10.18
CA THR A 635 -47.52 -35.99 -9.20
C THR A 635 -46.23 -36.47 -9.86
N LYS A 636 -45.10 -36.41 -9.14
CA LYS A 636 -43.84 -36.86 -9.71
C LYS A 636 -43.92 -38.33 -10.07
N LYS A 637 -44.79 -39.06 -9.39
CA LYS A 637 -44.97 -40.48 -9.67
C LYS A 637 -45.20 -40.62 -11.16
N GLU A 638 -45.99 -39.70 -11.71
CA GLU A 638 -46.29 -39.70 -13.13
C GLU A 638 -45.20 -38.97 -13.89
N LEU A 639 -45.04 -37.70 -13.58
CA LEU A 639 -44.06 -36.87 -14.24
C LEU A 639 -42.69 -37.50 -14.37
N SER A 640 -42.43 -38.55 -13.61
CA SER A 640 -41.13 -39.20 -13.68
C SER A 640 -41.17 -40.18 -14.86
N ALA A 641 -42.37 -40.56 -15.25
CA ALA A 641 -42.57 -41.49 -16.35
C ALA A 641 -42.77 -40.73 -17.66
N VAL A 642 -43.65 -39.73 -17.65
CA VAL A 642 -43.92 -38.94 -18.84
C VAL A 642 -43.87 -37.46 -18.54
N THR A 643 -43.14 -36.73 -19.36
CA THR A 643 -43.01 -35.29 -19.20
C THR A 643 -44.37 -34.63 -19.14
N PHE A 644 -44.50 -33.55 -18.36
CA PHE A 644 -45.78 -32.85 -18.24
C PHE A 644 -46.13 -32.30 -19.62
N PRO A 645 -45.20 -31.58 -20.26
CA PRO A 645 -45.48 -31.04 -21.59
C PRO A 645 -45.99 -32.14 -22.52
N ASP A 646 -45.36 -33.32 -22.46
CA ASP A 646 -45.79 -34.45 -23.29
C ASP A 646 -47.22 -34.82 -22.95
N ILE A 647 -47.52 -34.83 -21.66
CA ILE A 647 -48.85 -35.16 -21.19
C ILE A 647 -49.83 -34.12 -21.72
N ILE A 648 -49.45 -32.85 -21.58
CA ILE A 648 -50.29 -31.76 -22.06
C ILE A 648 -50.53 -31.95 -23.55
N ARG A 649 -49.55 -32.53 -24.22
CA ARG A 649 -49.62 -32.76 -25.66
C ARG A 649 -50.58 -33.87 -26.05
N ASN A 650 -50.34 -35.07 -25.53
CA ASN A 650 -51.15 -36.21 -25.88
C ASN A 650 -52.38 -36.47 -25.04
N TYR A 651 -52.66 -35.63 -24.05
CA TYR A 651 -53.85 -35.86 -23.22
C TYR A 651 -55.00 -36.10 -24.17
N LYS A 652 -55.98 -36.88 -23.72
CA LYS A 652 -57.14 -37.17 -24.53
C LYS A 652 -58.28 -37.59 -23.64
N VAL A 653 -59.47 -37.08 -23.92
CA VAL A 653 -60.64 -37.45 -23.15
C VAL A 653 -61.81 -37.71 -24.08
N MET A 654 -62.86 -38.29 -23.52
CA MET A 654 -64.07 -38.59 -24.25
C MET A 654 -64.83 -37.29 -24.44
N ALA A 655 -65.07 -36.89 -25.69
CA ALA A 655 -65.82 -35.67 -25.99
C ALA A 655 -67.31 -36.01 -25.92
N ALA A 656 -68.17 -35.01 -25.79
CA ALA A 656 -69.61 -35.25 -25.71
C ALA A 656 -70.11 -36.13 -26.88
N GLU A 657 -69.32 -36.17 -27.95
CA GLU A 657 -69.62 -36.94 -29.16
C GLU A 657 -69.06 -38.36 -29.05
N ASN A 658 -68.63 -38.72 -27.84
CA ASN A 658 -68.06 -40.02 -27.56
C ASN A 658 -66.95 -40.37 -28.56
N ILE A 659 -66.06 -39.42 -28.76
CA ILE A 659 -64.93 -39.57 -29.67
C ILE A 659 -63.73 -38.88 -29.03
N PRO A 660 -62.64 -39.63 -28.79
CA PRO A 660 -61.42 -39.10 -28.18
C PRO A 660 -60.74 -37.92 -28.90
N GLU A 661 -60.29 -36.96 -28.10
CA GLU A 661 -59.60 -35.76 -28.56
C GLU A 661 -59.23 -35.02 -27.29
N ASN A 662 -58.16 -34.22 -27.30
CA ASN A 662 -57.82 -33.49 -26.07
C ASN A 662 -58.26 -32.04 -26.15
N PRO A 663 -59.04 -31.60 -25.15
CA PRO A 663 -59.58 -30.27 -25.01
C PRO A 663 -58.55 -29.19 -24.86
N LEU A 664 -57.31 -29.57 -24.60
CA LEU A 664 -56.25 -28.59 -24.42
C LEU A 664 -55.91 -27.92 -25.75
N LYS A 665 -56.44 -26.70 -25.93
CA LYS A 665 -56.23 -25.94 -27.16
C LYS A 665 -55.42 -24.67 -26.94
N TYR A 666 -55.84 -23.83 -26.01
CA TYR A 666 -55.10 -22.59 -25.77
C TYR A 666 -54.66 -22.46 -24.31
N LEU A 667 -53.46 -21.93 -24.09
CA LEU A 667 -52.98 -21.74 -22.72
C LEU A 667 -53.82 -20.58 -22.24
N TYR A 668 -53.44 -19.87 -21.18
CA TYR A 668 -54.36 -18.82 -20.74
C TYR A 668 -54.66 -17.64 -21.67
N PRO A 669 -53.72 -16.71 -21.83
CA PRO A 669 -54.03 -15.57 -22.72
C PRO A 669 -54.21 -15.92 -24.20
N ASN A 670 -54.76 -17.10 -24.47
CA ASN A 670 -54.99 -17.53 -25.84
C ASN A 670 -53.74 -17.87 -26.62
N ILE A 671 -52.90 -18.74 -26.06
CA ILE A 671 -51.69 -19.16 -26.75
C ILE A 671 -51.95 -20.58 -27.21
N ASP A 672 -51.41 -20.97 -28.35
CA ASP A 672 -51.65 -22.33 -28.83
C ASP A 672 -50.88 -23.33 -28.03
N LYS A 673 -51.55 -24.44 -27.73
CA LYS A 673 -50.97 -25.52 -26.96
C LYS A 673 -49.53 -25.76 -27.43
N ASP A 674 -49.37 -26.05 -28.72
CA ASP A 674 -48.06 -26.31 -29.28
C ASP A 674 -47.24 -25.03 -29.32
N HIS A 675 -47.90 -23.92 -29.62
CA HIS A 675 -47.22 -22.63 -29.67
C HIS A 675 -46.44 -22.42 -28.39
N ALA A 676 -47.11 -22.64 -27.26
CA ALA A 676 -46.51 -22.45 -25.94
C ALA A 676 -45.54 -23.51 -25.45
N PHE A 677 -46.02 -24.75 -25.29
CA PHE A 677 -45.19 -25.82 -24.79
C PHE A 677 -44.30 -26.49 -25.84
N GLY A 678 -44.39 -26.01 -27.08
CA GLY A 678 -43.62 -26.57 -28.17
C GLY A 678 -42.20 -27.05 -27.92
N LYS A 679 -41.33 -26.17 -27.42
CA LYS A 679 -39.94 -26.52 -27.19
C LYS A 679 -39.76 -27.58 -26.12
N TYR A 680 -40.66 -27.62 -25.15
CA TYR A 680 -40.54 -28.59 -24.07
C TYR A 680 -40.93 -30.02 -24.47
N TYR A 681 -41.66 -30.18 -25.58
CA TYR A 681 -42.08 -31.51 -26.02
C TYR A 681 -40.93 -32.50 -26.18
N SER A 682 -41.14 -33.70 -25.63
CA SER A 682 -40.12 -34.74 -25.69
C SER A 682 -39.63 -34.92 -27.11
N ARG A 683 -40.56 -34.98 -28.05
CA ARG A 683 -40.21 -35.16 -29.47
C ARG A 683 -41.34 -34.76 -30.41
N SER B 2 15.05 11.60 -31.81
CA SER B 2 15.69 12.94 -31.82
C SER B 2 17.14 12.90 -31.35
N GLN B 3 17.77 14.07 -31.33
CA GLN B 3 19.16 14.23 -30.90
C GLN B 3 19.21 14.29 -29.36
N TRP B 4 18.13 14.77 -28.76
CA TRP B 4 18.02 14.87 -27.31
C TRP B 4 18.21 13.48 -26.71
N TYR B 5 17.42 12.52 -27.20
CA TYR B 5 17.51 11.14 -26.74
C TYR B 5 18.97 10.70 -26.79
N GLU B 6 19.50 10.63 -28.00
CA GLU B 6 20.88 10.23 -28.23
C GLU B 6 21.86 10.76 -27.19
N LEU B 7 21.58 11.94 -26.64
CA LEU B 7 22.46 12.53 -25.65
C LEU B 7 22.28 11.87 -24.29
N GLN B 8 21.03 11.64 -23.90
CA GLN B 8 20.72 11.02 -22.63
C GLN B 8 21.24 9.58 -22.58
N GLN B 9 21.93 9.16 -23.64
CA GLN B 9 22.46 7.81 -23.72
C GLN B 9 23.98 7.80 -23.66
N LEU B 10 24.56 8.78 -22.98
CA LEU B 10 26.02 8.87 -22.88
C LEU B 10 26.52 8.64 -21.46
N ASP B 11 27.83 8.48 -21.33
CA ASP B 11 28.45 8.29 -20.03
C ASP B 11 28.28 9.58 -19.25
N SER B 12 27.96 9.44 -17.97
CA SER B 12 27.74 10.58 -17.08
C SER B 12 28.74 11.74 -17.21
N LYS B 13 29.77 11.57 -18.03
CA LYS B 13 30.79 12.62 -18.21
C LYS B 13 30.38 13.65 -19.26
N PHE B 14 29.54 13.23 -20.21
CA PHE B 14 29.07 14.12 -21.27
C PHE B 14 27.76 14.77 -20.91
N LEU B 15 26.81 13.97 -20.43
CA LEU B 15 25.51 14.48 -20.04
C LEU B 15 25.70 15.50 -18.93
N GLU B 16 26.91 15.56 -18.37
CA GLU B 16 27.24 16.49 -17.32
C GLU B 16 27.57 17.82 -17.97
N GLN B 17 28.15 17.75 -19.17
CA GLN B 17 28.49 18.95 -19.93
C GLN B 17 27.20 19.44 -20.57
N VAL B 18 26.30 18.50 -20.84
CA VAL B 18 25.00 18.84 -21.41
C VAL B 18 24.33 19.74 -20.38
N HIS B 19 24.43 19.33 -19.12
CA HIS B 19 23.88 20.10 -18.02
C HIS B 19 24.33 21.55 -18.11
N GLN B 20 25.64 21.74 -18.13
CA GLN B 20 26.22 23.07 -18.19
C GLN B 20 26.03 23.84 -19.49
N LEU B 21 24.90 23.60 -20.15
CA LEU B 21 24.57 24.30 -21.39
C LEU B 21 23.19 24.90 -21.24
N TYR B 22 22.52 24.55 -20.14
CA TYR B 22 21.17 25.03 -19.89
C TYR B 22 20.94 25.79 -18.58
N ASP B 23 20.70 27.08 -18.72
CA ASP B 23 20.41 27.96 -17.58
C ASP B 23 19.06 28.64 -17.88
N ASP B 24 18.57 29.41 -16.92
CA ASP B 24 17.29 30.11 -17.07
C ASP B 24 17.04 30.89 -18.36
N SER B 25 18.11 31.20 -19.10
CA SER B 25 17.97 31.95 -20.35
C SER B 25 17.06 31.14 -21.28
N PHE B 26 17.51 29.94 -21.65
CA PHE B 26 16.70 29.07 -22.48
C PHE B 26 16.50 27.78 -21.71
N PRO B 27 15.44 27.72 -20.90
CA PRO B 27 15.09 26.57 -20.07
C PRO B 27 15.12 25.23 -20.76
N MET B 28 15.89 24.31 -20.16
CA MET B 28 16.03 22.95 -20.67
C MET B 28 14.68 22.25 -20.76
N GLU B 29 13.72 22.76 -20.00
CA GLU B 29 12.39 22.16 -20.01
C GLU B 29 11.85 22.23 -21.41
N ILE B 30 12.13 23.35 -22.09
CA ILE B 30 11.68 23.56 -23.46
C ILE B 30 12.48 22.73 -24.46
N ARG B 31 13.80 22.83 -24.36
CA ARG B 31 14.70 22.08 -25.22
C ARG B 31 14.27 20.62 -25.30
N GLN B 32 13.62 20.13 -24.24
CA GLN B 32 13.17 18.75 -24.21
C GLN B 32 11.73 18.53 -24.65
N TYR B 33 10.82 19.38 -24.20
CA TYR B 33 9.41 19.21 -24.55
C TYR B 33 9.06 19.61 -25.96
N LEU B 34 10.03 20.14 -26.68
CA LEU B 34 9.82 20.56 -28.07
C LEU B 34 11.09 20.24 -28.84
N ALA B 35 11.76 19.17 -28.44
CA ALA B 35 13.02 18.77 -29.08
C ALA B 35 12.91 18.43 -30.56
N GLN B 36 11.84 17.73 -30.94
CA GLN B 36 11.67 17.38 -32.34
C GLN B 36 11.37 18.61 -33.17
N TRP B 37 10.62 19.54 -32.61
CA TRP B 37 10.30 20.78 -33.31
C TRP B 37 11.55 21.64 -33.46
N LEU B 38 12.28 21.79 -32.35
CA LEU B 38 13.50 22.58 -32.32
C LEU B 38 14.59 22.07 -33.25
N GLU B 39 15.00 20.83 -33.05
CA GLU B 39 16.04 20.21 -33.86
C GLU B 39 15.74 20.37 -35.35
N LYS B 40 14.46 20.55 -35.67
CA LYS B 40 14.01 20.73 -37.05
C LYS B 40 14.31 22.11 -37.63
N GLN B 41 13.80 23.17 -37.00
CA GLN B 41 13.99 24.54 -37.46
C GLN B 41 15.41 24.94 -37.86
N ASP B 42 15.50 25.82 -38.87
CA ASP B 42 16.77 26.33 -39.39
C ASP B 42 17.22 27.51 -38.54
N TRP B 43 17.75 27.24 -37.35
CA TRP B 43 18.15 28.32 -36.48
C TRP B 43 19.28 29.15 -37.01
N GLU B 44 20.20 28.55 -37.76
CA GLU B 44 21.29 29.32 -38.31
C GLU B 44 20.73 30.49 -39.12
N HIS B 45 19.76 30.18 -39.97
CA HIS B 45 19.12 31.20 -40.80
C HIS B 45 18.45 32.26 -39.93
N ALA B 46 17.58 31.83 -39.02
CA ALA B 46 16.87 32.75 -38.13
C ALA B 46 17.84 33.60 -37.32
N ALA B 47 19.05 33.09 -37.13
CA ALA B 47 20.06 33.81 -36.37
C ALA B 47 20.58 35.00 -37.17
N ASN B 48 20.23 35.04 -38.46
CA ASN B 48 20.68 36.10 -39.36
C ASN B 48 19.58 36.95 -39.98
N ASP B 49 18.34 36.53 -39.85
CA ASP B 49 17.23 37.27 -40.44
C ASP B 49 16.08 37.52 -39.45
N VAL B 50 15.94 38.77 -39.00
CA VAL B 50 14.90 39.13 -38.04
C VAL B 50 13.51 38.59 -38.29
N SER B 51 13.03 38.68 -39.52
CA SER B 51 11.68 38.21 -39.83
C SER B 51 11.56 36.71 -39.63
N PHE B 52 12.51 35.95 -40.16
CA PHE B 52 12.46 34.50 -40.00
C PHE B 52 12.48 34.28 -38.47
N ALA B 53 13.44 34.91 -37.82
CA ALA B 53 13.59 34.82 -36.38
C ALA B 53 12.28 35.15 -35.67
N THR B 54 11.69 36.31 -35.97
CA THR B 54 10.44 36.69 -35.33
C THR B 54 9.34 35.66 -35.59
N ILE B 55 9.27 35.16 -36.82
CA ILE B 55 8.25 34.19 -37.18
C ILE B 55 8.39 32.96 -36.30
N ARG B 56 9.60 32.40 -36.29
CA ARG B 56 9.90 31.21 -35.49
C ARG B 56 9.71 31.43 -33.98
N PHE B 57 9.92 32.66 -33.51
CA PHE B 57 9.75 32.95 -32.08
C PHE B 57 8.31 32.72 -31.63
N HIS B 58 7.37 33.20 -32.43
CA HIS B 58 5.98 33.03 -32.10
C HIS B 58 5.56 31.58 -32.31
N ASP B 59 6.18 30.90 -33.28
CA ASP B 59 5.88 29.48 -33.53
C ASP B 59 6.27 28.72 -32.28
N LEU B 60 7.42 29.07 -31.74
CA LEU B 60 7.95 28.44 -30.54
C LEU B 60 6.99 28.66 -29.39
N LEU B 61 6.41 29.85 -29.32
CA LEU B 61 5.47 30.13 -28.24
C LEU B 61 4.20 29.30 -28.42
N SER B 62 3.72 29.18 -29.66
CA SER B 62 2.53 28.39 -29.96
C SER B 62 2.77 26.91 -29.67
N GLN B 63 3.99 26.46 -29.87
CA GLN B 63 4.36 25.08 -29.61
C GLN B 63 4.29 24.83 -28.12
N LEU B 64 4.53 25.89 -27.35
CA LEU B 64 4.47 25.81 -25.89
C LEU B 64 3.03 25.73 -25.44
N ASP B 65 2.15 26.46 -26.12
CA ASP B 65 0.73 26.43 -25.78
C ASP B 65 0.18 25.02 -25.99
N ASP B 66 0.57 24.39 -27.11
CA ASP B 66 0.10 23.03 -27.39
C ASP B 66 0.57 22.08 -26.28
N GLN B 67 1.79 22.29 -25.81
CA GLN B 67 2.39 21.48 -24.76
C GLN B 67 1.68 21.69 -23.43
N TYR B 68 1.21 22.91 -23.19
CA TYR B 68 0.50 23.27 -21.95
C TYR B 68 -0.82 22.53 -21.87
N SER B 69 -1.47 22.40 -23.02
CA SER B 69 -2.75 21.74 -23.11
C SER B 69 -2.59 20.23 -22.99
N ARG B 70 -1.45 19.71 -23.46
CA ARG B 70 -1.18 18.28 -23.37
C ARG B 70 -1.08 17.91 -21.90
N PHE B 71 -0.47 18.81 -21.13
CA PHE B 71 -0.30 18.61 -19.71
C PHE B 71 -1.62 18.78 -18.96
N SER B 72 -2.42 19.75 -19.39
CA SER B 72 -3.72 19.99 -18.77
C SER B 72 -4.54 18.70 -18.77
N LEU B 73 -4.44 17.94 -19.87
CA LEU B 73 -5.16 16.67 -20.03
C LEU B 73 -4.70 15.64 -18.99
N GLU B 74 -3.38 15.53 -18.82
CA GLU B 74 -2.79 14.59 -17.87
C GLU B 74 -2.90 15.14 -16.45
N ASN B 75 -3.31 16.40 -16.35
CA ASN B 75 -3.48 17.08 -15.07
C ASN B 75 -2.14 17.27 -14.35
N ASN B 76 -1.04 17.10 -15.08
CA ASN B 76 0.29 17.26 -14.51
C ASN B 76 0.49 18.71 -14.07
N PHE B 77 -0.09 19.04 -12.92
CA PHE B 77 -0.04 20.37 -12.36
C PHE B 77 1.34 21.01 -12.34
N LEU B 78 2.36 20.19 -12.11
CA LEU B 78 3.73 20.70 -12.06
C LEU B 78 4.17 21.25 -13.41
N LEU B 79 4.33 20.37 -14.40
CA LEU B 79 4.75 20.78 -15.72
C LEU B 79 3.90 21.90 -16.30
N GLN B 80 2.61 21.89 -15.99
CA GLN B 80 1.73 22.95 -16.46
C GLN B 80 2.28 24.28 -15.96
N HIS B 81 2.63 24.29 -14.67
CA HIS B 81 3.18 25.45 -13.99
C HIS B 81 4.55 25.78 -14.57
N ASN B 82 5.40 24.77 -14.68
CA ASN B 82 6.73 24.98 -15.23
C ASN B 82 6.67 25.50 -16.66
N ILE B 83 5.93 24.81 -17.53
CA ILE B 83 5.81 25.24 -18.92
C ILE B 83 5.38 26.68 -18.94
N ARG B 84 4.40 26.98 -18.10
CA ARG B 84 3.84 28.31 -17.97
C ARG B 84 4.92 29.35 -17.66
N LYS B 85 5.78 29.03 -16.70
CA LYS B 85 6.86 29.92 -16.32
C LYS B 85 7.87 30.04 -17.44
N SER B 86 8.25 28.90 -18.01
CA SER B 86 9.22 28.88 -19.09
C SER B 86 8.78 29.80 -20.23
N LYS B 87 7.51 29.73 -20.58
CA LYS B 87 6.99 30.57 -21.65
C LYS B 87 7.11 32.03 -21.25
N ARG B 88 6.57 32.36 -20.09
CA ARG B 88 6.61 33.74 -19.61
C ARG B 88 8.02 34.29 -19.59
N ASN B 89 8.97 33.44 -19.28
CA ASN B 89 10.38 33.85 -19.24
C ASN B 89 10.81 34.13 -20.67
N LEU B 90 10.89 33.03 -21.43
CA LEU B 90 11.26 33.04 -22.84
C LEU B 90 10.70 34.30 -23.48
N GLN B 91 9.42 34.52 -23.21
CA GLN B 91 8.66 35.65 -23.73
C GLN B 91 9.29 37.01 -23.46
N ASP B 92 9.35 37.42 -22.20
CA ASP B 92 9.91 38.72 -21.88
C ASP B 92 11.43 38.79 -21.88
N ASN B 93 12.05 37.89 -22.62
CA ASN B 93 13.50 37.87 -22.71
C ASN B 93 13.93 37.93 -24.15
N PHE B 94 13.00 37.62 -25.05
CA PHE B 94 13.31 37.59 -26.46
C PHE B 94 12.24 38.17 -27.38
N GLN B 95 11.12 38.61 -26.80
CA GLN B 95 10.04 39.17 -27.60
C GLN B 95 10.42 40.53 -28.16
N GLU B 96 11.67 40.91 -27.99
CA GLU B 96 12.16 42.19 -28.47
C GLU B 96 13.52 41.96 -29.12
N ASP B 97 13.96 40.70 -29.09
CA ASP B 97 15.24 40.36 -29.66
C ASP B 97 15.25 38.87 -29.97
N PRO B 98 14.45 38.44 -30.94
CA PRO B 98 14.38 37.02 -31.30
C PRO B 98 15.66 36.57 -32.00
N ILE B 99 16.40 37.51 -32.55
CA ILE B 99 17.62 37.13 -33.24
C ILE B 99 18.56 36.47 -32.24
N GLN B 100 18.63 37.02 -31.04
CA GLN B 100 19.51 36.43 -30.05
C GLN B 100 18.98 35.07 -29.54
N MET B 101 17.67 34.92 -29.41
CA MET B 101 17.14 33.65 -28.96
C MET B 101 17.49 32.58 -29.99
N SER B 102 17.48 32.96 -31.26
CA SER B 102 17.81 32.04 -32.34
C SER B 102 19.28 31.67 -32.21
N MET B 103 20.13 32.68 -32.04
CA MET B 103 21.56 32.45 -31.85
C MET B 103 21.80 31.50 -30.68
N ILE B 104 20.98 31.65 -29.63
CA ILE B 104 21.09 30.81 -28.46
C ILE B 104 20.75 29.37 -28.86
N ILE B 105 19.55 29.15 -29.40
CA ILE B 105 19.15 27.80 -29.79
C ILE B 105 20.13 27.17 -30.76
N TYR B 106 20.60 27.97 -31.72
CA TYR B 106 21.54 27.47 -32.71
C TYR B 106 22.80 26.92 -32.06
N SER B 107 23.52 27.77 -31.37
CA SER B 107 24.74 27.35 -30.72
C SER B 107 24.47 26.26 -29.68
N CYS B 108 23.33 26.31 -29.01
CA CYS B 108 23.04 25.28 -28.01
C CYS B 108 22.94 23.89 -28.67
N LEU B 109 22.19 23.79 -29.76
CA LEU B 109 22.08 22.50 -30.47
C LEU B 109 23.43 22.13 -31.07
N LYS B 110 24.11 23.13 -31.59
CA LYS B 110 25.40 22.99 -32.22
C LYS B 110 26.45 22.47 -31.24
N GLU B 111 26.39 22.94 -30.00
CA GLU B 111 27.33 22.54 -28.97
C GLU B 111 27.00 21.13 -28.47
N GLU B 112 25.76 20.69 -28.70
CA GLU B 112 25.35 19.35 -28.28
C GLU B 112 26.02 18.34 -29.18
N ARG B 113 26.03 18.63 -30.49
CA ARG B 113 26.66 17.73 -31.46
C ARG B 113 28.11 17.51 -31.09
N LYS B 114 28.85 18.60 -30.88
CA LYS B 114 30.26 18.48 -30.50
C LYS B 114 30.41 17.36 -29.47
N ILE B 115 29.57 17.41 -28.44
CA ILE B 115 29.58 16.44 -27.37
C ILE B 115 29.31 15.01 -27.83
N LEU B 116 28.49 14.85 -28.86
CA LEU B 116 28.19 13.52 -29.38
C LEU B 116 29.34 13.07 -30.28
N GLU B 117 30.02 14.04 -30.88
CA GLU B 117 31.15 13.78 -31.77
C GLU B 117 32.34 13.47 -30.89
N ASN B 118 32.46 14.24 -29.81
CA ASN B 118 33.55 14.08 -28.85
C ASN B 118 33.27 12.90 -27.92
N ALA B 119 32.09 12.31 -28.04
CA ALA B 119 31.70 11.18 -27.21
C ALA B 119 31.94 9.88 -27.95
N GLN B 120 32.54 9.98 -29.12
CA GLN B 120 32.84 8.82 -29.93
C GLN B 120 34.24 8.31 -29.61
N ARG B 121 34.58 8.38 -28.32
CA ARG B 121 35.84 7.93 -27.76
C ARG B 121 36.30 6.60 -28.35
N PHE B 122 37.62 6.40 -28.39
CA PHE B 122 38.19 5.17 -28.92
C PHE B 122 37.58 3.92 -28.30
N ASN B 123 37.66 2.82 -29.04
CA ASN B 123 37.13 1.53 -28.60
C ASN B 123 35.60 1.53 -28.64
N MET B 135 29.85 -1.60 -9.09
CA MET B 135 28.90 -1.00 -8.16
C MET B 135 27.47 -1.37 -8.52
N LEU B 136 27.11 -1.19 -9.79
CA LEU B 136 25.76 -1.51 -10.26
C LEU B 136 25.50 -3.01 -10.16
N ASP B 137 26.57 -3.79 -10.21
CA ASP B 137 26.49 -5.23 -10.13
C ASP B 137 25.93 -5.61 -8.76
N LYS B 138 26.75 -5.42 -7.73
CA LYS B 138 26.38 -5.69 -6.34
C LYS B 138 24.91 -5.41 -6.11
N GLN B 139 24.50 -4.16 -6.32
CA GLN B 139 23.13 -3.74 -6.12
C GLN B 139 22.17 -4.62 -6.89
N LYS B 140 22.42 -4.76 -8.18
CA LYS B 140 21.52 -5.58 -8.99
C LYS B 140 21.36 -6.97 -8.40
N GLU B 141 22.47 -7.57 -7.97
CA GLU B 141 22.46 -8.91 -7.38
C GLU B 141 21.67 -8.93 -6.08
N LEU B 142 22.06 -8.05 -5.16
CA LEU B 142 21.39 -7.98 -3.87
C LEU B 142 19.90 -7.92 -4.02
N ASP B 143 19.42 -7.10 -4.94
CA ASP B 143 17.98 -6.98 -5.16
C ASP B 143 17.41 -8.33 -5.48
N SER B 144 18.22 -9.15 -6.14
CA SER B 144 17.79 -10.49 -6.54
C SER B 144 17.71 -11.43 -5.32
N LYS B 145 18.82 -11.58 -4.60
CA LYS B 145 18.80 -12.45 -3.44
C LYS B 145 17.66 -12.02 -2.50
N VAL B 146 17.65 -10.74 -2.17
CA VAL B 146 16.61 -10.21 -1.32
C VAL B 146 15.25 -10.62 -1.89
N ARG B 147 15.00 -10.27 -3.15
CA ARG B 147 13.72 -10.64 -3.75
C ARG B 147 13.49 -12.13 -3.58
N ASN B 148 14.54 -12.91 -3.73
CA ASN B 148 14.43 -14.35 -3.57
C ASN B 148 13.90 -14.64 -2.15
N VAL B 149 14.68 -14.24 -1.14
CA VAL B 149 14.28 -14.45 0.26
C VAL B 149 12.78 -14.20 0.39
N LYS B 150 12.36 -13.03 -0.07
CA LYS B 150 10.96 -12.64 -0.03
C LYS B 150 10.07 -13.74 -0.61
N ASP B 151 10.21 -13.97 -1.90
CA ASP B 151 9.41 -14.97 -2.59
C ASP B 151 9.35 -16.28 -1.85
N LYS B 152 10.52 -16.79 -1.45
CA LYS B 152 10.60 -18.06 -0.75
C LYS B 152 9.78 -18.09 0.53
N VAL B 153 9.81 -17.01 1.29
CA VAL B 153 9.01 -16.96 2.51
C VAL B 153 7.56 -17.15 2.14
N MET B 154 7.08 -16.37 1.18
CA MET B 154 5.70 -16.47 0.77
C MET B 154 5.40 -17.91 0.33
N CYS B 155 6.34 -18.54 -0.37
CA CYS B 155 6.12 -19.90 -0.84
C CYS B 155 5.87 -20.87 0.33
N ILE B 156 6.67 -20.72 1.37
CA ILE B 156 6.55 -21.54 2.57
C ILE B 156 5.20 -21.28 3.19
N GLU B 157 4.95 -20.02 3.52
CA GLU B 157 3.71 -19.62 4.13
C GLU B 157 2.52 -20.24 3.41
N HIS B 158 2.72 -20.51 2.13
CA HIS B 158 1.65 -21.08 1.30
C HIS B 158 1.48 -22.57 1.46
N GLU B 159 2.58 -23.28 1.73
CA GLU B 159 2.50 -24.71 1.93
C GLU B 159 2.08 -24.99 3.37
N ILE B 160 2.46 -24.12 4.30
CA ILE B 160 2.06 -24.29 5.69
C ILE B 160 0.54 -24.32 5.70
N LYS B 161 -0.07 -23.43 4.92
CA LYS B 161 -1.53 -23.37 4.84
C LYS B 161 -2.10 -24.65 4.25
N SER B 162 -1.39 -25.20 3.27
CA SER B 162 -1.82 -26.45 2.64
C SER B 162 -1.60 -27.58 3.63
N LEU B 163 -0.53 -27.46 4.41
CA LEU B 163 -0.18 -28.45 5.41
C LEU B 163 -1.23 -28.45 6.49
N GLU B 164 -1.54 -27.27 6.99
CA GLU B 164 -2.53 -27.14 8.04
C GLU B 164 -3.90 -27.68 7.61
N ASP B 165 -4.30 -27.41 6.39
CA ASP B 165 -5.60 -27.89 5.94
C ASP B 165 -5.69 -29.39 5.87
N LEU B 166 -4.71 -30.03 5.25
CA LEU B 166 -4.74 -31.48 5.16
C LEU B 166 -4.98 -32.06 6.54
N GLN B 167 -4.10 -31.70 7.48
CA GLN B 167 -4.21 -32.20 8.83
C GLN B 167 -5.61 -32.05 9.37
N ASP B 168 -6.24 -30.90 9.15
CA ASP B 168 -7.61 -30.69 9.65
C ASP B 168 -8.61 -31.67 9.06
N GLU B 169 -8.58 -31.83 7.73
CA GLU B 169 -9.49 -32.77 7.05
C GLU B 169 -9.20 -34.11 7.64
N TYR B 170 -7.96 -34.50 7.39
CA TYR B 170 -7.38 -35.72 7.87
C TYR B 170 -7.89 -36.03 9.28
N ASP B 171 -7.68 -35.10 10.21
CA ASP B 171 -8.17 -35.28 11.57
C ASP B 171 -9.65 -35.60 11.50
N PHE B 172 -10.41 -34.67 10.94
CA PHE B 172 -11.84 -34.81 10.77
C PHE B 172 -12.20 -36.17 10.24
N LYS B 173 -11.44 -36.68 9.27
CA LYS B 173 -11.74 -37.98 8.70
C LYS B 173 -11.50 -39.10 9.71
N CYS B 174 -10.41 -39.02 10.46
CA CYS B 174 -10.14 -40.05 11.46
C CYS B 174 -11.26 -40.00 12.48
N LYS B 175 -11.45 -38.84 13.12
CA LYS B 175 -12.50 -38.70 14.11
C LYS B 175 -13.81 -39.31 13.63
N THR B 176 -14.18 -39.05 12.38
CA THR B 176 -15.43 -39.58 11.82
C THR B 176 -15.53 -41.10 11.88
N LEU B 177 -14.44 -41.78 11.49
CA LEU B 177 -14.39 -43.23 11.51
C LEU B 177 -14.58 -43.76 12.90
N GLN B 178 -13.63 -43.39 13.76
CA GLN B 178 -13.63 -43.80 15.15
C GLN B 178 -14.69 -43.06 15.97
N ASN B 179 -15.88 -42.91 15.41
CA ASN B 179 -16.97 -42.24 16.11
C ASN B 179 -18.32 -42.66 15.56
N ARG B 180 -18.33 -43.72 14.75
CA ARG B 180 -19.56 -44.23 14.18
C ARG B 180 -20.06 -45.40 15.03
N GLU B 181 -21.37 -45.62 15.05
CA GLU B 181 -21.97 -46.69 15.85
C GLU B 181 -22.11 -48.00 15.08
N HIS B 182 -23.00 -48.87 15.56
CA HIS B 182 -23.27 -50.17 14.93
C HIS B 182 -24.18 -51.02 15.80
N ASP B 191 -16.02 -54.45 3.10
CA ASP B 191 -16.44 -54.17 4.46
C ASP B 191 -16.69 -52.68 4.64
N GLN B 192 -17.94 -52.33 4.92
CA GLN B 192 -18.33 -50.93 5.12
C GLN B 192 -17.67 -50.32 6.33
N LYS B 193 -16.50 -50.80 6.71
CA LYS B 193 -15.85 -50.26 7.90
C LYS B 193 -14.34 -50.40 8.06
N GLN B 194 -13.61 -51.01 7.13
CA GLN B 194 -12.22 -51.19 7.46
C GLN B 194 -11.11 -51.18 6.46
N GLU B 195 -10.00 -50.50 6.78
CA GLU B 195 -8.81 -50.50 5.91
C GLU B 195 -7.76 -49.43 6.20
N GLN B 196 -6.60 -49.92 6.62
CA GLN B 196 -5.46 -49.10 6.98
C GLN B 196 -4.83 -48.47 5.74
N LEU B 197 -5.24 -48.92 4.55
CA LEU B 197 -4.69 -48.39 3.30
C LEU B 197 -4.80 -46.87 3.26
N LEU B 198 -5.58 -46.32 4.18
CA LEU B 198 -5.77 -44.88 4.28
C LEU B 198 -5.17 -44.38 5.60
N LEU B 199 -5.64 -44.96 6.71
CA LEU B 199 -5.17 -44.57 8.03
C LEU B 199 -3.69 -44.92 8.21
N LYS B 200 -3.01 -45.03 7.09
CA LYS B 200 -1.58 -45.30 7.02
C LYS B 200 -1.12 -44.45 5.85
N LYS B 201 -2.00 -44.34 4.85
CA LYS B 201 -1.73 -43.55 3.67
C LYS B 201 -1.75 -42.08 4.06
N MET B 202 -2.83 -41.67 4.71
CA MET B 202 -2.96 -40.29 5.15
C MET B 202 -1.70 -39.87 5.93
N TYR B 203 -1.17 -40.75 6.76
CA TYR B 203 0.03 -40.42 7.52
C TYR B 203 1.22 -40.17 6.63
N LEU B 204 1.52 -41.11 5.73
CA LEU B 204 2.66 -40.95 4.84
C LEU B 204 2.60 -39.61 4.12
N MET B 205 1.39 -39.06 4.01
CA MET B 205 1.22 -37.75 3.37
C MET B 205 1.75 -36.65 4.29
N LEU B 206 1.18 -36.57 5.49
CA LEU B 206 1.60 -35.56 6.46
C LEU B 206 3.11 -35.56 6.63
N ASP B 207 3.68 -36.73 6.87
CA ASP B 207 5.12 -36.86 7.06
C ASP B 207 5.87 -36.23 5.89
N ASN B 208 5.49 -36.60 4.67
CA ASN B 208 6.13 -36.07 3.48
C ASN B 208 5.93 -34.58 3.35
N LYS B 209 4.70 -34.11 3.54
CA LYS B 209 4.46 -32.69 3.44
C LYS B 209 5.26 -31.93 4.52
N ARG B 210 5.36 -32.50 5.72
CA ARG B 210 6.10 -31.82 6.78
C ARG B 210 7.55 -31.71 6.42
N LYS B 211 8.15 -32.85 6.07
CA LYS B 211 9.57 -32.90 5.69
C LYS B 211 9.85 -31.81 4.65
N GLU B 212 8.92 -31.66 3.72
CA GLU B 212 9.01 -30.67 2.66
C GLU B 212 9.13 -29.26 3.23
N VAL B 213 8.12 -28.86 3.99
CA VAL B 213 8.13 -27.55 4.61
C VAL B 213 9.47 -27.32 5.32
N VAL B 214 9.85 -28.26 6.17
CA VAL B 214 11.10 -28.10 6.89
C VAL B 214 12.24 -27.81 5.92
N HIS B 215 12.31 -28.57 4.84
CA HIS B 215 13.37 -28.37 3.86
C HIS B 215 13.41 -26.92 3.40
N LYS B 216 12.31 -26.44 2.86
CA LYS B 216 12.23 -25.08 2.38
C LYS B 216 12.60 -24.04 3.44
N ILE B 217 12.05 -24.20 4.65
CA ILE B 217 12.35 -23.27 5.74
C ILE B 217 13.86 -23.22 5.97
N ILE B 218 14.52 -24.35 5.80
CA ILE B 218 15.97 -24.39 6.02
C ILE B 218 16.63 -23.69 4.87
N GLU B 219 16.40 -24.22 3.67
CA GLU B 219 16.94 -23.66 2.46
C GLU B 219 16.81 -22.14 2.57
N LEU B 220 15.58 -21.69 2.85
CA LEU B 220 15.30 -20.27 3.01
C LEU B 220 16.28 -19.64 3.99
N LEU B 221 16.39 -20.20 5.19
CA LEU B 221 17.31 -19.63 6.14
C LEU B 221 18.67 -19.50 5.49
N ASN B 222 19.20 -20.61 4.99
CA ASN B 222 20.51 -20.62 4.34
C ASN B 222 20.68 -19.42 3.43
N VAL B 223 19.79 -19.32 2.44
CA VAL B 223 19.81 -18.19 1.52
C VAL B 223 19.87 -16.92 2.35
N THR B 224 18.76 -16.59 3.00
CA THR B 224 18.64 -15.40 3.83
C THR B 224 19.93 -14.99 4.53
N GLU B 225 20.48 -15.91 5.32
CA GLU B 225 21.71 -15.63 6.04
C GLU B 225 22.76 -15.16 5.03
N LEU B 226 22.95 -15.98 3.99
CA LEU B 226 23.91 -15.65 2.95
C LEU B 226 23.67 -14.26 2.35
N THR B 227 22.41 -13.95 2.06
CA THR B 227 22.08 -12.64 1.50
C THR B 227 22.27 -11.57 2.57
N GLN B 228 22.00 -11.96 3.82
CA GLN B 228 22.13 -11.02 4.92
C GLN B 228 23.59 -10.61 5.10
N ASN B 229 24.51 -11.53 4.79
CA ASN B 229 25.95 -11.27 4.93
C ASN B 229 26.39 -10.14 4.01
N ALA B 230 25.92 -10.22 2.76
CA ALA B 230 26.24 -9.21 1.77
C ALA B 230 25.72 -7.87 2.28
N LEU B 231 24.41 -7.80 2.51
CA LEU B 231 23.80 -6.58 3.01
C LEU B 231 24.54 -5.94 4.17
N ILE B 232 24.85 -6.72 5.20
CA ILE B 232 25.52 -6.16 6.36
C ILE B 232 27.02 -5.96 6.23
N ASN B 233 27.68 -6.88 5.53
CA ASN B 233 29.14 -6.80 5.39
C ASN B 233 29.67 -6.01 4.22
N ASP B 234 28.82 -5.70 3.26
CA ASP B 234 29.21 -4.90 2.10
C ASP B 234 28.43 -3.59 2.12
N GLU B 235 27.23 -3.64 1.57
CA GLU B 235 26.37 -2.48 1.50
C GLU B 235 26.48 -1.58 2.73
N LEU B 236 26.23 -2.15 3.90
CA LEU B 236 26.27 -1.36 5.12
C LEU B 236 27.65 -0.76 5.36
N VAL B 237 28.69 -1.57 5.21
CA VAL B 237 30.04 -1.06 5.45
C VAL B 237 30.42 0.06 4.46
N GLU B 238 30.10 -0.15 3.18
CA GLU B 238 30.39 0.84 2.17
C GLU B 238 29.68 2.13 2.50
N TRP B 239 28.35 2.07 2.63
CA TRP B 239 27.60 3.26 2.96
C TRP B 239 28.20 3.99 4.14
N LYS B 240 28.63 3.26 5.15
CA LYS B 240 29.22 3.88 6.32
C LYS B 240 30.49 4.65 5.94
N ARG B 241 31.32 4.05 5.09
CA ARG B 241 32.57 4.68 4.65
C ARG B 241 32.29 5.98 3.87
N ARG B 242 31.33 5.92 2.94
CA ARG B 242 30.99 7.11 2.17
C ARG B 242 30.57 8.19 3.14
N GLN B 243 29.64 7.86 4.04
CA GLN B 243 29.15 8.82 5.02
C GLN B 243 30.32 9.57 5.64
N GLN B 244 31.44 8.88 5.77
CA GLN B 244 32.67 9.46 6.35
C GLN B 244 33.25 10.53 5.47
N SER B 245 33.59 10.14 4.23
CA SER B 245 34.20 11.05 3.26
C SER B 245 33.24 12.22 3.08
N ALA B 246 31.97 11.87 2.90
CA ALA B 246 30.93 12.86 2.73
C ALA B 246 30.97 13.87 3.88
N CYS B 247 31.13 13.39 5.12
CA CYS B 247 31.18 14.31 6.25
C CYS B 247 32.49 15.09 6.18
N ILE B 248 33.46 14.53 5.46
CA ILE B 248 34.75 15.18 5.35
C ILE B 248 34.80 16.12 4.13
N GLY B 249 33.74 16.18 3.37
CA GLY B 249 33.74 17.06 2.22
C GLY B 249 33.68 16.27 0.94
N GLY B 250 33.52 14.96 1.06
CA GLY B 250 33.45 14.12 -0.13
C GLY B 250 32.12 14.23 -0.83
N PRO B 251 31.91 13.44 -1.88
CA PRO B 251 30.66 13.44 -2.66
C PRO B 251 29.43 13.13 -1.81
N PRO B 252 28.27 13.66 -2.21
CA PRO B 252 27.03 13.42 -1.48
C PRO B 252 26.80 11.95 -1.22
N ASN B 253 26.53 11.62 0.03
CA ASN B 253 26.32 10.24 0.41
C ASN B 253 24.93 9.77 0.05
N ALA B 254 24.87 8.54 -0.41
CA ALA B 254 23.60 7.96 -0.78
C ALA B 254 22.72 7.94 0.46
N CYS B 255 21.45 8.25 0.28
CA CYS B 255 20.54 8.20 1.40
C CYS B 255 20.46 6.71 1.78
N LEU B 256 19.71 6.42 2.82
CA LEU B 256 19.55 5.06 3.31
C LEU B 256 18.46 4.28 2.59
N ASP B 257 17.44 4.97 2.12
CA ASP B 257 16.31 4.35 1.45
C ASP B 257 16.58 3.00 0.79
N GLN B 258 17.66 2.87 0.04
CA GLN B 258 17.95 1.57 -0.60
C GLN B 258 18.23 0.49 0.43
N LEU B 259 19.08 0.82 1.40
CA LEU B 259 19.42 -0.11 2.48
C LEU B 259 18.16 -0.30 3.30
N GLN B 260 17.62 0.81 3.79
CA GLN B 260 16.41 0.77 4.60
C GLN B 260 15.38 -0.16 3.99
N ASN B 261 15.43 -0.35 2.68
CA ASN B 261 14.48 -1.23 2.02
C ASN B 261 14.94 -2.66 2.08
N TRP B 262 16.22 -2.87 1.81
CA TRP B 262 16.75 -4.23 1.84
C TRP B 262 16.63 -4.78 3.25
N PHE B 263 17.08 -4.01 4.23
CA PHE B 263 16.98 -4.43 5.61
C PHE B 263 15.51 -4.73 5.91
N THR B 264 14.71 -3.69 5.88
CA THR B 264 13.30 -3.86 6.18
C THR B 264 12.61 -5.08 5.50
N ILE B 265 13.04 -5.49 4.31
CA ILE B 265 12.40 -6.63 3.63
C ILE B 265 12.85 -7.97 4.21
N VAL B 266 14.16 -8.18 4.31
CA VAL B 266 14.66 -9.42 4.89
C VAL B 266 14.04 -9.55 6.29
N ALA B 267 14.02 -8.43 7.02
CA ALA B 267 13.46 -8.39 8.37
C ALA B 267 12.03 -8.93 8.43
N GLU B 268 11.18 -8.47 7.53
CA GLU B 268 9.81 -8.93 7.54
C GLU B 268 9.80 -10.43 7.31
N SER B 269 10.63 -10.88 6.37
CA SER B 269 10.74 -12.30 6.04
C SER B 269 11.04 -13.13 7.29
N LEU B 270 12.13 -12.77 7.97
CA LEU B 270 12.52 -13.45 9.20
C LEU B 270 11.32 -13.46 10.13
N GLN B 271 10.82 -12.26 10.46
CA GLN B 271 9.68 -12.15 11.35
C GLN B 271 8.56 -13.11 10.95
N GLN B 272 8.43 -13.39 9.66
CA GLN B 272 7.37 -14.29 9.22
C GLN B 272 7.77 -15.72 9.45
N VAL B 273 9.03 -16.04 9.15
CA VAL B 273 9.49 -17.39 9.38
C VAL B 273 9.22 -17.73 10.85
N ARG B 274 9.39 -16.74 11.72
CA ARG B 274 9.15 -16.93 13.14
C ARG B 274 7.69 -17.39 13.33
N GLN B 275 6.76 -16.67 12.72
CA GLN B 275 5.34 -17.00 12.77
C GLN B 275 5.10 -18.40 12.22
N GLN B 276 5.84 -18.74 11.17
CA GLN B 276 5.71 -20.04 10.53
C GLN B 276 6.12 -21.11 11.53
N LEU B 277 7.24 -20.86 12.22
CA LEU B 277 7.73 -21.81 13.18
C LEU B 277 6.69 -22.02 14.27
N LYS B 278 6.01 -20.95 14.68
CA LYS B 278 4.94 -21.07 15.68
C LYS B 278 3.83 -21.94 15.12
N LYS B 279 3.36 -21.59 13.94
CA LYS B 279 2.30 -22.34 13.29
C LYS B 279 2.64 -23.84 13.25
N LEU B 280 3.90 -24.15 13.00
CA LEU B 280 4.34 -25.54 12.92
C LEU B 280 4.25 -26.32 14.22
N GLU B 281 4.42 -25.63 15.34
CA GLU B 281 4.34 -26.31 16.63
C GLU B 281 2.88 -26.54 16.99
N GLU B 282 2.04 -25.61 16.54
CA GLU B 282 0.61 -25.72 16.81
C GLU B 282 0.09 -26.94 16.07
N LEU B 283 0.82 -27.36 15.04
CA LEU B 283 0.43 -28.53 14.28
C LEU B 283 1.00 -29.77 14.93
N GLU B 284 2.06 -29.55 15.71
CA GLU B 284 2.74 -30.64 16.41
C GLU B 284 1.91 -30.98 17.63
N GLN B 285 1.37 -29.96 18.28
CA GLN B 285 0.53 -30.22 19.44
C GLN B 285 -0.58 -31.14 18.92
N LYS B 286 -1.31 -30.65 17.94
CA LYS B 286 -2.40 -31.40 17.33
C LYS B 286 -1.98 -32.81 16.94
N TYR B 287 -0.72 -32.99 16.53
CA TYR B 287 -0.27 -34.32 16.16
C TYR B 287 1.24 -34.48 16.03
N THR B 288 1.79 -35.53 16.61
CA THR B 288 3.22 -35.78 16.52
C THR B 288 3.45 -37.25 16.39
N TYR B 289 4.71 -37.67 16.36
CA TYR B 289 5.05 -39.07 16.22
C TYR B 289 6.55 -39.28 16.26
N GLU B 290 6.96 -40.52 16.44
CA GLU B 290 8.37 -40.86 16.50
C GLU B 290 8.97 -40.42 15.18
N HIS B 291 10.03 -39.61 15.25
CA HIS B 291 10.67 -39.12 14.04
C HIS B 291 9.88 -38.05 13.28
N ASP B 292 9.13 -37.23 13.99
CA ASP B 292 8.38 -36.18 13.33
C ASP B 292 9.35 -35.04 13.09
N PRO B 293 9.50 -34.62 11.82
CA PRO B 293 10.42 -33.52 11.46
C PRO B 293 10.20 -32.22 12.20
N ILE B 294 8.93 -31.84 12.40
CA ILE B 294 8.66 -30.60 13.10
C ILE B 294 9.35 -30.64 14.44
N THR B 295 9.31 -31.80 15.09
CA THR B 295 9.94 -31.96 16.39
C THR B 295 11.46 -31.90 16.34
N LYS B 296 12.06 -32.60 15.36
CA LYS B 296 13.50 -32.61 15.23
C LYS B 296 14.15 -31.27 14.91
N ASN B 297 13.56 -30.52 13.99
CA ASN B 297 14.11 -29.25 13.56
C ASN B 297 13.64 -28.08 14.41
N LYS B 298 12.47 -28.26 15.01
CA LYS B 298 11.84 -27.32 15.94
C LYS B 298 12.79 -26.24 16.52
N GLN B 299 13.79 -26.71 17.26
CA GLN B 299 14.78 -25.88 17.95
C GLN B 299 15.83 -25.24 17.05
N VAL B 300 16.63 -26.07 16.38
CA VAL B 300 17.66 -25.56 15.50
C VAL B 300 17.10 -24.39 14.71
N LEU B 301 15.99 -24.63 14.01
CA LEU B 301 15.36 -23.60 13.21
C LEU B 301 14.99 -22.38 14.03
N TRP B 302 14.15 -22.55 15.03
CA TRP B 302 13.75 -21.41 15.84
C TRP B 302 14.95 -20.59 16.28
N ASP B 303 16.06 -21.26 16.56
CA ASP B 303 17.27 -20.54 16.98
C ASP B 303 17.98 -19.88 15.82
N ARG B 304 18.15 -20.58 14.70
CA ARG B 304 18.82 -19.98 13.55
C ARG B 304 18.10 -18.69 13.20
N THR B 305 16.79 -18.76 13.15
CA THR B 305 15.98 -17.62 12.82
C THR B 305 16.27 -16.45 13.73
N PHE B 306 15.98 -16.56 15.03
CA PHE B 306 16.24 -15.43 15.94
C PHE B 306 17.67 -14.91 15.82
N SER B 307 18.60 -15.83 15.60
CA SER B 307 19.98 -15.46 15.47
C SER B 307 20.13 -14.43 14.33
N LEU B 308 19.66 -14.80 13.15
CA LEU B 308 19.72 -13.93 12.00
C LEU B 308 18.99 -12.64 12.32
N PHE B 309 17.73 -12.77 12.71
CA PHE B 309 16.93 -11.59 13.03
C PHE B 309 17.56 -10.65 14.04
N GLN B 310 18.27 -11.19 15.03
CA GLN B 310 18.87 -10.32 16.02
C GLN B 310 20.03 -9.55 15.43
N GLN B 311 20.87 -10.26 14.69
CA GLN B 311 22.02 -9.62 14.09
C GLN B 311 21.48 -8.54 13.16
N LEU B 312 20.58 -8.93 12.27
CA LEU B 312 20.00 -8.01 11.31
C LEU B 312 19.60 -6.68 11.94
N ILE B 313 18.71 -6.75 12.91
CA ILE B 313 18.20 -5.56 13.56
C ILE B 313 19.22 -4.78 14.44
N GLN B 314 20.37 -5.35 14.73
CA GLN B 314 21.33 -4.61 15.53
C GLN B 314 22.22 -3.85 14.55
N SER B 315 22.39 -4.42 13.37
CA SER B 315 23.19 -3.84 12.30
C SER B 315 22.46 -2.63 11.73
N SER B 316 21.14 -2.68 11.79
CA SER B 316 20.27 -1.63 11.28
C SER B 316 20.28 -0.34 12.10
N PHE B 317 20.73 -0.42 13.34
CA PHE B 317 20.73 0.77 14.21
C PHE B 317 21.96 1.61 13.95
N VAL B 318 21.82 2.63 13.12
CA VAL B 318 22.97 3.46 12.80
C VAL B 318 22.81 4.99 12.98
N VAL B 319 23.96 5.68 13.02
CA VAL B 319 23.97 7.13 13.14
C VAL B 319 23.85 7.71 11.74
N GLU B 320 22.69 8.31 11.48
CA GLU B 320 22.34 8.90 10.20
C GLU B 320 22.96 10.27 10.01
N ARG B 321 23.06 11.02 11.08
CA ARG B 321 23.64 12.34 11.03
C ARG B 321 24.65 12.45 12.18
N GLN B 322 25.93 12.39 11.87
CA GLN B 322 26.99 12.47 12.89
C GLN B 322 26.84 13.70 13.79
N PRO B 323 27.54 13.73 14.91
CA PRO B 323 27.45 14.88 15.82
C PRO B 323 27.94 16.16 15.15
N CYS B 324 27.13 17.19 15.20
CA CYS B 324 27.43 18.46 14.54
C CYS B 324 26.86 19.63 15.34
N MET B 325 27.56 20.76 15.33
CA MET B 325 27.06 21.98 15.99
C MET B 325 26.37 22.80 14.90
N PRO B 326 25.08 23.11 15.07
CA PRO B 326 24.38 23.90 14.04
C PRO B 326 25.10 25.19 13.68
N THR B 327 25.83 25.75 14.63
CA THR B 327 26.57 26.99 14.42
C THR B 327 27.81 26.88 13.53
N HIS B 328 28.42 25.71 13.51
CA HIS B 328 29.61 25.49 12.72
C HIS B 328 29.36 24.28 11.84
N PRO B 329 28.25 24.29 11.08
CA PRO B 329 27.86 23.19 10.19
C PRO B 329 28.97 22.78 9.23
N GLN B 330 29.96 23.67 9.10
CA GLN B 330 31.08 23.42 8.21
C GLN B 330 32.02 22.29 8.71
N ARG B 331 32.09 22.13 10.03
CA ARG B 331 32.93 21.14 10.66
C ARG B 331 32.10 20.14 11.47
N PRO B 332 31.67 19.03 10.85
CA PRO B 332 30.87 18.09 11.62
C PRO B 332 31.45 17.50 12.93
N LEU B 333 32.35 16.52 12.83
CA LEU B 333 32.82 15.88 14.05
C LEU B 333 33.55 16.69 15.16
N VAL B 334 33.60 18.01 15.04
CA VAL B 334 34.26 18.81 16.08
C VAL B 334 33.22 19.50 17.00
N LEU B 335 33.29 19.22 18.30
CA LEU B 335 32.34 19.76 19.26
C LEU B 335 32.98 20.71 20.23
N LYS B 336 32.40 21.90 20.34
CA LYS B 336 32.92 22.87 21.28
C LYS B 336 32.14 22.80 22.56
N THR B 337 32.89 22.75 23.65
CA THR B 337 32.35 22.67 24.98
C THR B 337 31.38 23.83 25.20
N GLY B 338 30.32 23.57 25.99
CA GLY B 338 29.36 24.60 26.28
C GLY B 338 28.44 25.02 25.14
N VAL B 339 28.70 24.51 23.94
CA VAL B 339 27.87 24.86 22.80
C VAL B 339 26.96 23.69 22.50
N GLN B 340 25.77 23.96 22.01
CA GLN B 340 24.82 22.89 21.73
C GLN B 340 25.05 22.20 20.41
N PHE B 341 24.81 20.89 20.36
CA PHE B 341 25.00 20.11 19.15
C PHE B 341 23.87 19.11 18.93
N THR B 342 23.91 18.40 17.80
CA THR B 342 22.88 17.44 17.47
C THR B 342 23.41 16.22 16.74
N VAL B 343 22.71 15.11 16.92
CA VAL B 343 23.03 13.86 16.26
C VAL B 343 21.67 13.28 15.90
N LYS B 344 21.65 12.29 15.01
CA LYS B 344 20.40 11.68 14.64
C LYS B 344 20.60 10.19 14.39
N LEU B 345 19.85 9.38 15.13
CA LEU B 345 19.94 7.94 15.00
C LEU B 345 18.82 7.44 14.14
N ARG B 346 18.96 6.23 13.62
CA ARG B 346 17.96 5.67 12.76
C ARG B 346 18.10 4.14 12.61
N LEU B 347 16.97 3.45 12.62
CA LEU B 347 16.97 2.00 12.48
C LEU B 347 16.56 1.61 11.08
N LEU B 348 17.50 1.07 10.32
CA LEU B 348 17.22 0.70 8.94
C LEU B 348 16.15 -0.35 8.76
N VAL B 349 15.62 -0.88 9.86
CA VAL B 349 14.59 -1.90 9.68
C VAL B 349 13.24 -1.28 9.41
N LYS B 350 12.56 -0.81 10.44
CA LYS B 350 11.26 -0.18 10.22
C LYS B 350 10.08 -1.15 10.07
N LEU B 351 9.41 -1.35 11.18
CA LEU B 351 8.26 -2.22 11.26
C LEU B 351 7.35 -1.49 12.22
N GLN B 352 6.09 -1.30 11.83
CA GLN B 352 5.11 -0.60 12.68
C GLN B 352 5.20 -1.13 14.10
N GLU B 353 5.38 -2.45 14.20
CA GLU B 353 5.50 -3.11 15.49
C GLU B 353 6.74 -2.67 16.26
N LEU B 354 7.31 -1.53 15.88
CA LEU B 354 8.52 -0.99 16.51
C LEU B 354 8.36 0.48 16.88
N ASN B 355 7.24 1.06 16.45
CA ASN B 355 7.00 2.47 16.69
C ASN B 355 6.83 2.85 18.15
N TYR B 356 7.72 3.71 18.62
CA TYR B 356 7.70 4.21 20.00
C TYR B 356 8.08 3.15 21.03
N ASN B 357 8.64 2.04 20.57
CA ASN B 357 9.04 0.97 21.48
C ASN B 357 10.55 0.89 21.66
N LEU B 358 11.26 1.89 21.18
CA LEU B 358 12.70 1.89 21.30
C LEU B 358 13.19 3.18 21.91
N LYS B 359 13.45 3.18 23.20
CA LYS B 359 13.93 4.36 23.88
C LYS B 359 15.45 4.37 23.72
N VAL B 360 15.98 5.43 23.12
CA VAL B 360 17.42 5.55 22.90
C VAL B 360 18.08 6.53 23.87
N LYS B 361 19.22 6.12 24.40
CA LYS B 361 19.98 6.94 25.35
C LYS B 361 21.39 7.26 24.85
N VAL B 362 21.83 8.47 25.12
CA VAL B 362 23.16 8.93 24.70
C VAL B 362 24.16 8.82 25.82
N LEU B 363 25.32 8.25 25.51
CA LEU B 363 26.36 8.11 26.51
C LEU B 363 27.68 8.60 25.92
N PHE B 364 28.37 9.46 26.67
CA PHE B 364 29.64 10.01 26.22
C PHE B 364 30.88 9.28 26.75
N ASP B 365 31.65 8.71 25.83
CA ASP B 365 32.86 7.99 26.19
C ASP B 365 32.61 6.73 26.98
N LYS B 366 31.42 6.19 26.89
CA LYS B 366 31.11 4.95 27.59
C LYS B 366 32.14 3.93 27.13
N ASP B 367 32.36 2.90 27.93
CA ASP B 367 33.33 1.84 27.59
C ASP B 367 34.59 2.38 26.90
N VAL B 368 35.31 3.27 27.57
CA VAL B 368 36.53 3.81 26.99
C VAL B 368 37.70 3.51 27.92
N ASN B 369 38.78 2.98 27.33
CA ASN B 369 39.97 2.61 28.09
C ASN B 369 40.69 3.85 28.60
N GLU B 370 41.03 4.74 27.67
CA GLU B 370 41.74 5.98 27.98
C GLU B 370 41.20 6.70 29.21
N ARG B 371 39.94 6.44 29.55
CA ARG B 371 39.33 7.05 30.72
C ARG B 371 40.21 6.72 31.91
N ASN B 372 40.97 5.63 31.74
CA ASN B 372 41.90 5.13 32.75
C ASN B 372 43.25 4.93 32.06
N THR B 373 43.23 4.24 30.92
CA THR B 373 44.44 3.97 30.13
C THR B 373 45.27 5.24 29.96
N VAL B 374 44.86 6.10 29.04
CA VAL B 374 45.57 7.35 28.79
C VAL B 374 45.59 8.27 30.01
N LYS B 375 46.75 8.88 30.25
CA LYS B 375 46.94 9.79 31.35
C LYS B 375 46.30 11.14 31.03
N GLY B 376 45.76 11.79 32.06
CA GLY B 376 45.13 13.09 31.88
C GLY B 376 43.89 13.10 31.02
N PHE B 377 43.77 12.14 30.09
CA PHE B 377 42.62 12.05 29.21
C PHE B 377 41.42 12.79 29.79
N ARG B 378 41.10 13.94 29.21
CA ARG B 378 39.98 14.74 29.69
C ARG B 378 38.69 13.94 29.68
N LYS B 379 37.74 14.36 30.50
CA LYS B 379 36.45 13.68 30.57
C LYS B 379 35.36 14.74 30.62
N PHE B 380 34.30 14.55 29.82
CA PHE B 380 33.19 15.51 29.78
C PHE B 380 31.87 14.80 30.04
N ASN B 381 30.82 15.60 30.23
CA ASN B 381 29.49 15.08 30.50
C ASN B 381 28.40 15.78 29.68
N ILE B 382 27.49 15.00 29.13
CA ILE B 382 26.37 15.51 28.32
C ILE B 382 25.41 16.27 29.23
N LEU B 383 24.73 17.28 28.70
CA LEU B 383 23.84 18.03 29.55
C LEU B 383 22.38 18.09 29.16
N GLY B 384 22.09 18.14 27.87
CA GLY B 384 20.69 18.22 27.47
C GLY B 384 19.85 16.97 27.71
N THR B 385 18.95 16.68 26.78
CA THR B 385 18.07 15.53 26.85
C THR B 385 18.86 14.28 26.50
N HIS B 386 18.98 13.37 27.44
CA HIS B 386 19.76 12.15 27.23
C HIS B 386 19.02 11.04 26.52
N THR B 387 17.69 11.08 26.53
CA THR B 387 16.94 10.03 25.88
C THR B 387 15.88 10.53 24.93
N LYS B 388 15.65 9.77 23.87
CA LYS B 388 14.69 10.11 22.85
C LYS B 388 14.08 8.82 22.31
N VAL B 389 12.81 8.85 21.95
CA VAL B 389 12.16 7.65 21.43
C VAL B 389 12.03 7.69 19.91
N MET B 390 12.41 6.60 19.24
CA MET B 390 12.38 6.53 17.79
C MET B 390 10.96 6.58 17.25
N ASN B 391 10.68 7.58 16.43
CA ASN B 391 9.36 7.75 15.81
C ASN B 391 9.49 7.59 14.32
N MET B 392 8.33 7.61 13.66
CA MET B 392 8.25 7.53 12.22
C MET B 392 8.18 8.99 11.78
N GLU B 393 8.76 9.28 10.63
CA GLU B 393 8.72 10.64 10.11
C GLU B 393 8.68 10.57 8.59
N GLU B 394 7.55 11.04 8.08
CA GLU B 394 7.25 11.05 6.67
C GLU B 394 8.28 11.60 5.70
N SER B 395 9.00 10.67 5.08
CA SER B 395 9.97 11.00 4.06
C SER B 395 9.09 10.58 2.88
N THR B 396 9.65 9.97 1.85
CA THR B 396 8.83 9.51 0.74
C THR B 396 8.57 8.05 1.09
N ASN B 397 9.23 7.61 2.17
CA ASN B 397 9.14 6.25 2.67
C ASN B 397 9.13 6.29 4.20
N GLY B 398 9.12 7.49 4.77
CA GLY B 398 9.15 7.63 6.20
C GLY B 398 10.49 7.08 6.65
N SER B 399 10.60 6.75 7.93
CA SER B 399 11.83 6.20 8.49
C SER B 399 11.65 6.14 10.01
N LEU B 400 12.33 5.19 10.64
CA LEU B 400 12.24 5.04 12.08
C LEU B 400 13.50 5.65 12.68
N ALA B 401 13.43 6.89 13.15
CA ALA B 401 14.62 7.50 13.69
C ALA B 401 14.37 8.33 14.92
N ALA B 402 15.47 8.78 15.54
CA ALA B 402 15.44 9.61 16.75
C ALA B 402 16.52 10.69 16.66
N GLU B 403 16.08 11.94 16.70
CA GLU B 403 17.01 13.04 16.56
C GLU B 403 17.22 13.73 17.88
N PHE B 404 18.47 13.85 18.30
CA PHE B 404 18.73 14.56 19.53
C PHE B 404 19.28 15.94 19.18
N ARG B 405 18.60 16.99 19.61
CA ARG B 405 19.14 18.33 19.44
C ARG B 405 19.31 18.49 20.92
N HIS B 406 19.59 19.69 21.39
CA HIS B 406 19.71 19.85 22.84
C HIS B 406 20.74 18.93 23.45
N LEU B 407 21.99 19.15 23.11
CA LEU B 407 23.07 18.38 23.66
C LEU B 407 24.23 19.34 23.80
N GLN B 408 25.04 19.12 24.84
CA GLN B 408 26.23 19.92 25.05
C GLN B 408 27.17 19.23 26.01
N LEU B 409 28.46 19.57 25.94
CA LEU B 409 29.48 18.98 26.80
C LEU B 409 30.00 19.97 27.82
N LYS B 410 30.44 19.44 28.97
CA LYS B 410 31.01 20.26 30.03
C LYS B 410 32.28 19.61 30.57
N GLU B 411 33.33 20.41 30.78
CA GLU B 411 34.59 19.88 31.30
C GLU B 411 34.51 19.43 32.75
N GLN B 412 34.47 18.11 32.94
CA GLN B 412 34.38 17.51 34.28
C GLN B 412 35.77 17.33 34.85
N GLY B 422 50.46 17.82 31.02
CA GLY B 422 50.31 17.49 29.61
C GLY B 422 50.27 16.00 29.35
N PRO B 423 49.46 15.55 28.36
CA PRO B 423 49.37 14.13 28.03
C PRO B 423 50.23 13.76 26.83
N LEU B 424 49.97 12.58 26.28
CA LEU B 424 50.70 12.09 25.11
C LEU B 424 50.30 12.93 23.91
N ILE B 425 49.00 13.00 23.66
CA ILE B 425 48.44 13.77 22.54
C ILE B 425 48.05 15.22 22.92
N VAL B 426 48.16 16.15 21.95
CA VAL B 426 47.79 17.55 22.14
C VAL B 426 46.32 17.56 22.56
N THR B 427 45.62 18.68 22.43
CA THR B 427 44.22 18.63 22.82
C THR B 427 43.40 17.89 21.76
N GLU B 428 44.08 17.22 20.82
CA GLU B 428 43.40 16.44 19.79
C GLU B 428 43.42 14.94 20.06
N GLU B 429 42.66 14.63 21.10
CA GLU B 429 42.40 13.30 21.60
C GLU B 429 40.95 13.10 21.17
N LEU B 430 40.65 11.91 20.67
CA LEU B 430 39.33 11.58 20.19
C LEU B 430 38.46 10.94 21.27
N HIS B 431 37.17 11.29 21.22
CA HIS B 431 36.18 10.77 22.14
C HIS B 431 35.06 10.27 21.24
N SER B 432 34.08 9.57 21.80
CA SER B 432 32.96 9.07 21.00
C SER B 432 31.62 9.08 21.73
N LEU B 433 30.55 9.21 20.96
CA LEU B 433 29.20 9.23 21.51
C LEU B 433 28.60 7.85 21.29
N SER B 434 28.01 7.33 22.36
CA SER B 434 27.36 6.02 22.36
C SER B 434 25.85 6.10 22.47
N PHE B 435 25.20 5.22 21.72
CA PHE B 435 23.76 5.14 21.66
C PHE B 435 23.27 3.73 21.95
N GLU B 436 22.57 3.60 23.08
CA GLU B 436 22.03 2.31 23.51
C GLU B 436 20.50 2.31 23.50
N THR B 437 19.95 1.16 23.17
CA THR B 437 18.51 0.98 23.17
C THR B 437 18.30 -0.53 23.25
N GLN B 438 17.05 -0.94 23.38
CA GLN B 438 16.75 -2.35 23.48
C GLN B 438 15.32 -2.66 23.05
N LEU B 439 15.13 -3.81 22.43
CA LEU B 439 13.82 -4.24 21.97
C LEU B 439 13.22 -5.23 22.96
N CYS B 440 12.09 -4.86 23.55
CA CYS B 440 11.40 -5.70 24.51
C CYS B 440 10.06 -6.18 23.97
N GLN B 441 9.91 -7.50 23.85
CA GLN B 441 8.68 -8.10 23.34
C GLN B 441 8.46 -9.44 24.04
N PRO B 442 7.47 -10.25 23.57
CA PRO B 442 7.26 -11.55 24.25
C PRO B 442 8.49 -12.45 24.24
N GLY B 443 9.01 -12.73 25.43
CA GLY B 443 10.18 -13.59 25.57
C GLY B 443 11.23 -13.27 24.53
N LEU B 444 11.23 -12.01 24.08
CA LEU B 444 12.17 -11.52 23.08
C LEU B 444 12.81 -10.22 23.58
N VAL B 445 14.13 -10.22 23.65
CA VAL B 445 14.85 -9.04 24.11
C VAL B 445 16.17 -8.90 23.38
N ILE B 446 16.32 -7.79 22.65
CA ILE B 446 17.56 -7.53 21.94
C ILE B 446 18.11 -6.17 22.33
N ASP B 447 19.40 -6.14 22.59
CA ASP B 447 20.04 -4.89 22.98
C ASP B 447 20.69 -4.31 21.74
N LEU B 448 20.44 -3.02 21.50
CA LEU B 448 21.00 -2.31 20.36
C LEU B 448 21.95 -1.24 20.86
N GLU B 449 23.06 -1.09 20.16
CA GLU B 449 24.05 -0.09 20.51
C GLU B 449 24.89 0.25 19.29
N THR B 450 25.34 1.49 19.21
CA THR B 450 26.16 1.94 18.10
C THR B 450 26.81 3.26 18.49
N THR B 451 27.88 3.65 17.82
CA THR B 451 28.51 4.89 18.19
C THR B 451 28.83 5.75 16.99
N SER B 452 28.93 7.05 17.23
CA SER B 452 29.24 8.01 16.18
C SER B 452 30.71 7.91 15.83
N LEU B 453 31.11 8.64 14.80
CA LEU B 453 32.50 8.68 14.42
C LEU B 453 33.23 9.42 15.56
N PRO B 454 34.55 9.23 15.67
CA PRO B 454 35.26 9.91 16.76
C PRO B 454 35.00 11.41 16.73
N VAL B 455 35.01 12.02 17.89
CA VAL B 455 34.73 13.42 18.04
C VAL B 455 35.91 14.14 18.63
N VAL B 456 35.93 15.47 18.46
CA VAL B 456 36.99 16.27 19.02
C VAL B 456 36.31 17.37 19.83
N VAL B 457 36.70 17.50 21.10
CA VAL B 457 36.10 18.52 21.97
C VAL B 457 37.05 19.68 22.14
N ILE B 458 36.54 20.90 22.07
CA ILE B 458 37.41 22.05 22.20
C ILE B 458 36.79 23.06 23.14
N SER B 459 37.62 23.98 23.63
CA SER B 459 37.15 25.01 24.54
C SER B 459 36.88 26.33 23.87
N ASN B 460 37.70 26.69 22.90
CA ASN B 460 37.55 27.95 22.19
C ASN B 460 37.52 27.83 20.66
N VAL B 461 36.74 28.72 20.04
CA VAL B 461 36.59 28.77 18.59
C VAL B 461 37.92 28.61 17.83
N SER B 462 38.95 29.29 18.32
CA SER B 462 40.28 29.26 17.74
C SER B 462 40.79 27.86 17.43
N GLN B 463 40.18 26.85 18.01
CA GLN B 463 40.65 25.49 17.80
C GLN B 463 39.97 24.75 16.65
N LEU B 464 38.84 25.29 16.21
CA LEU B 464 38.11 24.66 15.14
C LEU B 464 38.98 24.24 13.97
N PRO B 465 39.75 25.19 13.41
CA PRO B 465 40.60 24.85 12.26
C PRO B 465 41.46 23.62 12.54
N SER B 466 42.19 23.67 13.65
CA SER B 466 43.06 22.58 14.09
C SER B 466 42.23 21.33 14.30
N GLY B 467 41.17 21.45 15.08
CA GLY B 467 40.33 20.30 15.31
C GLY B 467 39.87 19.67 14.01
N TRP B 468 39.37 20.52 13.12
CA TRP B 468 38.88 20.04 11.83
C TRP B 468 39.97 19.26 11.13
N ALA B 469 41.21 19.71 11.32
CA ALA B 469 42.37 19.05 10.70
C ALA B 469 42.40 17.56 11.08
N SER B 470 42.26 17.31 12.38
CA SER B 470 42.24 15.95 12.92
C SER B 470 41.12 15.16 12.24
N ILE B 471 39.90 15.65 12.36
CA ILE B 471 38.74 14.98 11.74
C ILE B 471 39.03 14.64 10.28
N LEU B 472 39.65 15.61 9.60
CA LEU B 472 40.03 15.47 8.21
C LEU B 472 40.98 14.27 8.06
N TRP B 473 42.05 14.26 8.85
CA TRP B 473 42.99 13.17 8.80
C TRP B 473 42.32 11.84 9.12
N TYR B 474 41.74 11.77 10.32
CA TYR B 474 41.09 10.55 10.76
C TYR B 474 40.18 9.93 9.71
N ASN B 475 39.18 10.69 9.28
CA ASN B 475 38.25 10.19 8.30
C ASN B 475 38.76 9.92 6.90
N MET B 476 39.84 10.58 6.54
CA MET B 476 40.39 10.35 5.22
C MET B 476 41.11 9.00 5.20
N LEU B 477 41.65 8.60 6.34
CA LEU B 477 42.42 7.36 6.41
C LEU B 477 41.75 6.13 7.06
N VAL B 478 41.14 6.30 8.23
CA VAL B 478 40.48 5.20 8.94
C VAL B 478 39.10 4.85 8.34
N ALA B 479 38.58 3.68 8.69
CA ALA B 479 37.26 3.24 8.22
C ALA B 479 36.38 2.87 9.42
N GLU B 480 37.04 2.54 10.54
CA GLU B 480 36.34 2.15 11.76
C GLU B 480 35.76 3.36 12.46
N PRO B 481 34.80 3.13 13.38
CA PRO B 481 34.12 4.16 14.16
C PRO B 481 34.77 4.36 15.51
N ARG B 482 35.70 3.46 15.86
CA ARG B 482 36.38 3.56 17.14
C ARG B 482 37.86 3.18 17.14
N ASN B 483 38.65 3.95 17.89
CA ASN B 483 40.09 3.77 18.17
C ASN B 483 40.42 4.84 19.16
N LEU B 484 39.94 6.05 18.88
CA LEU B 484 40.15 7.20 19.74
C LEU B 484 41.61 7.45 20.10
N SER B 485 42.49 6.55 19.66
CA SER B 485 43.92 6.68 19.95
C SER B 485 44.66 6.79 18.63
N PHE B 486 43.89 7.07 17.57
CA PHE B 486 44.41 7.22 16.20
C PHE B 486 45.68 8.09 16.10
N PHE B 487 45.70 9.20 16.83
CA PHE B 487 46.83 10.11 16.80
C PHE B 487 47.98 9.76 17.75
N LEU B 488 48.54 8.57 17.57
CA LEU B 488 49.67 8.13 18.38
C LEU B 488 50.64 7.56 17.35
N THR B 489 50.07 7.16 16.23
CA THR B 489 50.84 6.61 15.13
C THR B 489 50.15 7.04 13.85
N PRO B 490 49.79 8.34 13.76
CA PRO B 490 49.12 8.89 12.58
C PRO B 490 49.62 8.35 11.24
N PRO B 491 48.77 7.64 10.51
CA PRO B 491 49.21 7.11 9.22
C PRO B 491 49.68 8.26 8.35
N CYS B 492 49.99 7.95 7.09
CA CYS B 492 50.41 8.97 6.17
C CYS B 492 49.33 9.04 5.14
N ALA B 493 49.40 10.01 4.25
CA ALA B 493 48.35 10.13 3.25
C ALA B 493 48.91 10.10 1.84
N ARG B 494 48.26 9.34 0.97
CA ARG B 494 48.69 9.30 -0.41
C ARG B 494 48.21 10.61 -1.02
N TRP B 495 49.14 11.42 -1.51
CA TRP B 495 48.81 12.71 -2.10
C TRP B 495 47.59 12.61 -3.01
N ALA B 496 47.52 11.54 -3.80
CA ALA B 496 46.40 11.36 -4.69
C ALA B 496 45.11 11.50 -3.88
N GLN B 497 45.22 11.18 -2.59
CA GLN B 497 44.09 11.25 -1.68
C GLN B 497 43.98 12.57 -0.93
N LEU B 498 45.08 13.06 -0.38
CA LEU B 498 45.05 14.32 0.35
C LEU B 498 44.60 15.46 -0.57
N SER B 499 45.08 15.42 -1.81
CA SER B 499 44.75 16.44 -2.78
C SER B 499 43.23 16.55 -3.00
N GLU B 500 42.56 15.41 -3.17
CA GLU B 500 41.13 15.42 -3.39
C GLU B 500 40.42 16.07 -2.20
N VAL B 501 40.71 15.56 -1.00
CA VAL B 501 40.13 16.08 0.22
C VAL B 501 40.29 17.60 0.32
N LEU B 502 41.45 18.11 -0.12
CA LEU B 502 41.71 19.55 -0.09
C LEU B 502 40.82 20.30 -1.05
N SER B 503 40.75 19.82 -2.30
CA SER B 503 39.89 20.45 -3.28
C SER B 503 38.54 20.60 -2.59
N TRP B 504 38.08 19.47 -2.03
CA TRP B 504 36.80 19.40 -1.32
C TRP B 504 36.60 20.52 -0.31
N GLN B 505 37.64 20.80 0.47
CA GLN B 505 37.55 21.85 1.46
C GLN B 505 37.14 23.15 0.80
N PHE B 506 37.54 23.33 -0.45
CA PHE B 506 37.22 24.55 -1.17
C PHE B 506 35.84 24.44 -1.79
N SER B 507 35.64 23.33 -2.49
CA SER B 507 34.38 23.07 -3.16
C SER B 507 33.21 22.85 -2.22
N SER B 508 33.26 23.46 -1.04
CA SER B 508 32.19 23.29 -0.06
C SER B 508 31.99 24.56 0.75
N VAL B 509 32.89 25.52 0.59
CA VAL B 509 32.79 26.79 1.27
C VAL B 509 32.54 27.79 0.15
N THR B 510 32.90 27.37 -1.06
CA THR B 510 32.75 28.18 -2.27
C THR B 510 32.10 27.32 -3.33
N LYS B 511 31.86 27.91 -4.50
CA LYS B 511 31.22 27.19 -5.59
C LYS B 511 32.23 26.50 -6.48
N ARG B 512 33.52 26.57 -6.13
CA ARG B 512 34.50 25.88 -6.94
C ARG B 512 35.66 25.33 -6.11
N GLY B 513 36.16 24.17 -6.54
CA GLY B 513 37.27 23.53 -5.86
C GLY B 513 38.65 23.90 -6.38
N LEU B 514 39.60 22.99 -6.21
CA LEU B 514 40.96 23.23 -6.66
C LEU B 514 41.17 22.46 -7.95
N ASN B 515 42.06 22.96 -8.80
CA ASN B 515 42.30 22.28 -10.06
C ASN B 515 43.69 21.70 -10.11
N VAL B 516 43.96 21.02 -11.23
CA VAL B 516 45.24 20.39 -11.45
C VAL B 516 46.42 21.29 -11.11
N ASP B 517 46.51 22.44 -11.78
CA ASP B 517 47.59 23.38 -11.55
C ASP B 517 47.70 23.78 -10.09
N GLN B 518 46.58 24.19 -9.50
CA GLN B 518 46.56 24.61 -8.10
C GLN B 518 47.02 23.46 -7.18
N LEU B 519 46.49 22.27 -7.45
CA LEU B 519 46.84 21.09 -6.70
C LEU B 519 48.33 20.80 -6.77
N ASN B 520 48.88 20.79 -7.99
CA ASN B 520 50.31 20.52 -8.19
C ASN B 520 51.16 21.41 -7.32
N MET B 521 50.87 22.72 -7.38
CA MET B 521 51.59 23.73 -6.61
C MET B 521 51.54 23.38 -5.14
N LEU B 522 50.38 22.92 -4.68
CA LEU B 522 50.22 22.59 -3.28
C LEU B 522 50.97 21.32 -2.91
N GLY B 523 50.99 20.36 -3.82
CA GLY B 523 51.70 19.12 -3.57
C GLY B 523 53.21 19.35 -3.51
N GLU B 524 53.72 20.21 -4.37
CA GLU B 524 55.13 20.51 -4.37
C GLU B 524 55.48 21.24 -3.10
N LYS B 525 54.45 21.73 -2.43
CA LYS B 525 54.63 22.45 -1.19
C LYS B 525 54.67 21.39 -0.09
N LEU B 526 53.75 20.43 -0.19
CA LEU B 526 53.72 19.34 0.78
C LEU B 526 54.86 18.37 0.50
N LEU B 527 54.82 17.72 -0.66
CA LEU B 527 55.87 16.80 -1.06
C LEU B 527 57.07 17.63 -1.53
N GLY B 528 57.27 17.71 -2.85
CA GLY B 528 58.37 18.48 -3.40
C GLY B 528 58.24 18.55 -4.91
N PRO B 529 59.18 19.18 -5.61
CA PRO B 529 59.10 19.28 -7.08
C PRO B 529 58.70 17.98 -7.78
N ASN B 530 57.61 18.05 -8.54
CA ASN B 530 57.06 16.90 -9.26
C ASN B 530 56.71 15.76 -8.31
N ALA B 531 55.77 16.02 -7.41
CA ALA B 531 55.32 15.04 -6.42
C ALA B 531 54.57 13.89 -7.05
N SER B 532 54.53 12.78 -6.34
CA SER B 532 53.86 11.58 -6.83
C SER B 532 52.47 11.40 -6.24
N PRO B 533 51.53 10.87 -7.05
CA PRO B 533 50.18 10.65 -6.54
C PRO B 533 50.30 9.61 -5.43
N ASP B 534 51.51 9.07 -5.28
CA ASP B 534 51.78 8.06 -4.25
C ASP B 534 52.79 8.55 -3.22
N GLY B 535 53.21 9.80 -3.34
CA GLY B 535 54.16 10.33 -2.39
C GLY B 535 53.58 10.67 -1.03
N LEU B 536 53.64 9.74 -0.09
CA LEU B 536 53.11 9.97 1.25
C LEU B 536 53.41 11.34 1.85
N ILE B 537 52.44 11.86 2.61
CA ILE B 537 52.62 13.13 3.30
C ILE B 537 52.31 12.81 4.76
N PRO B 538 53.29 13.04 5.64
CA PRO B 538 53.14 12.78 7.07
C PRO B 538 52.16 13.75 7.72
N TRP B 539 51.40 13.25 8.67
CA TRP B 539 50.45 14.09 9.36
C TRP B 539 51.22 15.24 10.05
N THR B 540 52.49 15.03 10.32
CA THR B 540 53.29 16.07 10.98
C THR B 540 53.58 17.23 10.00
N ARG B 541 53.89 16.88 8.76
CA ARG B 541 54.20 17.83 7.71
C ARG B 541 53.00 18.70 7.38
N PHE B 542 51.82 18.07 7.45
CA PHE B 542 50.53 18.69 7.16
C PHE B 542 49.99 19.68 8.18
N CYS B 543 50.00 19.31 9.46
CA CYS B 543 49.47 20.18 10.50
C CYS B 543 50.43 20.68 11.57
N LYS B 544 51.44 19.89 11.90
CA LYS B 544 52.34 20.32 12.96
C LYS B 544 53.59 21.05 12.48
N GLU B 545 54.32 20.39 11.60
CA GLU B 545 55.58 20.90 11.03
C GLU B 545 55.51 22.33 10.49
N ASN B 546 56.58 23.09 10.72
CA ASN B 546 56.68 24.47 10.26
C ASN B 546 57.22 24.50 8.83
N ILE B 547 56.31 24.34 7.87
CA ILE B 547 56.65 24.30 6.43
C ILE B 547 57.89 25.12 6.02
N ASN B 548 58.55 24.62 4.98
CA ASN B 548 59.77 25.21 4.43
C ASN B 548 60.33 26.49 5.07
N ASP B 549 59.63 27.62 4.97
CA ASP B 549 60.17 28.85 5.57
C ASP B 549 59.13 29.72 6.26
N LYS B 550 58.66 29.33 7.44
CA LYS B 550 57.67 30.16 8.10
C LYS B 550 57.64 30.03 9.61
N ASN B 551 56.57 30.56 10.20
CA ASN B 551 56.34 30.51 11.64
C ASN B 551 54.95 29.89 11.76
N PHE B 552 54.54 29.18 10.71
CA PHE B 552 53.24 28.53 10.70
C PHE B 552 53.19 27.28 9.81
N PRO B 553 52.18 26.43 10.03
CA PRO B 553 51.90 25.18 9.33
C PRO B 553 51.08 25.32 8.05
N PHE B 554 51.07 24.26 7.26
CA PHE B 554 50.34 24.20 6.00
C PHE B 554 48.82 24.33 6.15
N TRP B 555 48.20 23.42 6.89
CA TRP B 555 46.76 23.49 7.07
C TRP B 555 46.29 24.82 7.64
N LEU B 556 46.89 25.24 8.76
CA LEU B 556 46.46 26.49 9.36
C LEU B 556 46.49 27.63 8.33
N TRP B 557 47.41 27.50 7.38
CA TRP B 557 47.61 28.46 6.30
C TRP B 557 46.49 28.34 5.28
N ILE B 558 46.36 27.15 4.70
CA ILE B 558 45.31 26.86 3.72
C ILE B 558 43.98 27.23 4.34
N GLU B 559 43.82 26.91 5.61
CA GLU B 559 42.59 27.22 6.32
C GLU B 559 42.29 28.72 6.21
N SER B 560 43.15 29.56 6.79
CA SER B 560 42.92 30.99 6.75
C SER B 560 42.70 31.59 5.35
N ILE B 561 43.00 30.84 4.30
CA ILE B 561 42.75 31.39 2.98
C ILE B 561 41.28 31.22 2.73
N LEU B 562 40.79 30.02 3.04
CA LEU B 562 39.38 29.70 2.89
C LEU B 562 38.57 30.70 3.72
N GLU B 563 39.16 31.14 4.82
CA GLU B 563 38.51 32.09 5.69
C GLU B 563 38.40 33.37 4.87
N LEU B 564 39.53 33.84 4.35
CA LEU B 564 39.56 35.06 3.56
C LEU B 564 38.60 34.93 2.37
N ILE B 565 38.75 33.88 1.59
CA ILE B 565 37.89 33.67 0.44
C ILE B 565 36.45 33.80 0.84
N LYS B 566 36.09 33.08 1.89
CA LYS B 566 34.72 33.09 2.38
C LYS B 566 34.20 34.49 2.70
N LYS B 567 34.84 35.19 3.64
CA LYS B 567 34.37 36.50 4.03
C LYS B 567 34.81 37.69 3.20
N HIS B 568 35.46 37.47 2.06
CA HIS B 568 35.92 38.61 1.27
C HIS B 568 36.17 38.40 -0.23
N LEU B 569 36.06 37.19 -0.74
CA LEU B 569 36.34 36.99 -2.16
C LEU B 569 35.48 35.93 -2.84
N LEU B 570 34.37 35.55 -2.21
CA LEU B 570 33.53 34.50 -2.79
C LEU B 570 33.21 34.63 -4.27
N PRO B 571 32.51 35.72 -4.69
CA PRO B 571 32.20 35.88 -6.11
C PRO B 571 33.46 35.82 -6.99
N LEU B 572 34.47 36.60 -6.64
CA LEU B 572 35.71 36.59 -7.40
C LEU B 572 36.26 35.17 -7.50
N TRP B 573 36.25 34.45 -6.37
CA TRP B 573 36.78 33.08 -6.36
C TRP B 573 35.90 32.13 -7.17
N ASN B 574 34.59 32.22 -6.94
CA ASN B 574 33.65 31.33 -7.61
C ASN B 574 33.69 31.46 -9.10
N ASP B 575 33.76 32.70 -9.56
CA ASP B 575 33.78 32.96 -10.99
C ASP B 575 35.13 32.66 -11.62
N GLY B 576 36.00 32.02 -10.84
CA GLY B 576 37.32 31.67 -11.33
C GLY B 576 38.21 32.84 -11.71
N CYS B 577 37.89 34.03 -11.21
CA CYS B 577 38.70 35.18 -11.55
C CYS B 577 39.93 35.29 -10.63
N ILE B 578 40.27 34.18 -9.97
CA ILE B 578 41.45 34.09 -9.06
C ILE B 578 42.30 32.84 -9.31
N MET B 579 43.57 33.04 -9.60
CA MET B 579 44.48 31.91 -9.83
C MET B 579 44.78 31.28 -8.45
N GLY B 580 44.91 32.13 -7.44
CA GLY B 580 45.16 31.66 -6.07
C GLY B 580 46.47 31.01 -5.70
N PHE B 581 46.74 29.86 -6.30
CA PHE B 581 47.97 29.10 -6.01
C PHE B 581 48.89 28.96 -7.22
N ILE B 582 50.05 29.63 -7.17
CA ILE B 582 51.04 29.62 -8.25
C ILE B 582 52.45 29.74 -7.73
N SER B 583 53.32 28.88 -8.23
CA SER B 583 54.74 28.87 -7.85
C SER B 583 55.34 30.23 -8.22
N LYS B 584 56.23 30.77 -7.38
CA LYS B 584 56.86 32.05 -7.69
C LYS B 584 57.46 31.90 -9.09
N GLU B 585 58.03 30.71 -9.33
CA GLU B 585 58.65 30.39 -10.61
C GLU B 585 57.63 30.33 -11.75
N ARG B 586 56.74 29.35 -11.70
CA ARG B 586 55.71 29.19 -12.73
C ARG B 586 55.00 30.51 -13.02
N GLU B 587 54.83 31.34 -11.98
CA GLU B 587 54.18 32.65 -12.10
C GLU B 587 55.00 33.62 -12.95
N ARG B 588 56.26 33.81 -12.58
CA ARG B 588 57.15 34.71 -13.33
C ARG B 588 57.22 34.19 -14.76
N ALA B 589 56.90 32.91 -14.92
CA ALA B 589 56.92 32.26 -16.22
C ALA B 589 55.76 32.74 -17.09
N LEU B 590 54.54 32.49 -16.64
CA LEU B 590 53.33 32.89 -17.38
C LEU B 590 53.27 34.38 -17.67
N LEU B 591 53.60 35.17 -16.66
CA LEU B 591 53.56 36.61 -16.80
C LEU B 591 54.54 37.10 -17.83
N LYS B 592 55.39 36.21 -18.33
CA LYS B 592 56.32 36.60 -19.37
C LYS B 592 55.47 36.79 -20.64
N ASP B 593 54.16 36.67 -20.45
CA ASP B 593 53.15 36.87 -21.48
C ASP B 593 53.05 38.38 -21.45
N GLN B 594 54.12 39.00 -21.92
CA GLN B 594 54.21 40.45 -21.92
C GLN B 594 53.23 41.23 -22.80
N GLN B 595 52.69 42.28 -22.20
CA GLN B 595 51.77 43.22 -22.79
C GLN B 595 51.38 43.88 -21.49
N PRO B 596 52.41 44.36 -20.76
CA PRO B 596 52.47 45.02 -19.45
C PRO B 596 51.18 44.99 -18.65
N GLY B 597 50.08 45.28 -19.32
CA GLY B 597 48.79 45.28 -18.64
C GLY B 597 48.53 44.05 -17.80
N THR B 598 48.69 42.88 -18.42
CA THR B 598 48.46 41.57 -17.78
C THR B 598 48.98 41.37 -16.36
N PHE B 599 48.12 40.82 -15.53
CA PHE B 599 48.44 40.56 -14.14
C PHE B 599 47.58 39.40 -13.66
N LEU B 600 47.85 38.95 -12.45
CA LEU B 600 47.08 37.85 -11.87
C LEU B 600 47.00 37.91 -10.35
N LEU B 601 46.00 37.21 -9.81
CA LEU B 601 45.75 37.18 -8.39
C LEU B 601 46.08 35.81 -7.82
N ARG B 602 46.88 35.80 -6.76
CA ARG B 602 47.32 34.58 -6.04
C ARG B 602 47.39 34.89 -4.54
N PHE B 603 47.46 33.85 -3.71
CA PHE B 603 47.53 34.08 -2.27
C PHE B 603 48.95 34.11 -1.76
N SER B 604 49.17 34.96 -0.76
CA SER B 604 50.46 35.10 -0.13
C SER B 604 50.78 33.78 0.56
N GLU B 605 52.05 33.40 0.57
CA GLU B 605 52.47 32.18 1.25
C GLU B 605 53.13 32.64 2.51
N SER B 606 53.63 33.87 2.47
CA SER B 606 54.32 34.48 3.59
C SER B 606 53.34 34.67 4.73
N SER B 607 52.19 35.22 4.40
CA SER B 607 51.17 35.52 5.39
C SER B 607 50.64 34.32 6.14
N ARG B 608 50.65 34.44 7.46
CA ARG B 608 50.18 33.42 8.36
C ARG B 608 48.68 33.60 8.48
N GLU B 609 48.25 34.85 8.32
CA GLU B 609 46.85 35.23 8.41
C GLU B 609 46.04 34.88 7.18
N GLY B 610 46.59 35.14 6.01
CA GLY B 610 45.86 34.85 4.79
C GLY B 610 45.54 36.13 4.06
N ALA B 611 46.08 36.26 2.85
CA ALA B 611 45.88 37.44 2.04
C ALA B 611 46.01 37.14 0.54
N ILE B 612 45.49 38.06 -0.28
CA ILE B 612 45.57 37.94 -1.73
C ILE B 612 46.52 39.04 -2.17
N THR B 613 47.04 38.86 -3.39
CA THR B 613 47.91 39.83 -4.00
C THR B 613 47.81 39.70 -5.51
N PHE B 614 48.16 40.78 -6.19
CA PHE B 614 48.16 40.78 -7.63
C PHE B 614 49.57 41.11 -8.04
N THR B 615 50.03 40.43 -9.10
CA THR B 615 51.36 40.63 -9.63
C THR B 615 51.16 40.94 -11.09
N TRP B 616 52.12 41.64 -11.68
CA TRP B 616 52.02 42.01 -13.09
C TRP B 616 53.39 42.29 -13.69
N VAL B 617 53.42 42.42 -15.01
CA VAL B 617 54.65 42.72 -15.74
C VAL B 617 54.52 44.10 -16.39
N GLU B 618 55.64 44.65 -16.85
CA GLU B 618 55.66 45.97 -17.49
C GLU B 618 56.84 46.11 -18.43
N ARG B 619 56.86 47.20 -19.19
CA ARG B 619 57.94 47.50 -20.14
C ARG B 619 58.69 48.75 -19.70
N SER B 620 60.00 48.75 -19.85
CA SER B 620 60.80 49.91 -19.47
C SER B 620 62.08 50.03 -20.30
N ASN B 622 64.60 49.20 -21.33
CA ASN B 622 65.82 48.65 -20.79
C ASN B 622 66.01 47.19 -21.23
N GLY B 623 65.30 46.81 -22.29
CA GLY B 623 65.41 45.45 -22.80
C GLY B 623 65.07 44.37 -21.79
N GLY B 624 64.64 43.23 -22.27
CA GLY B 624 64.28 42.14 -21.38
C GLY B 624 62.95 42.42 -20.70
N GLU B 625 61.91 41.74 -21.18
CA GLU B 625 60.55 41.87 -20.65
C GLU B 625 60.49 42.01 -19.13
N PRO B 626 61.16 41.10 -18.41
CA PRO B 626 61.19 41.11 -16.95
C PRO B 626 60.99 42.48 -16.33
N ASP B 627 59.95 42.56 -15.50
CA ASP B 627 59.59 43.76 -14.76
C ASP B 627 58.42 43.41 -13.87
N PHE B 628 58.42 42.17 -13.40
CA PHE B 628 57.37 41.68 -12.53
C PHE B 628 57.30 42.50 -11.25
N HIS B 629 56.09 42.93 -10.92
CA HIS B 629 55.85 43.72 -9.73
C HIS B 629 54.72 43.05 -8.98
N ALA B 630 54.76 43.15 -7.66
CA ALA B 630 53.75 42.55 -6.83
C ALA B 630 53.54 43.39 -5.59
N VAL B 631 52.27 43.58 -5.22
CA VAL B 631 51.89 44.37 -4.05
C VAL B 631 52.00 43.64 -2.74
N GLU B 632 52.23 44.42 -1.70
CA GLU B 632 52.32 43.88 -0.36
C GLU B 632 50.90 43.31 -0.15
N PRO B 633 50.78 41.98 0.04
CA PRO B 633 49.51 41.28 0.24
C PRO B 633 48.48 42.02 1.06
N TYR B 634 47.22 41.93 0.61
CA TYR B 634 46.09 42.57 1.26
C TYR B 634 45.43 41.55 2.16
N THR B 635 45.20 41.93 3.42
CA THR B 635 44.57 41.04 4.39
C THR B 635 43.14 41.53 4.67
N LYS B 636 42.40 40.82 5.49
CA LYS B 636 41.05 41.25 5.78
C LYS B 636 41.04 42.60 6.47
N LYS B 637 42.16 42.92 7.14
CA LYS B 637 42.29 44.21 7.82
C LYS B 637 41.93 45.27 6.79
N GLU B 638 42.41 45.10 5.56
CA GLU B 638 42.14 46.03 4.47
C GLU B 638 40.81 45.72 3.85
N LEU B 639 40.71 44.52 3.29
CA LEU B 639 39.50 44.09 2.62
C LEU B 639 38.21 44.37 3.39
N SER B 640 38.33 44.63 4.69
CA SER B 640 37.14 44.91 5.47
C SER B 640 36.78 46.37 5.27
N ALA B 641 37.76 47.17 4.87
CA ALA B 641 37.58 48.58 4.65
C ALA B 641 37.23 48.87 3.17
N VAL B 642 38.00 48.28 2.26
CA VAL B 642 37.74 48.47 0.84
C VAL B 642 37.71 47.15 0.09
N THR B 643 36.68 46.95 -0.70
CA THR B 643 36.54 45.73 -1.48
C THR B 643 37.79 45.48 -2.31
N PHE B 644 38.13 44.22 -2.52
CA PHE B 644 39.32 43.89 -3.31
C PHE B 644 39.08 44.39 -4.72
N PRO B 645 37.94 44.04 -5.32
CA PRO B 645 37.65 44.51 -6.67
C PRO B 645 37.82 46.04 -6.76
N ASP B 646 37.33 46.76 -5.76
CA ASP B 646 37.47 48.21 -5.75
C ASP B 646 38.93 48.58 -5.74
N ILE B 647 39.72 47.86 -4.94
CA ILE B 647 41.15 48.10 -4.84
C ILE B 647 41.79 47.83 -6.20
N ILE B 648 41.41 46.70 -6.80
CA ILE B 648 41.93 46.35 -8.10
C ILE B 648 41.61 47.46 -9.09
N ARG B 649 40.47 48.10 -8.87
CA ARG B 649 40.00 49.19 -9.73
C ARG B 649 40.79 50.47 -9.59
N ASN B 650 40.83 51.00 -8.37
CA ASN B 650 41.52 52.26 -8.14
C ASN B 650 42.99 52.21 -7.81
N TYR B 651 43.58 51.02 -7.75
CA TYR B 651 45.01 50.93 -7.43
C TYR B 651 45.72 51.94 -8.29
N LYS B 652 46.84 52.45 -7.81
CA LYS B 652 47.61 53.42 -8.58
C LYS B 652 49.02 53.43 -8.05
N VAL B 653 49.97 53.47 -8.96
CA VAL B 653 51.38 53.52 -8.58
C VAL B 653 52.10 54.54 -9.43
N MET B 654 53.33 54.84 -9.00
CA MET B 654 54.17 55.79 -9.71
C MET B 654 54.75 55.08 -10.94
N ALA B 655 54.45 55.60 -12.12
CA ALA B 655 54.96 55.01 -13.36
C ALA B 655 56.38 55.56 -13.57
N ALA B 656 57.16 54.89 -14.41
CA ALA B 656 58.54 55.34 -14.68
C ALA B 656 58.58 56.82 -15.08
N GLU B 657 57.44 57.34 -15.51
CA GLU B 657 57.31 58.73 -15.94
C GLU B 657 56.91 59.63 -14.77
N ASN B 658 57.00 59.06 -13.57
CA ASN B 658 56.66 59.76 -12.34
C ASN B 658 55.28 60.41 -12.44
N ILE B 659 54.33 59.62 -12.92
CA ILE B 659 52.94 60.05 -13.09
C ILE B 659 52.03 58.88 -12.70
N PRO B 660 51.16 59.07 -11.70
CA PRO B 660 50.24 58.05 -11.22
C PRO B 660 49.28 57.46 -12.26
N GLU B 661 49.12 56.14 -12.18
CA GLU B 661 48.24 55.36 -13.04
C GLU B 661 48.35 53.92 -12.52
N ASN B 662 47.33 53.09 -12.70
CA ASN B 662 47.45 51.71 -12.22
C ASN B 662 47.73 50.75 -13.35
N PRO B 663 48.80 49.97 -13.20
CA PRO B 663 49.29 48.97 -14.16
C PRO B 663 48.33 47.83 -14.41
N LEU B 664 47.30 47.72 -13.58
CA LEU B 664 46.36 46.64 -13.76
C LEU B 664 45.49 46.89 -14.98
N LYS B 665 45.84 46.19 -16.07
CA LYS B 665 45.13 46.32 -17.34
C LYS B 665 44.39 45.06 -17.75
N TYR B 666 45.08 43.93 -17.80
CA TYR B 666 44.43 42.69 -18.18
C TYR B 666 44.58 41.59 -17.12
N LEU B 667 43.53 40.80 -16.92
CA LEU B 667 43.60 39.72 -15.96
C LEU B 667 44.50 38.71 -16.65
N TYR B 668 44.52 37.45 -16.26
CA TYR B 668 45.48 36.59 -16.93
C TYR B 668 45.33 36.32 -18.43
N PRO B 669 44.35 35.51 -18.83
CA PRO B 669 44.23 35.26 -20.28
C PRO B 669 43.85 36.47 -21.14
N ASN B 670 44.32 37.65 -20.74
CA ASN B 670 44.03 38.87 -21.47
C ASN B 670 42.59 39.34 -21.39
N ILE B 671 42.09 39.48 -20.17
CA ILE B 671 40.72 39.97 -19.96
C ILE B 671 40.87 41.38 -19.44
N ASP B 672 39.96 42.27 -19.80
CA ASP B 672 40.07 43.64 -19.32
C ASP B 672 39.72 43.76 -17.87
N LYS B 673 40.53 44.55 -17.17
CA LYS B 673 40.33 44.77 -15.75
C LYS B 673 38.85 44.94 -15.45
N ASP B 674 38.22 45.92 -16.10
CA ASP B 674 36.80 46.18 -15.89
C ASP B 674 35.96 45.07 -16.48
N HIS B 675 36.40 44.55 -17.62
CA HIS B 675 35.67 43.47 -18.28
C HIS B 675 35.42 42.38 -17.26
N ALA B 676 36.49 42.05 -16.52
CA ALA B 676 36.45 41.02 -15.50
C ALA B 676 35.86 41.47 -14.17
N PHE B 677 36.62 42.27 -13.43
CA PHE B 677 36.19 42.73 -12.12
C PHE B 677 35.06 43.75 -12.06
N GLY B 678 34.65 44.27 -13.20
CA GLY B 678 33.59 45.26 -13.22
C GLY B 678 32.26 44.82 -12.59
N LYS B 679 31.95 43.54 -12.67
CA LYS B 679 30.70 43.04 -12.11
C LYS B 679 30.61 43.28 -10.60
N TYR B 680 31.77 43.51 -9.96
CA TYR B 680 31.81 43.70 -8.52
C TYR B 680 32.19 45.10 -8.05
N TYR B 681 32.55 45.99 -8.96
CA TYR B 681 32.93 47.34 -8.54
C TYR B 681 31.85 47.90 -7.64
N SER B 682 32.28 48.40 -6.48
CA SER B 682 31.38 48.91 -5.46
C SER B 682 30.35 49.92 -5.91
N ARG B 683 30.81 50.96 -6.59
CA ARG B 683 29.97 52.03 -7.11
C ARG B 683 28.53 52.10 -6.58
N PTR C 1 -61.88 -32.28 -9.39
CA PTR C 1 -61.41 -33.34 -10.29
C PTR C 1 -62.47 -34.08 -11.07
O PTR C 1 -63.18 -34.96 -10.62
CB PTR C 1 -60.05 -33.87 -9.86
CG PTR C 1 -59.25 -32.83 -9.15
CD1 PTR C 1 -59.02 -32.92 -7.78
CD2 PTR C 1 -58.73 -31.73 -9.89
CE1 PTR C 1 -58.27 -31.90 -7.15
CE2 PTR C 1 -57.99 -30.71 -9.28
CZ PTR C 1 -57.78 -30.82 -7.91
OH PTR C 1 -57.03 -29.77 -7.32
P PTR C 1 -56.97 -29.47 -5.73
O1P PTR C 1 -56.01 -30.42 -5.18
O2P PTR C 1 -58.29 -29.68 -5.10
O3P PTR C 1 -56.48 -28.08 -5.45
N ASP C 2 -62.82 -33.70 -12.31
CA ASP C 2 -63.89 -34.43 -12.94
C ASP C 2 -63.37 -35.37 -14.01
N LYS C 3 -62.19 -35.08 -14.55
CA LYS C 3 -61.63 -35.91 -15.61
C LYS C 3 -60.37 -36.67 -15.22
N PRO C 4 -60.22 -37.91 -15.74
CA PRO C 4 -59.12 -38.84 -15.52
C PRO C 4 -57.80 -38.55 -16.27
N HIS C 5 -56.74 -39.27 -15.90
CA HIS C 5 -55.46 -39.05 -16.54
C HIS C 5 -55.59 -39.42 -18.00
N PTR D 1 57.40 41.38 -3.00
CA PTR D 1 56.66 42.60 -2.70
C PTR D 1 57.36 43.80 -3.04
O PTR D 1 58.20 44.03 -2.20
CB PTR D 1 55.62 42.38 -1.59
CG PTR D 1 55.10 40.98 -1.60
CD1 PTR D 1 55.47 40.07 -0.58
CD2 PTR D 1 54.25 40.55 -2.65
CE1 PTR D 1 54.98 38.75 -0.64
CE2 PTR D 1 53.75 39.23 -2.72
CZ PTR D 1 54.13 38.36 -1.72
OH PTR D 1 53.61 37.05 -1.83
P PTR D 1 54.18 35.77 -0.99
O1P PTR D 1 53.58 35.89 0.36
O2P PTR D 1 55.66 35.81 -0.88
O3P PTR D 1 53.75 34.47 -1.61
N ASP D 2 57.20 44.49 -4.15
CA ASP D 2 57.93 45.68 -4.50
C ASP D 2 57.10 46.94 -4.34
N LYS D 3 55.78 46.81 -4.51
CA LYS D 3 54.90 47.97 -4.41
C LYS D 3 53.95 47.98 -3.22
N PRO D 4 53.70 49.18 -2.64
CA PRO D 4 52.83 49.44 -1.48
C PRO D 4 51.33 49.41 -1.73
N HIS D 5 50.55 49.44 -0.65
CA HIS D 5 49.10 49.40 -0.78
C HIS D 5 48.64 50.65 -1.50
AU AU E . -26.50 -17.84 5.34
AU AU F . 28.76 14.76 9.01
#